data_7Q6V
# 
_entry.id   7Q6V 
# 
_audit_conform.dict_name       mmcif_pdbx.dic 
_audit_conform.dict_version    5.391 
_audit_conform.dict_location   http://mmcif.pdb.org/dictionaries/ascii/mmcif_pdbx.dic 
# 
loop_
_database_2.database_id 
_database_2.database_code 
_database_2.pdbx_database_accession 
_database_2.pdbx_DOI 
PDB   7Q6V         pdb_00007q6v 10.2210/pdb7q6v/pdb 
WWPDB D_1292119123 ?            ?                   
# 
loop_
_pdbx_audit_revision_history.ordinal 
_pdbx_audit_revision_history.data_content_type 
_pdbx_audit_revision_history.major_revision 
_pdbx_audit_revision_history.minor_revision 
_pdbx_audit_revision_history.revision_date 
1 'Structure model' 1 0 2022-01-19 
2 'Structure model' 1 1 2022-02-16 
3 'Structure model' 1 2 2022-03-09 
4 'Structure model' 1 3 2024-05-01 
# 
_pdbx_audit_revision_details.ordinal             1 
_pdbx_audit_revision_details.revision_ordinal    1 
_pdbx_audit_revision_details.data_content_type   'Structure model' 
_pdbx_audit_revision_details.provider            repository 
_pdbx_audit_revision_details.type                'Initial release' 
_pdbx_audit_revision_details.description         ? 
_pdbx_audit_revision_details.details             ? 
# 
loop_
_pdbx_audit_revision_group.ordinal 
_pdbx_audit_revision_group.revision_ordinal 
_pdbx_audit_revision_group.data_content_type 
_pdbx_audit_revision_group.group 
1 2 'Structure model' 'Database references'    
2 3 'Structure model' 'Database references'    
3 4 'Structure model' 'Data collection'        
4 4 'Structure model' 'Refinement description' 
# 
loop_
_pdbx_audit_revision_category.ordinal 
_pdbx_audit_revision_category.revision_ordinal 
_pdbx_audit_revision_category.data_content_type 
_pdbx_audit_revision_category.category 
1 2 'Structure model' citation                      
2 2 'Structure model' citation_author               
3 3 'Structure model' citation                      
4 4 'Structure model' chem_comp_atom                
5 4 'Structure model' chem_comp_bond                
6 4 'Structure model' pdbx_initial_refinement_model 
# 
loop_
_pdbx_audit_revision_item.ordinal 
_pdbx_audit_revision_item.revision_ordinal 
_pdbx_audit_revision_item.data_content_type 
_pdbx_audit_revision_item.item 
1  2 'Structure model' '_citation.country'                 
2  2 'Structure model' '_citation.journal_abbrev'          
3  2 'Structure model' '_citation.journal_id_ASTM'         
4  2 'Structure model' '_citation.journal_id_CSD'          
5  2 'Structure model' '_citation.journal_id_ISSN'         
6  2 'Structure model' '_citation.pdbx_database_id_DOI'    
7  2 'Structure model' '_citation.pdbx_database_id_PubMed' 
8  2 'Structure model' '_citation.title'                   
9  2 'Structure model' '_citation.year'                    
10 3 'Structure model' '_citation.journal_volume'          
11 3 'Structure model' '_citation.page_first'              
12 3 'Structure model' '_citation.page_last'               
# 
_pdbx_database_status.status_code                     REL 
_pdbx_database_status.status_code_sf                  REL 
_pdbx_database_status.status_code_mr                  ? 
_pdbx_database_status.entry_id                        7Q6V 
_pdbx_database_status.recvd_initial_deposition_date   2021-11-09 
_pdbx_database_status.SG_entry                        N 
_pdbx_database_status.deposit_site                    PDBE 
_pdbx_database_status.process_site                    PDBE 
_pdbx_database_status.status_code_cs                  ? 
_pdbx_database_status.status_code_nmr_data            ? 
_pdbx_database_status.methods_development_category    ? 
_pdbx_database_status.pdb_format_compatible           Y 
# 
_pdbx_contact_author.id                 2 
_pdbx_contact_author.email              marianne.schimpl@astrazeneca.com 
_pdbx_contact_author.name_first         Marianne 
_pdbx_contact_author.name_last          Schimpl 
_pdbx_contact_author.name_mi            ? 
_pdbx_contact_author.role               'principal investigator/group leader' 
_pdbx_contact_author.identifier_ORCID   0000-0003-2284-5250 
# 
loop_
_audit_author.name 
_audit_author.pdbx_ordinal 
_audit_author.identifier_ORCID 
'Patel, S.J.'       1 ? 
'Winter-Holt, J.J.' 2 ? 
# 
_citation.abstract                  ? 
_citation.abstract_id_CAS           ? 
_citation.book_id_ISBN              ? 
_citation.book_publisher            ? 
_citation.book_publisher_city       ? 
_citation.book_title                ? 
_citation.coordinate_linkage        ? 
_citation.country                   US 
_citation.database_id_Medline       ? 
_citation.details                   ? 
_citation.id                        primary 
_citation.journal_abbrev            J.Med.Chem. 
_citation.journal_id_ASTM           JMCMAR 
_citation.journal_id_CSD            0151 
_citation.journal_id_ISSN           0022-2623 
_citation.journal_full              ? 
_citation.journal_issue             ? 
_citation.journal_volume            65 
_citation.language                  ? 
_citation.page_first                3306 
_citation.page_last                 3331 
_citation.title                     
'Discovery of a Potent and Selective ATAD2 Bromodomain Inhibitor with Antiproliferative Activity in Breast Cancer Models.' 
_citation.year                      2022 
_citation.database_id_CSD           ? 
_citation.pdbx_database_id_DOI      10.1021/acs.jmedchem.1c01871 
_citation.pdbx_database_id_PubMed   35133824 
_citation.pdbx_database_id_patent   ? 
_citation.unpublished_flag          ? 
# 
loop_
_citation_author.citation_id 
_citation_author.name 
_citation_author.ordinal 
_citation_author.identifier_ORCID 
primary 'Winter-Holt, J.J.' 1  ? 
primary 'Bardelle, C.'      2  ? 
primary 'Chiarparin, E.'    3  ? 
primary 'Dale, I.L.'        4  ? 
primary 'Davey, P.R.J.'     5  ? 
primary 'Davies, N.L.'      6  ? 
primary 'Denz, C.'          7  ? 
primary 'Fillery, S.M.'     8  ? 
primary 'Guerot, C.M.'      9  ? 
primary 'Han, F.'           10 ? 
primary 'Hughes, S.J.'      11 ? 
primary 'Kulkarni, M.'      12 ? 
primary 'Liu, Z.'           13 ? 
primary 'Milbradt, A.'      14 ? 
primary 'Moss, T.A.'        15 ? 
primary 'Niu, H.'           16 ? 
primary 'Patel, J.'         17 ? 
primary 'Rabow, A.A.'       18 ? 
primary 'Schimpl, M.'       19 ? 
primary 'Shi, J.'           20 ? 
primary 'Sun, D.'           21 ? 
primary 'Yang, D.'          22 ? 
primary 'Guichard, S.'      23 ? 
# 
loop_
_entity.id 
_entity.type 
_entity.src_method 
_entity.pdbx_description 
_entity.formula_weight 
_entity.pdbx_number_of_molecules 
_entity.pdbx_ec 
_entity.pdbx_mutation 
_entity.pdbx_fragment 
_entity.details 
1 polymer     man 'ATPase family AAA domain-containing protein 2' 15453.514 1   3.6.1.3 ? bromodomain ? 
2 non-polymer syn 'SULFATE ION' 96.063    3   ?       ? ?           ? 
3 non-polymer syn 
;(1R,9S)-13-[(8-azanyl-3-methyl-[1,2,4]triazolo[4,3-a]pyridin-6-yl)carbonyl]-11,13-diazatricyclo[7.3.1.0^{2,7}]trideca-2,4,6-trien-10-one
;
362.385   1   ?       ? ?           ? 
4 water       nat water 18.015    182 ?       ? ?           ? 
# 
_entity_name_com.entity_id   1 
_entity_name_com.name        'AAA nuclear coregulator cancer-associated protein,ANCCA' 
# 
_entity_poly.entity_id                      1 
_entity_poly.type                           'polypeptide(L)' 
_entity_poly.nstd_linkage                   no 
_entity_poly.nstd_monomer                   no 
_entity_poly.pdbx_seq_one_letter_code       
;SMQEEDTFRELRIFLRNVTHRLAIDKRFRVFTKPVDPDEVPDYVTVIKQPMDLSSVISKIDLHKYLTVKDYLRDIDLICS
NALEYNPDRDPGDRLIRHRACALRDTAYAIIKEELDEDFEQLCEEIQESR
;
_entity_poly.pdbx_seq_one_letter_code_can   
;SMQEEDTFRELRIFLRNVTHRLAIDKRFRVFTKPVDPDEVPDYVTVIKQPMDLSSVISKIDLHKYLTVKDYLRDIDLICS
NALEYNPDRDPGDRLIRHRACALRDTAYAIIKEELDEDFEQLCEEIQESR
;
_entity_poly.pdbx_strand_id                 A 
_entity_poly.pdbx_target_identifier         ? 
# 
loop_
_pdbx_entity_nonpoly.entity_id 
_pdbx_entity_nonpoly.name 
_pdbx_entity_nonpoly.comp_id 
2 'SULFATE ION' SO4 
3 
;(1R,9S)-13-[(8-azanyl-3-methyl-[1,2,4]triazolo[4,3-a]pyridin-6-yl)carbonyl]-11,13-diazatricyclo[7.3.1.0^{2,7}]trideca-2,4,6-trien-10-one
;
95O 
4 water HOH 
# 
loop_
_entity_poly_seq.entity_id 
_entity_poly_seq.num 
_entity_poly_seq.mon_id 
_entity_poly_seq.hetero 
1 1   SER n 
1 2   MET n 
1 3   GLN n 
1 4   GLU n 
1 5   GLU n 
1 6   ASP n 
1 7   THR n 
1 8   PHE n 
1 9   ARG n 
1 10  GLU n 
1 11  LEU n 
1 12  ARG n 
1 13  ILE n 
1 14  PHE n 
1 15  LEU n 
1 16  ARG n 
1 17  ASN n 
1 18  VAL n 
1 19  THR n 
1 20  HIS n 
1 21  ARG n 
1 22  LEU n 
1 23  ALA n 
1 24  ILE n 
1 25  ASP n 
1 26  LYS n 
1 27  ARG n 
1 28  PHE n 
1 29  ARG n 
1 30  VAL n 
1 31  PHE n 
1 32  THR n 
1 33  LYS n 
1 34  PRO n 
1 35  VAL n 
1 36  ASP n 
1 37  PRO n 
1 38  ASP n 
1 39  GLU n 
1 40  VAL n 
1 41  PRO n 
1 42  ASP n 
1 43  TYR n 
1 44  VAL n 
1 45  THR n 
1 46  VAL n 
1 47  ILE n 
1 48  LYS n 
1 49  GLN n 
1 50  PRO n 
1 51  MET n 
1 52  ASP n 
1 53  LEU n 
1 54  SER n 
1 55  SER n 
1 56  VAL n 
1 57  ILE n 
1 58  SER n 
1 59  LYS n 
1 60  ILE n 
1 61  ASP n 
1 62  LEU n 
1 63  HIS n 
1 64  LYS n 
1 65  TYR n 
1 66  LEU n 
1 67  THR n 
1 68  VAL n 
1 69  LYS n 
1 70  ASP n 
1 71  TYR n 
1 72  LEU n 
1 73  ARG n 
1 74  ASP n 
1 75  ILE n 
1 76  ASP n 
1 77  LEU n 
1 78  ILE n 
1 79  CYS n 
1 80  SER n 
1 81  ASN n 
1 82  ALA n 
1 83  LEU n 
1 84  GLU n 
1 85  TYR n 
1 86  ASN n 
1 87  PRO n 
1 88  ASP n 
1 89  ARG n 
1 90  ASP n 
1 91  PRO n 
1 92  GLY n 
1 93  ASP n 
1 94  ARG n 
1 95  LEU n 
1 96  ILE n 
1 97  ARG n 
1 98  HIS n 
1 99  ARG n 
1 100 ALA n 
1 101 CYS n 
1 102 ALA n 
1 103 LEU n 
1 104 ARG n 
1 105 ASP n 
1 106 THR n 
1 107 ALA n 
1 108 TYR n 
1 109 ALA n 
1 110 ILE n 
1 111 ILE n 
1 112 LYS n 
1 113 GLU n 
1 114 GLU n 
1 115 LEU n 
1 116 ASP n 
1 117 GLU n 
1 118 ASP n 
1 119 PHE n 
1 120 GLU n 
1 121 GLN n 
1 122 LEU n 
1 123 CYS n 
1 124 GLU n 
1 125 GLU n 
1 126 ILE n 
1 127 GLN n 
1 128 GLU n 
1 129 SER n 
1 130 ARG n 
# 
_entity_src_gen.entity_id                          1 
_entity_src_gen.pdbx_src_id                        1 
_entity_src_gen.pdbx_alt_source_flag               sample 
_entity_src_gen.pdbx_seq_type                      'Biological sequence' 
_entity_src_gen.pdbx_beg_seq_num                   1 
_entity_src_gen.pdbx_end_seq_num                   130 
_entity_src_gen.gene_src_common_name               Human 
_entity_src_gen.gene_src_genus                     ? 
_entity_src_gen.pdbx_gene_src_gene                 'ATAD2, L16, PRO2000' 
_entity_src_gen.gene_src_species                   ? 
_entity_src_gen.gene_src_strain                    ? 
_entity_src_gen.gene_src_tissue                    ? 
_entity_src_gen.gene_src_tissue_fraction           ? 
_entity_src_gen.gene_src_details                   ? 
_entity_src_gen.pdbx_gene_src_fragment             ? 
_entity_src_gen.pdbx_gene_src_scientific_name      'Homo sapiens' 
_entity_src_gen.pdbx_gene_src_ncbi_taxonomy_id     9606 
_entity_src_gen.pdbx_gene_src_variant              ? 
_entity_src_gen.pdbx_gene_src_cell_line            ? 
_entity_src_gen.pdbx_gene_src_atcc                 ? 
_entity_src_gen.pdbx_gene_src_organ                ? 
_entity_src_gen.pdbx_gene_src_organelle            ? 
_entity_src_gen.pdbx_gene_src_cell                 ? 
_entity_src_gen.pdbx_gene_src_cellular_location    ? 
_entity_src_gen.host_org_common_name               ? 
_entity_src_gen.pdbx_host_org_scientific_name      'Escherichia coli BL21(DE3)' 
_entity_src_gen.pdbx_host_org_ncbi_taxonomy_id     469008 
_entity_src_gen.host_org_genus                     ? 
_entity_src_gen.pdbx_host_org_gene                 ? 
_entity_src_gen.pdbx_host_org_organ                ? 
_entity_src_gen.host_org_species                   ? 
_entity_src_gen.pdbx_host_org_tissue               ? 
_entity_src_gen.pdbx_host_org_tissue_fraction      ? 
_entity_src_gen.pdbx_host_org_strain               Gold 
_entity_src_gen.pdbx_host_org_variant              ? 
_entity_src_gen.pdbx_host_org_cell_line            ? 
_entity_src_gen.pdbx_host_org_atcc                 ? 
_entity_src_gen.pdbx_host_org_culture_collection   ? 
_entity_src_gen.pdbx_host_org_cell                 ? 
_entity_src_gen.pdbx_host_org_organelle            ? 
_entity_src_gen.pdbx_host_org_cellular_location    ? 
_entity_src_gen.pdbx_host_org_vector_type          plasmid 
_entity_src_gen.pdbx_host_org_vector               ? 
_entity_src_gen.host_org_details                   ? 
_entity_src_gen.expression_system_id               ? 
_entity_src_gen.plasmid_name                       ? 
_entity_src_gen.plasmid_details                    ? 
_entity_src_gen.pdbx_description                   ? 
# 
loop_
_chem_comp.id 
_chem_comp.type 
_chem_comp.mon_nstd_flag 
_chem_comp.name 
_chem_comp.pdbx_synonyms 
_chem_comp.formula 
_chem_comp.formula_weight 
95O non-polymer         . 
;(1R,9S)-13-[(8-azanyl-3-methyl-[1,2,4]triazolo[4,3-a]pyridin-6-yl)carbonyl]-11,13-diazatricyclo[7.3.1.0^{2,7}]trideca-2,4,6-trien-10-one
;
? 'C19 H18 N6 O2'  362.385 
ALA 'L-peptide linking' y ALANINE ? 'C3 H7 N O2'     89.093  
ARG 'L-peptide linking' y ARGININE ? 'C6 H15 N4 O2 1' 175.209 
ASN 'L-peptide linking' y ASPARAGINE ? 'C4 H8 N2 O3'    132.118 
ASP 'L-peptide linking' y 'ASPARTIC ACID' ? 'C4 H7 N O4'     133.103 
CYS 'L-peptide linking' y CYSTEINE ? 'C3 H7 N O2 S'   121.158 
GLN 'L-peptide linking' y GLUTAMINE ? 'C5 H10 N2 O3'   146.144 
GLU 'L-peptide linking' y 'GLUTAMIC ACID' ? 'C5 H9 N O4'     147.129 
GLY 'peptide linking'   y GLYCINE ? 'C2 H5 N O2'     75.067  
HIS 'L-peptide linking' y HISTIDINE ? 'C6 H10 N3 O2 1' 156.162 
HOH non-polymer         . WATER ? 'H2 O'           18.015  
ILE 'L-peptide linking' y ISOLEUCINE ? 'C6 H13 N O2'    131.173 
LEU 'L-peptide linking' y LEUCINE ? 'C6 H13 N O2'    131.173 
LYS 'L-peptide linking' y LYSINE ? 'C6 H15 N2 O2 1' 147.195 
MET 'L-peptide linking' y METHIONINE ? 'C5 H11 N O2 S'  149.211 
PHE 'L-peptide linking' y PHENYLALANINE ? 'C9 H11 N O2'    165.189 
PRO 'L-peptide linking' y PROLINE ? 'C5 H9 N O2'     115.130 
SER 'L-peptide linking' y SERINE ? 'C3 H7 N O3'     105.093 
SO4 non-polymer         . 'SULFATE ION' ? 'O4 S -2'        96.063  
THR 'L-peptide linking' y THREONINE ? 'C4 H9 N O3'     119.119 
TYR 'L-peptide linking' y TYROSINE ? 'C9 H11 N O3'    181.189 
VAL 'L-peptide linking' y VALINE ? 'C5 H11 N O2'    117.146 
# 
loop_
_pdbx_poly_seq_scheme.asym_id 
_pdbx_poly_seq_scheme.entity_id 
_pdbx_poly_seq_scheme.seq_id 
_pdbx_poly_seq_scheme.mon_id 
_pdbx_poly_seq_scheme.ndb_seq_num 
_pdbx_poly_seq_scheme.pdb_seq_num 
_pdbx_poly_seq_scheme.auth_seq_num 
_pdbx_poly_seq_scheme.pdb_mon_id 
_pdbx_poly_seq_scheme.auth_mon_id 
_pdbx_poly_seq_scheme.pdb_strand_id 
_pdbx_poly_seq_scheme.pdb_ins_code 
_pdbx_poly_seq_scheme.hetero 
A 1 1   SER 1   979  979  SER SER A . n 
A 1 2   MET 2   980  980  MET MET A . n 
A 1 3   GLN 3   981  981  GLN GLN A . n 
A 1 4   GLU 4   982  982  GLU GLU A . n 
A 1 5   GLU 5   983  983  GLU GLU A . n 
A 1 6   ASP 6   984  984  ASP ASP A . n 
A 1 7   THR 7   985  985  THR THR A . n 
A 1 8   PHE 8   986  986  PHE PHE A . n 
A 1 9   ARG 9   987  987  ARG ARG A . n 
A 1 10  GLU 10  988  988  GLU GLU A . n 
A 1 11  LEU 11  989  989  LEU LEU A . n 
A 1 12  ARG 12  990  990  ARG ARG A . n 
A 1 13  ILE 13  991  991  ILE ILE A . n 
A 1 14  PHE 14  992  992  PHE PHE A . n 
A 1 15  LEU 15  993  993  LEU LEU A . n 
A 1 16  ARG 16  994  994  ARG ARG A . n 
A 1 17  ASN 17  995  995  ASN ASN A . n 
A 1 18  VAL 18  996  996  VAL VAL A . n 
A 1 19  THR 19  997  997  THR THR A . n 
A 1 20  HIS 20  998  998  HIS HIS A . n 
A 1 21  ARG 21  999  999  ARG ARG A . n 
A 1 22  LEU 22  1000 1000 LEU LEU A . n 
A 1 23  ALA 23  1001 1001 ALA ALA A . n 
A 1 24  ILE 24  1002 1002 ILE ILE A . n 
A 1 25  ASP 25  1003 1003 ASP ASP A . n 
A 1 26  LYS 26  1004 1004 LYS LYS A . n 
A 1 27  ARG 27  1005 1005 ARG ARG A . n 
A 1 28  PHE 28  1006 1006 PHE PHE A . n 
A 1 29  ARG 29  1007 1007 ARG ARG A . n 
A 1 30  VAL 30  1008 1008 VAL VAL A . n 
A 1 31  PHE 31  1009 1009 PHE PHE A . n 
A 1 32  THR 32  1010 1010 THR THR A . n 
A 1 33  LYS 33  1011 1011 LYS LYS A . n 
A 1 34  PRO 34  1012 1012 PRO PRO A . n 
A 1 35  VAL 35  1013 1013 VAL VAL A . n 
A 1 36  ASP 36  1014 1014 ASP ASP A . n 
A 1 37  PRO 37  1015 1015 PRO PRO A . n 
A 1 38  ASP 38  1016 1016 ASP ASP A . n 
A 1 39  GLU 39  1017 1017 GLU GLU A . n 
A 1 40  VAL 40  1018 1018 VAL VAL A . n 
A 1 41  PRO 41  1019 1019 PRO PRO A . n 
A 1 42  ASP 42  1020 1020 ASP ASP A . n 
A 1 43  TYR 43  1021 1021 TYR TYR A . n 
A 1 44  VAL 44  1022 1022 VAL VAL A . n 
A 1 45  THR 45  1023 1023 THR THR A . n 
A 1 46  VAL 46  1024 1024 VAL VAL A . n 
A 1 47  ILE 47  1025 1025 ILE ILE A . n 
A 1 48  LYS 48  1026 1026 LYS LYS A . n 
A 1 49  GLN 49  1027 1027 GLN GLN A . n 
A 1 50  PRO 50  1028 1028 PRO PRO A . n 
A 1 51  MET 51  1029 1029 MET MET A . n 
A 1 52  ASP 52  1030 1030 ASP ASP A . n 
A 1 53  LEU 53  1031 1031 LEU LEU A . n 
A 1 54  SER 54  1032 1032 SER SER A . n 
A 1 55  SER 55  1033 1033 SER SER A . n 
A 1 56  VAL 56  1034 1034 VAL VAL A . n 
A 1 57  ILE 57  1035 1035 ILE ILE A . n 
A 1 58  SER 58  1036 1036 SER SER A . n 
A 1 59  LYS 59  1037 1037 LYS LYS A . n 
A 1 60  ILE 60  1038 1038 ILE ILE A . n 
A 1 61  ASP 61  1039 1039 ASP ASP A . n 
A 1 62  LEU 62  1040 1040 LEU LEU A . n 
A 1 63  HIS 63  1041 1041 HIS HIS A . n 
A 1 64  LYS 64  1042 1042 LYS LYS A . n 
A 1 65  TYR 65  1043 1043 TYR TYR A . n 
A 1 66  LEU 66  1044 1044 LEU LEU A . n 
A 1 67  THR 67  1045 1045 THR THR A . n 
A 1 68  VAL 68  1046 1046 VAL VAL A . n 
A 1 69  LYS 69  1047 1047 LYS LYS A . n 
A 1 70  ASP 70  1048 1048 ASP ASP A . n 
A 1 71  TYR 71  1049 1049 TYR TYR A . n 
A 1 72  LEU 72  1050 1050 LEU LEU A . n 
A 1 73  ARG 73  1051 1051 ARG ARG A . n 
A 1 74  ASP 74  1052 1052 ASP ASP A . n 
A 1 75  ILE 75  1053 1053 ILE ILE A . n 
A 1 76  ASP 76  1054 1054 ASP ASP A . n 
A 1 77  LEU 77  1055 1055 LEU LEU A . n 
A 1 78  ILE 78  1056 1056 ILE ILE A . n 
A 1 79  CYS 79  1057 1057 CYS CYS A . n 
A 1 80  SER 80  1058 1058 SER SER A . n 
A 1 81  ASN 81  1059 1059 ASN ASN A . n 
A 1 82  ALA 82  1060 1060 ALA ALA A . n 
A 1 83  LEU 83  1061 1061 LEU LEU A . n 
A 1 84  GLU 84  1062 1062 GLU GLU A . n 
A 1 85  TYR 85  1063 1063 TYR TYR A . n 
A 1 86  ASN 86  1064 1064 ASN ASN A . n 
A 1 87  PRO 87  1065 1065 PRO PRO A . n 
A 1 88  ASP 88  1066 1066 ASP ASP A . n 
A 1 89  ARG 89  1067 1067 ARG ARG A . n 
A 1 90  ASP 90  1068 1068 ASP ASP A . n 
A 1 91  PRO 91  1069 1069 PRO PRO A . n 
A 1 92  GLY 92  1070 1070 GLY GLY A . n 
A 1 93  ASP 93  1071 1071 ASP ASP A . n 
A 1 94  ARG 94  1072 1072 ARG ARG A . n 
A 1 95  LEU 95  1073 1073 LEU LEU A . n 
A 1 96  ILE 96  1074 1074 ILE ILE A . n 
A 1 97  ARG 97  1075 1075 ARG ARG A . n 
A 1 98  HIS 98  1076 1076 HIS HIS A . n 
A 1 99  ARG 99  1077 1077 ARG ARG A . n 
A 1 100 ALA 100 1078 1078 ALA ALA A . n 
A 1 101 CYS 101 1079 1079 CYS CYS A . n 
A 1 102 ALA 102 1080 1080 ALA ALA A . n 
A 1 103 LEU 103 1081 1081 LEU LEU A . n 
A 1 104 ARG 104 1082 1082 ARG ARG A . n 
A 1 105 ASP 105 1083 1083 ASP ASP A . n 
A 1 106 THR 106 1084 1084 THR THR A . n 
A 1 107 ALA 107 1085 1085 ALA ALA A . n 
A 1 108 TYR 108 1086 1086 TYR TYR A . n 
A 1 109 ALA 109 1087 1087 ALA ALA A . n 
A 1 110 ILE 110 1088 1088 ILE ILE A . n 
A 1 111 ILE 111 1089 1089 ILE ILE A . n 
A 1 112 LYS 112 1090 1090 LYS LYS A . n 
A 1 113 GLU 113 1091 1091 GLU GLU A . n 
A 1 114 GLU 114 1092 1092 GLU GLU A . n 
A 1 115 LEU 115 1093 1093 LEU LEU A . n 
A 1 116 ASP 116 1094 1094 ASP ASP A . n 
A 1 117 GLU 117 1095 1095 GLU GLU A . n 
A 1 118 ASP 118 1096 1096 ASP ASP A . n 
A 1 119 PHE 119 1097 1097 PHE PHE A . n 
A 1 120 GLU 120 1098 1098 GLU GLU A . n 
A 1 121 GLN 121 1099 1099 GLN GLN A . n 
A 1 122 LEU 122 1100 1100 LEU LEU A . n 
A 1 123 CYS 123 1101 1101 CYS CYS A . n 
A 1 124 GLU 124 1102 1102 GLU GLU A . n 
A 1 125 GLU 125 1103 1103 GLU GLU A . n 
A 1 126 ILE 126 1104 1104 ILE ILE A . n 
A 1 127 GLN 127 1105 1105 GLN GLN A . n 
A 1 128 GLU 128 1106 1106 GLU GLU A . n 
A 1 129 SER 129 1107 1107 SER SER A . n 
A 1 130 ARG 130 1108 1108 ARG ARG A . n 
# 
loop_
_pdbx_nonpoly_scheme.asym_id 
_pdbx_nonpoly_scheme.entity_id 
_pdbx_nonpoly_scheme.mon_id 
_pdbx_nonpoly_scheme.ndb_seq_num 
_pdbx_nonpoly_scheme.pdb_seq_num 
_pdbx_nonpoly_scheme.auth_seq_num 
_pdbx_nonpoly_scheme.pdb_mon_id 
_pdbx_nonpoly_scheme.auth_mon_id 
_pdbx_nonpoly_scheme.pdb_strand_id 
_pdbx_nonpoly_scheme.pdb_ins_code 
B 2 SO4 1   1201 1   SO4 SO4 A . 
C 2 SO4 1   1202 2   SO4 SO4 A . 
D 2 SO4 1   1203 3   SO4 SO4 A . 
E 3 95O 1   1204 1   95O INH A . 
F 4 HOH 1   1301 208 HOH HOH A . 
F 4 HOH 2   1302 199 HOH HOH A . 
F 4 HOH 3   1303 118 HOH HOH A . 
F 4 HOH 4   1304 123 HOH HOH A . 
F 4 HOH 5   1305 6   HOH HOH A . 
F 4 HOH 6   1306 46  HOH HOH A . 
F 4 HOH 7   1307 200 HOH HOH A . 
F 4 HOH 8   1308 190 HOH HOH A . 
F 4 HOH 9   1309 174 HOH HOH A . 
F 4 HOH 10  1310 10  HOH HOH A . 
F 4 HOH 11  1311 14  HOH HOH A . 
F 4 HOH 12  1312 48  HOH HOH A . 
F 4 HOH 13  1313 198 HOH HOH A . 
F 4 HOH 14  1314 1   HOH HOH A . 
F 4 HOH 15  1315 61  HOH HOH A . 
F 4 HOH 16  1316 35  HOH HOH A . 
F 4 HOH 17  1317 8   HOH HOH A . 
F 4 HOH 18  1318 210 HOH HOH A . 
F 4 HOH 19  1319 5   HOH HOH A . 
F 4 HOH 20  1320 40  HOH HOH A . 
F 4 HOH 21  1321 53  HOH HOH A . 
F 4 HOH 22  1322 128 HOH HOH A . 
F 4 HOH 23  1323 21  HOH HOH A . 
F 4 HOH 24  1324 121 HOH HOH A . 
F 4 HOH 25  1325 84  HOH HOH A . 
F 4 HOH 26  1326 89  HOH HOH A . 
F 4 HOH 27  1327 132 HOH HOH A . 
F 4 HOH 28  1328 4   HOH HOH A . 
F 4 HOH 29  1329 125 HOH HOH A . 
F 4 HOH 30  1330 52  HOH HOH A . 
F 4 HOH 31  1331 119 HOH HOH A . 
F 4 HOH 32  1332 19  HOH HOH A . 
F 4 HOH 33  1333 55  HOH HOH A . 
F 4 HOH 34  1334 43  HOH HOH A . 
F 4 HOH 35  1335 206 HOH HOH A . 
F 4 HOH 36  1336 117 HOH HOH A . 
F 4 HOH 37  1337 127 HOH HOH A . 
F 4 HOH 38  1338 60  HOH HOH A . 
F 4 HOH 39  1339 28  HOH HOH A . 
F 4 HOH 40  1340 37  HOH HOH A . 
F 4 HOH 41  1341 171 HOH HOH A . 
F 4 HOH 42  1342 204 HOH HOH A . 
F 4 HOH 43  1343 191 HOH HOH A . 
F 4 HOH 44  1344 29  HOH HOH A . 
F 4 HOH 45  1345 11  HOH HOH A . 
F 4 HOH 46  1346 126 HOH HOH A . 
F 4 HOH 47  1347 22  HOH HOH A . 
F 4 HOH 48  1348 113 HOH HOH A . 
F 4 HOH 49  1349 44  HOH HOH A . 
F 4 HOH 50  1350 150 HOH HOH A . 
F 4 HOH 51  1351 178 HOH HOH A . 
F 4 HOH 52  1352 76  HOH HOH A . 
F 4 HOH 53  1353 56  HOH HOH A . 
F 4 HOH 54  1354 167 HOH HOH A . 
F 4 HOH 55  1355 103 HOH HOH A . 
F 4 HOH 56  1356 62  HOH HOH A . 
F 4 HOH 57  1357 2   HOH HOH A . 
F 4 HOH 58  1358 142 HOH HOH A . 
F 4 HOH 59  1359 77  HOH HOH A . 
F 4 HOH 60  1360 75  HOH HOH A . 
F 4 HOH 61  1361 137 HOH HOH A . 
F 4 HOH 62  1362 39  HOH HOH A . 
F 4 HOH 63  1363 108 HOH HOH A . 
F 4 HOH 64  1364 36  HOH HOH A . 
F 4 HOH 65  1365 72  HOH HOH A . 
F 4 HOH 66  1366 15  HOH HOH A . 
F 4 HOH 67  1367 96  HOH HOH A . 
F 4 HOH 68  1368 24  HOH HOH A . 
F 4 HOH 69  1369 83  HOH HOH A . 
F 4 HOH 70  1370 9   HOH HOH A . 
F 4 HOH 71  1371 3   HOH HOH A . 
F 4 HOH 72  1372 13  HOH HOH A . 
F 4 HOH 73  1373 41  HOH HOH A . 
F 4 HOH 74  1374 140 HOH HOH A . 
F 4 HOH 75  1375 156 HOH HOH A . 
F 4 HOH 76  1376 129 HOH HOH A . 
F 4 HOH 77  1377 87  HOH HOH A . 
F 4 HOH 78  1378 54  HOH HOH A . 
F 4 HOH 79  1379 47  HOH HOH A . 
F 4 HOH 80  1380 135 HOH HOH A . 
F 4 HOH 81  1381 65  HOH HOH A . 
F 4 HOH 82  1382 12  HOH HOH A . 
F 4 HOH 83  1383 51  HOH HOH A . 
F 4 HOH 84  1384 151 HOH HOH A . 
F 4 HOH 85  1385 32  HOH HOH A . 
F 4 HOH 86  1386 97  HOH HOH A . 
F 4 HOH 87  1387 23  HOH HOH A . 
F 4 HOH 88  1388 112 HOH HOH A . 
F 4 HOH 89  1389 169 HOH HOH A . 
F 4 HOH 90  1390 187 HOH HOH A . 
F 4 HOH 91  1391 27  HOH HOH A . 
F 4 HOH 92  1392 133 HOH HOH A . 
F 4 HOH 93  1393 49  HOH HOH A . 
F 4 HOH 94  1394 160 HOH HOH A . 
F 4 HOH 95  1395 201 HOH HOH A . 
F 4 HOH 96  1396 138 HOH HOH A . 
F 4 HOH 97  1397 67  HOH HOH A . 
F 4 HOH 98  1398 58  HOH HOH A . 
F 4 HOH 99  1399 153 HOH HOH A . 
F 4 HOH 100 1400 110 HOH HOH A . 
F 4 HOH 101 1401 149 HOH HOH A . 
F 4 HOH 102 1402 63  HOH HOH A . 
F 4 HOH 103 1403 144 HOH HOH A . 
F 4 HOH 104 1404 170 HOH HOH A . 
F 4 HOH 105 1405 152 HOH HOH A . 
F 4 HOH 106 1406 124 HOH HOH A . 
F 4 HOH 107 1407 164 HOH HOH A . 
F 4 HOH 108 1408 197 HOH HOH A . 
F 4 HOH 109 1409 163 HOH HOH A . 
F 4 HOH 110 1410 98  HOH HOH A . 
F 4 HOH 111 1411 74  HOH HOH A . 
F 4 HOH 112 1412 141 HOH HOH A . 
F 4 HOH 113 1413 85  HOH HOH A . 
F 4 HOH 114 1414 136 HOH HOH A . 
F 4 HOH 115 1415 95  HOH HOH A . 
F 4 HOH 116 1416 73  HOH HOH A . 
F 4 HOH 117 1417 155 HOH HOH A . 
F 4 HOH 118 1418 91  HOH HOH A . 
F 4 HOH 119 1419 115 HOH HOH A . 
F 4 HOH 120 1420 172 HOH HOH A . 
F 4 HOH 121 1421 145 HOH HOH A . 
F 4 HOH 122 1422 31  HOH HOH A . 
F 4 HOH 123 1423 78  HOH HOH A . 
F 4 HOH 124 1424 20  HOH HOH A . 
F 4 HOH 125 1425 107 HOH HOH A . 
F 4 HOH 126 1426 130 HOH HOH A . 
F 4 HOH 127 1427 66  HOH HOH A . 
F 4 HOH 128 1428 94  HOH HOH A . 
F 4 HOH 129 1429 109 HOH HOH A . 
F 4 HOH 130 1430 203 HOH HOH A . 
F 4 HOH 131 1431 86  HOH HOH A . 
F 4 HOH 132 1432 166 HOH HOH A . 
F 4 HOH 133 1433 90  HOH HOH A . 
F 4 HOH 134 1434 42  HOH HOH A . 
F 4 HOH 135 1435 105 HOH HOH A . 
F 4 HOH 136 1436 93  HOH HOH A . 
F 4 HOH 137 1437 30  HOH HOH A . 
F 4 HOH 138 1438 33  HOH HOH A . 
F 4 HOH 139 1439 122 HOH HOH A . 
F 4 HOH 140 1440 114 HOH HOH A . 
F 4 HOH 141 1441 202 HOH HOH A . 
F 4 HOH 142 1442 184 HOH HOH A . 
F 4 HOH 143 1443 148 HOH HOH A . 
F 4 HOH 144 1444 147 HOH HOH A . 
F 4 HOH 145 1445 213 HOH HOH A . 
F 4 HOH 146 1446 212 HOH HOH A . 
F 4 HOH 147 1447 157 HOH HOH A . 
F 4 HOH 148 1448 50  HOH HOH A . 
F 4 HOH 149 1449 26  HOH HOH A . 
F 4 HOH 150 1450 81  HOH HOH A . 
F 4 HOH 151 1451 70  HOH HOH A . 
F 4 HOH 152 1452 104 HOH HOH A . 
F 4 HOH 153 1453 64  HOH HOH A . 
F 4 HOH 154 1454 209 HOH HOH A . 
F 4 HOH 155 1455 207 HOH HOH A . 
F 4 HOH 156 1456 139 HOH HOH A . 
F 4 HOH 157 1457 134 HOH HOH A . 
F 4 HOH 158 1458 165 HOH HOH A . 
F 4 HOH 159 1459 189 HOH HOH A . 
F 4 HOH 160 1460 180 HOH HOH A . 
F 4 HOH 161 1461 205 HOH HOH A . 
F 4 HOH 162 1462 106 HOH HOH A . 
F 4 HOH 163 1463 59  HOH HOH A . 
F 4 HOH 164 1464 146 HOH HOH A . 
F 4 HOH 165 1465 143 HOH HOH A . 
F 4 HOH 166 1466 120 HOH HOH A . 
F 4 HOH 167 1467 79  HOH HOH A . 
F 4 HOH 168 1468 159 HOH HOH A . 
F 4 HOH 169 1469 158 HOH HOH A . 
F 4 HOH 170 1470 92  HOH HOH A . 
F 4 HOH 171 1471 211 HOH HOH A . 
F 4 HOH 172 1472 154 HOH HOH A . 
F 4 HOH 173 1473 88  HOH HOH A . 
F 4 HOH 174 1474 183 HOH HOH A . 
F 4 HOH 175 1475 196 HOH HOH A . 
F 4 HOH 176 1476 131 HOH HOH A . 
F 4 HOH 177 1477 100 HOH HOH A . 
F 4 HOH 178 1478 177 HOH HOH A . 
F 4 HOH 179 1479 194 HOH HOH A . 
F 4 HOH 180 1480 111 HOH HOH A . 
F 4 HOH 181 1481 188 HOH HOH A . 
F 4 HOH 182 1482 195 HOH HOH A . 
# 
loop_
_software.citation_id 
_software.classification 
_software.compiler_name 
_software.compiler_version 
_software.contact_author 
_software.contact_author_email 
_software.date 
_software.description 
_software.dependencies 
_software.hardware 
_software.language 
_software.location 
_software.mods 
_software.name 
_software.os 
_software.os_version 
_software.type 
_software.version 
_software.pdbx_ordinal 
? 'data scaling'    ? ? ? ? ? ? ? ? ? ? ? Aimless     ? ? ? 0.4.8  1 
? phasing           ? ? ? ? ? ? ? ? ? ? ? AMoRE       ? ? ? .      2 
? refinement        ? ? ? ? ? ? ? ? ? ? ? BUSTER      ? ? ? 2.11.6 3 
? 'data extraction' ? ? ? ? ? ? ? ? ? ? ? PDB_EXTRACT ? ? ? 3.27   4 
# 
_cell.angle_alpha                  90.000 
_cell.angle_alpha_esd              ? 
_cell.angle_beta                   90.000 
_cell.angle_beta_esd               ? 
_cell.angle_gamma                  120.000 
_cell.angle_gamma_esd              ? 
_cell.entry_id                     7Q6V 
_cell.details                      ? 
_cell.formula_units_Z              ? 
_cell.length_a                     79.124 
_cell.length_a_esd                 ? 
_cell.length_b                     79.124 
_cell.length_b_esd                 ? 
_cell.length_c                     137.997 
_cell.length_c_esd                 ? 
_cell.volume                       ? 
_cell.volume_esd                   ? 
_cell.Z_PDB                        12 
_cell.reciprocal_angle_alpha       ? 
_cell.reciprocal_angle_beta        ? 
_cell.reciprocal_angle_gamma       ? 
_cell.reciprocal_angle_alpha_esd   ? 
_cell.reciprocal_angle_beta_esd    ? 
_cell.reciprocal_angle_gamma_esd   ? 
_cell.reciprocal_length_a          ? 
_cell.reciprocal_length_b          ? 
_cell.reciprocal_length_c          ? 
_cell.reciprocal_length_a_esd      ? 
_cell.reciprocal_length_b_esd      ? 
_cell.reciprocal_length_c_esd      ? 
_cell.pdbx_unique_axis             ? 
# 
_symmetry.entry_id                         7Q6V 
_symmetry.cell_setting                     ? 
_symmetry.Int_Tables_number                179 
_symmetry.space_group_name_Hall            ? 
_symmetry.space_group_name_H-M             'P 65 2 2' 
_symmetry.pdbx_full_space_group_name_H-M   ? 
# 
_exptl.absorpt_coefficient_mu     ? 
_exptl.absorpt_correction_T_max   ? 
_exptl.absorpt_correction_T_min   ? 
_exptl.absorpt_correction_type    ? 
_exptl.absorpt_process_details    ? 
_exptl.entry_id                   7Q6V 
_exptl.crystals_number            1 
_exptl.details                    ? 
_exptl.method                     'X-RAY DIFFRACTION' 
_exptl.method_details             ? 
# 
_exptl_crystal.colour                      ? 
_exptl_crystal.density_diffrn              ? 
_exptl_crystal.density_Matthews            4.03 
_exptl_crystal.density_method              ? 
_exptl_crystal.density_percent_sol         69.51 
_exptl_crystal.description                 ? 
_exptl_crystal.F_000                       ? 
_exptl_crystal.id                          1 
_exptl_crystal.preparation                 ? 
_exptl_crystal.size_max                    ? 
_exptl_crystal.size_mid                    ? 
_exptl_crystal.size_min                    ? 
_exptl_crystal.size_rad                    ? 
_exptl_crystal.colour_lustre               ? 
_exptl_crystal.colour_modifier             ? 
_exptl_crystal.colour_primary              ? 
_exptl_crystal.density_meas                ? 
_exptl_crystal.density_meas_esd            ? 
_exptl_crystal.density_meas_gt             ? 
_exptl_crystal.density_meas_lt             ? 
_exptl_crystal.density_meas_temp           ? 
_exptl_crystal.density_meas_temp_esd       ? 
_exptl_crystal.density_meas_temp_gt        ? 
_exptl_crystal.density_meas_temp_lt        ? 
_exptl_crystal.pdbx_crystal_image_url      ? 
_exptl_crystal.pdbx_crystal_image_format   ? 
_exptl_crystal.pdbx_mosaicity              ? 
_exptl_crystal.pdbx_mosaicity_esd          ? 
# 
_exptl_crystal_grow.apparatus       ? 
_exptl_crystal_grow.atmosphere      ? 
_exptl_crystal_grow.crystal_id      1 
_exptl_crystal_grow.details         ? 
_exptl_crystal_grow.method          'VAPOR DIFFUSION' 
_exptl_crystal_grow.method_ref      ? 
_exptl_crystal_grow.pH              6.25 
_exptl_crystal_grow.pressure        ? 
_exptl_crystal_grow.pressure_esd    ? 
_exptl_crystal_grow.seeding         ? 
_exptl_crystal_grow.seeding_ref     ? 
_exptl_crystal_grow.temp            293 
_exptl_crystal_grow.temp_details    ? 
_exptl_crystal_grow.temp_esd        ? 
_exptl_crystal_grow.time            ? 
_exptl_crystal_grow.pdbx_details    
;ATAD2 (981-1108) at 12 mg/ml in 25 mM Tris pH 9.7, 300 mM NaCl, 0.5 mM TCEP crystallised from 20% PEG 3350, 0.2 M ammonium sulfate, 0.1 M Bis-Tris pH 6.25. Ligands were introduced by soaking, cryo-protection with 20 % glycerol.
;
_exptl_crystal_grow.pdbx_pH_range   ? 
# 
_diffrn.ambient_environment              ? 
_diffrn.ambient_temp                     100 
_diffrn.ambient_temp_details             ? 
_diffrn.ambient_temp_esd                 ? 
_diffrn.crystal_id                       1 
_diffrn.crystal_support                  ? 
_diffrn.crystal_treatment                ? 
_diffrn.details                          ? 
_diffrn.id                               1 
_diffrn.ambient_pressure                 ? 
_diffrn.ambient_pressure_esd             ? 
_diffrn.ambient_pressure_gt              ? 
_diffrn.ambient_pressure_lt              ? 
_diffrn.ambient_temp_gt                  ? 
_diffrn.ambient_temp_lt                  ? 
_diffrn.pdbx_serial_crystal_experiment   N 
# 
_diffrn_detector.details                      ? 
_diffrn_detector.detector                     CCD 
_diffrn_detector.diffrn_id                    1 
_diffrn_detector.type                         'RIGAKU SATURN 944+' 
_diffrn_detector.area_resol_mean              ? 
_diffrn_detector.dtime                        ? 
_diffrn_detector.pdbx_frames_total            ? 
_diffrn_detector.pdbx_collection_time_total   ? 
_diffrn_detector.pdbx_collection_date         2015-07-07 
_diffrn_detector.pdbx_frequency               ? 
# 
_diffrn_radiation.collimation                      ? 
_diffrn_radiation.diffrn_id                        1 
_diffrn_radiation.filter_edge                      ? 
_diffrn_radiation.inhomogeneity                    ? 
_diffrn_radiation.monochromator                    ? 
_diffrn_radiation.polarisn_norm                    ? 
_diffrn_radiation.polarisn_ratio                   ? 
_diffrn_radiation.probe                            ? 
_diffrn_radiation.type                             ? 
_diffrn_radiation.xray_symbol                      ? 
_diffrn_radiation.wavelength_id                    1 
_diffrn_radiation.pdbx_monochromatic_or_laue_m_l   M 
_diffrn_radiation.pdbx_wavelength_list             ? 
_diffrn_radiation.pdbx_wavelength                  ? 
_diffrn_radiation.pdbx_diffrn_protocol             'SINGLE WAVELENGTH' 
_diffrn_radiation.pdbx_analyzer                    ? 
_diffrn_radiation.pdbx_scattering_type             x-ray 
# 
_diffrn_radiation_wavelength.id           1 
_diffrn_radiation_wavelength.wavelength   1.5406 
_diffrn_radiation_wavelength.wt           1.0 
# 
_diffrn_source.current                     ? 
_diffrn_source.details                     ? 
_diffrn_source.diffrn_id                   1 
_diffrn_source.power                       ? 
_diffrn_source.size                        ? 
_diffrn_source.source                      'ROTATING ANODE' 
_diffrn_source.target                      ? 
_diffrn_source.type                        'RIGAKU FR-E+' 
_diffrn_source.voltage                     ? 
_diffrn_source.take-off_angle              ? 
_diffrn_source.pdbx_wavelength_list        1.5406 
_diffrn_source.pdbx_wavelength             ? 
_diffrn_source.pdbx_synchrotron_beamline   ? 
_diffrn_source.pdbx_synchrotron_site       ? 
# 
_reflns.B_iso_Wilson_estimate                          27.430 
_reflns.entry_id                                       7Q6V 
_reflns.data_reduction_details                         ? 
_reflns.data_reduction_method                          ? 
_reflns.d_resolution_high                              1.960 
_reflns.d_resolution_low                               48.620 
_reflns.details                                        ? 
_reflns.limit_h_max                                    ? 
_reflns.limit_h_min                                    ? 
_reflns.limit_k_max                                    ? 
_reflns.limit_k_min                                    ? 
_reflns.limit_l_max                                    ? 
_reflns.limit_l_min                                    ? 
_reflns.number_all                                     ? 
_reflns.number_obs                                     18579 
_reflns.observed_criterion                             ? 
_reflns.observed_criterion_F_max                       ? 
_reflns.observed_criterion_F_min                       ? 
_reflns.observed_criterion_I_max                       ? 
_reflns.observed_criterion_I_min                       ? 
_reflns.observed_criterion_sigma_F                     ? 
_reflns.observed_criterion_sigma_I                     ? 
_reflns.percent_possible_obs                           98.000 
_reflns.R_free_details                                 ? 
_reflns.Rmerge_F_all                                   ? 
_reflns.Rmerge_F_obs                                   ? 
_reflns.Friedel_coverage                               ? 
_reflns.number_gt                                      ? 
_reflns.threshold_expression                           ? 
_reflns.pdbx_redundancy                                5.400 
_reflns.pdbx_Rmerge_I_obs                              0.065 
_reflns.pdbx_Rmerge_I_all                              ? 
_reflns.pdbx_Rsym_value                                ? 
_reflns.pdbx_netI_over_av_sigmaI                       ? 
_reflns.pdbx_netI_over_sigmaI                          19.400 
_reflns.pdbx_res_netI_over_av_sigmaI_2                 ? 
_reflns.pdbx_res_netI_over_sigmaI_2                    ? 
_reflns.pdbx_chi_squared                               ? 
_reflns.pdbx_scaling_rejects                           ? 
_reflns.pdbx_d_res_high_opt                            ? 
_reflns.pdbx_d_res_low_opt                             ? 
_reflns.pdbx_d_res_opt_method                          ? 
_reflns.phase_calculation_details                      ? 
_reflns.pdbx_Rrim_I_all                                0.071 
_reflns.pdbx_Rpim_I_all                                0.030 
_reflns.pdbx_d_opt                                     ? 
_reflns.pdbx_number_measured_all                       100672 
_reflns.pdbx_diffrn_id                                 1 
_reflns.pdbx_ordinal                                   1 
_reflns.pdbx_CC_half                                   0.999 
_reflns.pdbx_CC_star                                   ? 
_reflns.pdbx_R_split                                   ? 
_reflns.pdbx_aniso_diffraction_limit_axis_1_ortho[1]   ? 
_reflns.pdbx_aniso_diffraction_limit_axis_1_ortho[2]   ? 
_reflns.pdbx_aniso_diffraction_limit_axis_1_ortho[3]   ? 
_reflns.pdbx_aniso_diffraction_limit_axis_2_ortho[1]   ? 
_reflns.pdbx_aniso_diffraction_limit_axis_2_ortho[2]   ? 
_reflns.pdbx_aniso_diffraction_limit_axis_2_ortho[3]   ? 
_reflns.pdbx_aniso_diffraction_limit_axis_3_ortho[1]   ? 
_reflns.pdbx_aniso_diffraction_limit_axis_3_ortho[2]   ? 
_reflns.pdbx_aniso_diffraction_limit_axis_3_ortho[3]   ? 
_reflns.pdbx_aniso_diffraction_limit_1                 ? 
_reflns.pdbx_aniso_diffraction_limit_2                 ? 
_reflns.pdbx_aniso_diffraction_limit_3                 ? 
_reflns.pdbx_aniso_B_tensor_eigenvector_1_ortho[1]     ? 
_reflns.pdbx_aniso_B_tensor_eigenvector_1_ortho[2]     ? 
_reflns.pdbx_aniso_B_tensor_eigenvector_1_ortho[3]     ? 
_reflns.pdbx_aniso_B_tensor_eigenvector_2_ortho[1]     ? 
_reflns.pdbx_aniso_B_tensor_eigenvector_2_ortho[2]     ? 
_reflns.pdbx_aniso_B_tensor_eigenvector_2_ortho[3]     ? 
_reflns.pdbx_aniso_B_tensor_eigenvector_3_ortho[1]     ? 
_reflns.pdbx_aniso_B_tensor_eigenvector_3_ortho[2]     ? 
_reflns.pdbx_aniso_B_tensor_eigenvector_3_ortho[3]     ? 
_reflns.pdbx_aniso_B_tensor_eigenvalue_1               ? 
_reflns.pdbx_aniso_B_tensor_eigenvalue_2               ? 
_reflns.pdbx_aniso_B_tensor_eigenvalue_3               ? 
_reflns.pdbx_orthogonalization_convention              ? 
_reflns.pdbx_percent_possible_ellipsoidal              ? 
_reflns.pdbx_percent_possible_spherical                ? 
_reflns.pdbx_percent_possible_ellipsoidal_anomalous    ? 
_reflns.pdbx_percent_possible_spherical_anomalous      ? 
_reflns.pdbx_redundancy_anomalous                      ? 
_reflns.pdbx_CC_half_anomalous                         ? 
_reflns.pdbx_absDiff_over_sigma_anomalous              ? 
_reflns.pdbx_percent_possible_anomalous                ? 
_reflns.pdbx_observed_signal_threshold                 ? 
_reflns.pdbx_signal_type                               ? 
_reflns.pdbx_signal_details                            ? 
_reflns.pdbx_signal_software_id                        ? 
# 
loop_
_reflns_shell.d_res_high 
_reflns_shell.d_res_low 
_reflns_shell.meanI_over_sigI_all 
_reflns_shell.meanI_over_sigI_obs 
_reflns_shell.number_measured_all 
_reflns_shell.number_measured_obs 
_reflns_shell.number_possible 
_reflns_shell.number_unique_all 
_reflns_shell.number_unique_obs 
_reflns_shell.percent_possible_all 
_reflns_shell.percent_possible_obs 
_reflns_shell.Rmerge_F_all 
_reflns_shell.Rmerge_F_obs 
_reflns_shell.Rmerge_I_all 
_reflns_shell.Rmerge_I_obs 
_reflns_shell.meanI_over_sigI_gt 
_reflns_shell.meanI_over_uI_all 
_reflns_shell.meanI_over_uI_gt 
_reflns_shell.number_measured_gt 
_reflns_shell.number_unique_gt 
_reflns_shell.percent_possible_gt 
_reflns_shell.Rmerge_F_gt 
_reflns_shell.Rmerge_I_gt 
_reflns_shell.pdbx_redundancy 
_reflns_shell.pdbx_Rsym_value 
_reflns_shell.pdbx_chi_squared 
_reflns_shell.pdbx_netI_over_sigmaI_all 
_reflns_shell.pdbx_netI_over_sigmaI_obs 
_reflns_shell.pdbx_Rrim_I_all 
_reflns_shell.pdbx_Rpim_I_all 
_reflns_shell.pdbx_rejects 
_reflns_shell.pdbx_ordinal 
_reflns_shell.pdbx_diffrn_id 
_reflns_shell.pdbx_CC_half 
_reflns_shell.pdbx_CC_star 
_reflns_shell.pdbx_R_split 
_reflns_shell.pdbx_percent_possible_ellipsoidal 
_reflns_shell.pdbx_percent_possible_spherical 
_reflns_shell.pdbx_percent_possible_ellipsoidal_anomalous 
_reflns_shell.pdbx_percent_possible_spherical_anomalous 
_reflns_shell.pdbx_redundancy_anomalous 
_reflns_shell.pdbx_CC_half_anomalous 
_reflns_shell.pdbx_absDiff_over_sigma_anomalous 
_reflns_shell.pdbx_percent_possible_anomalous 
1.960 2.100  ? ? 9732 ? ? ? 3056 91.100 ? ? ? ? 0.411 ? ? ? ? ? ? ? ? 3.200 ? ? ? 3.000  0.489 0.258 ? 1 1 0.785 ? ? ? ? ? ? ? ? ? 
? 
5.550 48.620 ? ? 5106 ? ? ? 927  97.200 ? ? ? ? 0.025 ? ? ? ? ? ? ? ? 5.500 ? ? ? 53.900 0.028 0.012 ? 2 1 0.999 ? ? ? ? ? ? ? ? ? 
? 
# 
_refine.aniso_B[1][1]                            0.4186 
_refine.aniso_B[1][2]                            0.0000 
_refine.aniso_B[1][3]                            0.0000 
_refine.aniso_B[2][2]                            0.4186 
_refine.aniso_B[2][3]                            0.0000 
_refine.aniso_B[3][3]                            -0.8372 
_refine.B_iso_max                                100.170 
_refine.B_iso_mean                               31.0900 
_refine.B_iso_min                                12.120 
_refine.correlation_coeff_Fo_to_Fc               0.9413 
_refine.correlation_coeff_Fo_to_Fc_free          0.9367 
_refine.details                                  ? 
_refine.diff_density_max                         ? 
_refine.diff_density_max_esd                     ? 
_refine.diff_density_min                         ? 
_refine.diff_density_min_esd                     ? 
_refine.diff_density_rms                         ? 
_refine.diff_density_rms_esd                     ? 
_refine.entry_id                                 7Q6V 
_refine.pdbx_refine_id                           'X-RAY DIFFRACTION' 
_refine.ls_abs_structure_details                 ? 
_refine.ls_abs_structure_Flack                   ? 
_refine.ls_abs_structure_Flack_esd               ? 
_refine.ls_abs_structure_Rogers                  ? 
_refine.ls_abs_structure_Rogers_esd              ? 
_refine.ls_d_res_high                            1.9600 
_refine.ls_d_res_low                             48.6200 
_refine.ls_extinction_coef                       ? 
_refine.ls_extinction_coef_esd                   ? 
_refine.ls_extinction_expression                 ? 
_refine.ls_extinction_method                     ? 
_refine.ls_goodness_of_fit_all                   ? 
_refine.ls_goodness_of_fit_all_esd               ? 
_refine.ls_goodness_of_fit_obs                   ? 
_refine.ls_goodness_of_fit_obs_esd               ? 
_refine.ls_hydrogen_treatment                    ? 
_refine.ls_matrix_type                           ? 
_refine.ls_number_constraints                    ? 
_refine.ls_number_parameters                     ? 
_refine.ls_number_reflns_all                     ? 
_refine.ls_number_reflns_obs                     18568 
_refine.ls_number_reflns_R_free                  939 
_refine.ls_number_reflns_R_work                  ? 
_refine.ls_number_restraints                     ? 
_refine.ls_percent_reflns_obs                    97.5500 
_refine.ls_percent_reflns_R_free                 5.0600 
_refine.ls_R_factor_all                          ? 
_refine.ls_R_factor_obs                          0.1881 
_refine.ls_R_factor_R_free                       0.2057 
_refine.ls_R_factor_R_free_error                 ? 
_refine.ls_R_factor_R_free_error_details         ? 
_refine.ls_R_factor_R_work                       0.1871 
_refine.ls_R_Fsqd_factor_obs                     ? 
_refine.ls_R_I_factor_obs                        ? 
_refine.ls_redundancy_reflns_all                 ? 
_refine.ls_redundancy_reflns_obs                 ? 
_refine.ls_restrained_S_all                      ? 
_refine.ls_restrained_S_obs                      ? 
_refine.ls_shift_over_esd_max                    ? 
_refine.ls_shift_over_esd_mean                   ? 
_refine.ls_structure_factor_coef                 ? 
_refine.ls_weighting_details                     ? 
_refine.ls_weighting_scheme                      ? 
_refine.ls_wR_factor_all                         ? 
_refine.ls_wR_factor_obs                         ? 
_refine.ls_wR_factor_R_free                      ? 
_refine.ls_wR_factor_R_work                      ? 
_refine.occupancy_max                            ? 
_refine.occupancy_min                            ? 
_refine.solvent_model_details                    ? 
_refine.solvent_model_param_bsol                 ? 
_refine.solvent_model_param_ksol                 ? 
_refine.pdbx_R_complete                          ? 
_refine.ls_R_factor_gt                           ? 
_refine.ls_goodness_of_fit_gt                    ? 
_refine.ls_goodness_of_fit_ref                   ? 
_refine.ls_shift_over_su_max                     ? 
_refine.ls_shift_over_su_max_lt                  ? 
_refine.ls_shift_over_su_mean                    ? 
_refine.ls_shift_over_su_mean_lt                 ? 
_refine.pdbx_ls_sigma_I                          ? 
_refine.pdbx_ls_sigma_F                          0.000 
_refine.pdbx_ls_sigma_Fsqd                       ? 
_refine.pdbx_data_cutoff_high_absF               ? 
_refine.pdbx_data_cutoff_high_rms_absF           ? 
_refine.pdbx_data_cutoff_low_absF                ? 
_refine.pdbx_isotropic_thermal_model             ? 
_refine.pdbx_ls_cross_valid_method               THROUGHOUT 
_refine.pdbx_method_to_determine_struct          'MOLECULAR REPLACEMENT' 
_refine.pdbx_starting_model                      'internal model' 
_refine.pdbx_stereochemistry_target_values       ? 
_refine.pdbx_R_Free_selection_details            RANDOM 
_refine.pdbx_stereochem_target_val_spec_case     ? 
_refine.pdbx_overall_ESU_R                       ? 
_refine.pdbx_overall_ESU_R_Free                  ? 
_refine.pdbx_solvent_vdw_probe_radii             ? 
_refine.pdbx_solvent_ion_probe_radii             ? 
_refine.pdbx_solvent_shrinkage_radii             ? 
_refine.pdbx_real_space_R                        ? 
_refine.pdbx_density_correlation                 ? 
_refine.pdbx_pd_number_of_powder_patterns        ? 
_refine.pdbx_pd_number_of_points                 ? 
_refine.pdbx_pd_meas_number_of_points            ? 
_refine.pdbx_pd_proc_ls_prof_R_factor            ? 
_refine.pdbx_pd_proc_ls_prof_wR_factor           ? 
_refine.pdbx_pd_Marquardt_correlation_coeff      ? 
_refine.pdbx_pd_Fsqrd_R_factor                   ? 
_refine.pdbx_pd_ls_matrix_band_width             ? 
_refine.pdbx_overall_phase_error                 ? 
_refine.pdbx_overall_SU_R_free_Cruickshank_DPI   0.1080 
_refine.pdbx_overall_SU_R_free_Blow_DPI          0.1170 
_refine.pdbx_overall_SU_R_Blow_DPI               0.1310 
_refine.pdbx_TLS_residual_ADP_flag               ? 
_refine.pdbx_diffrn_id                           1 
_refine.overall_SU_B                             ? 
_refine.overall_SU_ML                            ? 
_refine.overall_SU_R_Cruickshank_DPI             0.1160 
_refine.overall_SU_R_free                        ? 
_refine.overall_FOM_free_R_set                   ? 
_refine.overall_FOM_work_R_set                   ? 
_refine.pdbx_average_fsc_overall                 ? 
_refine.pdbx_average_fsc_work                    ? 
_refine.pdbx_average_fsc_free                    ? 
# 
_refine_analyze.entry_id                        7Q6V 
_refine_analyze.pdbx_refine_id                  'X-RAY DIFFRACTION' 
_refine_analyze.Luzzati_coordinate_error_free   ? 
_refine_analyze.Luzzati_coordinate_error_obs    0.202 
_refine_analyze.Luzzati_d_res_low_free          ? 
_refine_analyze.Luzzati_d_res_low_obs           ? 
_refine_analyze.Luzzati_sigma_a_free            ? 
_refine_analyze.Luzzati_sigma_a_free_details    ? 
_refine_analyze.Luzzati_sigma_a_obs             ? 
_refine_analyze.Luzzati_sigma_a_obs_details     ? 
_refine_analyze.number_disordered_residues      ? 
_refine_analyze.occupancy_sum_hydrogen          ? 
_refine_analyze.occupancy_sum_non_hydrogen      ? 
_refine_analyze.RG_d_res_high                   ? 
_refine_analyze.RG_d_res_low                    ? 
_refine_analyze.RG_free                         ? 
_refine_analyze.RG_work                         ? 
_refine_analyze.RG_free_work_ratio              ? 
_refine_analyze.pdbx_Luzzati_d_res_high_obs     ? 
# 
_refine_hist.pdbx_refine_id                   'X-RAY DIFFRACTION' 
_refine_hist.cycle_id                         final 
_refine_hist.details                          ? 
_refine_hist.d_res_high                       1.9600 
_refine_hist.d_res_low                        48.6200 
_refine_hist.number_atoms_solvent             182 
_refine_hist.number_atoms_total               1308 
_refine_hist.number_reflns_all                ? 
_refine_hist.number_reflns_obs                ? 
_refine_hist.number_reflns_R_free             ? 
_refine_hist.number_reflns_R_work             ? 
_refine_hist.R_factor_all                     ? 
_refine_hist.R_factor_obs                     ? 
_refine_hist.R_factor_R_free                  ? 
_refine_hist.R_factor_R_work                  ? 
_refine_hist.pdbx_number_residues_total       130 
_refine_hist.pdbx_B_iso_mean_ligand           37.97 
_refine_hist.pdbx_B_iso_mean_solvent          43.51 
_refine_hist.pdbx_number_atoms_protein        1084 
_refine_hist.pdbx_number_atoms_nucleic_acid   0 
_refine_hist.pdbx_number_atoms_ligand         42 
_refine_hist.pdbx_number_atoms_lipid          ? 
_refine_hist.pdbx_number_atoms_carb           ? 
_refine_hist.pdbx_pseudo_atom_details         ? 
# 
loop_
_refine_ls_restr.pdbx_refine_id 
_refine_ls_restr.criterion 
_refine_ls_restr.dev_ideal 
_refine_ls_restr.dev_ideal_target 
_refine_ls_restr.number 
_refine_ls_restr.rejects 
_refine_ls_restr.type 
_refine_ls_restr.weight 
_refine_ls_restr.pdbx_restraint_function 
'X-RAY DIFFRACTION' ? ?      ? 431  ? t_dihedral_angle_d        2.000  SINUSOIDAL   
'X-RAY DIFFRACTION' ? ?      ? 36   ? t_trig_c_planes           2.000  HARMONIC     
'X-RAY DIFFRACTION' ? ?      ? 165  ? t_gen_planes              5.000  HARMONIC     
'X-RAY DIFFRACTION' ? ?      ? 1158 ? t_it                      20.000 HARMONIC     
'X-RAY DIFFRACTION' ? ?      ? ?    ? t_nbd                     ?      ?            
'X-RAY DIFFRACTION' ? ?      ? ?    ? t_improper_torsion        ?      ?            
'X-RAY DIFFRACTION' ? ?      ? ?    ? t_pseud_angle             ?      ?            
'X-RAY DIFFRACTION' ? ?      ? 151  ? t_chiral_improper_torsion 5.000  SEMIHARMONIC 
'X-RAY DIFFRACTION' ? ?      ? ?    ? t_sum_occupancies         ?      ?            
'X-RAY DIFFRACTION' ? ?      ? ?    ? t_utility_distance        ?      ?            
'X-RAY DIFFRACTION' ? ?      ? ?    ? t_utility_angle           ?      ?            
'X-RAY DIFFRACTION' ? ?      ? ?    ? t_utility_torsion         ?      ?            
'X-RAY DIFFRACTION' ? ?      ? 1503 ? t_ideal_dist_contact      4.000  SEMIHARMONIC 
'X-RAY DIFFRACTION' ? 0.010  ? 1158 ? t_bond_d                  2.000  HARMONIC     
'X-RAY DIFFRACTION' ? 0.900  ? 1577 ? t_angle_deg               2.000  HARMONIC     
'X-RAY DIFFRACTION' ? 2.920  ? ?    ? t_omega_torsion           ?      ?            
'X-RAY DIFFRACTION' ? 16.380 ? ?    ? t_other_torsion           ?      ?            
# 
_refine_ls_shell.pdbx_refine_id                   'X-RAY DIFFRACTION' 
_refine_ls_shell.d_res_high                       1.9600 
_refine_ls_shell.d_res_low                        2.0800 
_refine_ls_shell.number_reflns_all                2685 
_refine_ls_shell.number_reflns_obs                ? 
_refine_ls_shell.number_reflns_R_free             138 
_refine_ls_shell.number_reflns_R_work             2547 
_refine_ls_shell.percent_reflns_obs               97.5500 
_refine_ls_shell.percent_reflns_R_free            5.1400 
_refine_ls_shell.R_factor_all                     0.2170 
_refine_ls_shell.R_factor_obs                     ? 
_refine_ls_shell.R_factor_R_free                  0.2456 
_refine_ls_shell.R_factor_R_free_error            0.0000 
_refine_ls_shell.R_factor_R_work                  0.2155 
_refine_ls_shell.redundancy_reflns_all            ? 
_refine_ls_shell.redundancy_reflns_obs            ? 
_refine_ls_shell.wR_factor_all                    ? 
_refine_ls_shell.wR_factor_obs                    ? 
_refine_ls_shell.wR_factor_R_free                 ? 
_refine_ls_shell.wR_factor_R_work                 ? 
_refine_ls_shell.pdbx_R_complete                  ? 
_refine_ls_shell.pdbx_total_number_of_bins_used   9 
_refine_ls_shell.pdbx_phase_error                 ? 
_refine_ls_shell.pdbx_fsc_work                    ? 
_refine_ls_shell.pdbx_fsc_free                    ? 
# 
_struct.entry_id                     7Q6V 
_struct.title                        'Crystal structure of the bromodomain of ATAD2 with triazolopyridine (cpd 14)' 
_struct.pdbx_model_details           ? 
_struct.pdbx_formula_weight          ? 
_struct.pdbx_formula_weight_method   ? 
_struct.pdbx_model_type_details      ? 
_struct.pdbx_CASP_flag               N 
# 
_struct_keywords.entry_id        7Q6V 
_struct_keywords.text            'bromodomain, epigenetics, GENE REGULATION' 
_struct_keywords.pdbx_keywords   'GENE REGULATION' 
# 
loop_
_struct_asym.id 
_struct_asym.pdbx_blank_PDB_chainid_flag 
_struct_asym.pdbx_modified 
_struct_asym.entity_id 
_struct_asym.details 
A N N 1 ? 
B N N 2 ? 
C N N 2 ? 
D N N 2 ? 
E N N 3 ? 
F N N 4 ? 
# 
_struct_ref.id                         1 
_struct_ref.db_name                    UNP 
_struct_ref.db_code                    ATAD2_HUMAN 
_struct_ref.pdbx_db_accession          Q6PL18 
_struct_ref.pdbx_db_isoform            ? 
_struct_ref.entity_id                  1 
_struct_ref.pdbx_seq_one_letter_code   
;QEEDTFRELRIFLRNVTHRLAIDKRFRVFTKPVDPDEVPDYVTVIKQPMDLSSVISKIDLHKYLTVKDYLRDIDLICSNA
LEYNPDRDPGDRLIRHRACALRDTAYAIIKEELDEDFEQLCEEIQESR
;
_struct_ref.pdbx_align_begin           981 
# 
_struct_ref_seq.align_id                      1 
_struct_ref_seq.ref_id                        1 
_struct_ref_seq.pdbx_PDB_id_code              7Q6V 
_struct_ref_seq.pdbx_strand_id                A 
_struct_ref_seq.seq_align_beg                 3 
_struct_ref_seq.pdbx_seq_align_beg_ins_code   ? 
_struct_ref_seq.seq_align_end                 130 
_struct_ref_seq.pdbx_seq_align_end_ins_code   ? 
_struct_ref_seq.pdbx_db_accession             Q6PL18 
_struct_ref_seq.db_align_beg                  981 
_struct_ref_seq.pdbx_db_align_beg_ins_code    ? 
_struct_ref_seq.db_align_end                  1108 
_struct_ref_seq.pdbx_db_align_end_ins_code    ? 
_struct_ref_seq.pdbx_auth_seq_align_beg       981 
_struct_ref_seq.pdbx_auth_seq_align_end       1108 
# 
loop_
_struct_ref_seq_dif.align_id 
_struct_ref_seq_dif.pdbx_pdb_id_code 
_struct_ref_seq_dif.mon_id 
_struct_ref_seq_dif.pdbx_pdb_strand_id 
_struct_ref_seq_dif.seq_num 
_struct_ref_seq_dif.pdbx_pdb_ins_code 
_struct_ref_seq_dif.pdbx_seq_db_name 
_struct_ref_seq_dif.pdbx_seq_db_accession_code 
_struct_ref_seq_dif.db_mon_id 
_struct_ref_seq_dif.pdbx_seq_db_seq_num 
_struct_ref_seq_dif.details 
_struct_ref_seq_dif.pdbx_auth_seq_num 
_struct_ref_seq_dif.pdbx_ordinal 
1 7Q6V SER A 1 ? UNP Q6PL18 ? ? 'expression tag' 979 1 
1 7Q6V MET A 2 ? UNP Q6PL18 ? ? 'expression tag' 980 2 
# 
_pdbx_struct_assembly.id                   1 
_pdbx_struct_assembly.details              author_and_software_defined_assembly 
_pdbx_struct_assembly.method_details       PISA 
_pdbx_struct_assembly.oligomeric_details   monomeric 
_pdbx_struct_assembly.oligomeric_count     1 
# 
loop_
_pdbx_struct_assembly_prop.biol_id 
_pdbx_struct_assembly_prop.type 
_pdbx_struct_assembly_prop.value 
_pdbx_struct_assembly_prop.details 
1 'ABSA (A^2)' 480  ? 
1 MORE         -33  ? 
1 'SSA (A^2)'  8000 ? 
# 
_pdbx_struct_assembly_gen.assembly_id       1 
_pdbx_struct_assembly_gen.oper_expression   1 
_pdbx_struct_assembly_gen.asym_id_list      A,B,C,D,E,F 
# 
_pdbx_struct_assembly_auth_evidence.id                     1 
_pdbx_struct_assembly_auth_evidence.assembly_id            1 
_pdbx_struct_assembly_auth_evidence.experimental_support   'gel filtration' 
_pdbx_struct_assembly_auth_evidence.details                ? 
# 
_pdbx_struct_oper_list.id                   1 
_pdbx_struct_oper_list.type                 'identity operation' 
_pdbx_struct_oper_list.name                 1_555 
_pdbx_struct_oper_list.symmetry_operation   x,y,z 
_pdbx_struct_oper_list.matrix[1][1]         1.0000000000 
_pdbx_struct_oper_list.matrix[1][2]         0.0000000000 
_pdbx_struct_oper_list.matrix[1][3]         0.0000000000 
_pdbx_struct_oper_list.vector[1]            0.0000000000 
_pdbx_struct_oper_list.matrix[2][1]         0.0000000000 
_pdbx_struct_oper_list.matrix[2][2]         1.0000000000 
_pdbx_struct_oper_list.matrix[2][3]         0.0000000000 
_pdbx_struct_oper_list.vector[2]            0.0000000000 
_pdbx_struct_oper_list.matrix[3][1]         0.0000000000 
_pdbx_struct_oper_list.matrix[3][2]         0.0000000000 
_pdbx_struct_oper_list.matrix[3][3]         1.0000000000 
_pdbx_struct_oper_list.vector[3]            0.0000000000 
# 
loop_
_struct_conf.conf_type_id 
_struct_conf.id 
_struct_conf.pdbx_PDB_helix_id 
_struct_conf.beg_label_comp_id 
_struct_conf.beg_label_asym_id 
_struct_conf.beg_label_seq_id 
_struct_conf.pdbx_beg_PDB_ins_code 
_struct_conf.end_label_comp_id 
_struct_conf.end_label_asym_id 
_struct_conf.end_label_seq_id 
_struct_conf.pdbx_end_PDB_ins_code 
_struct_conf.beg_auth_comp_id 
_struct_conf.beg_auth_asym_id 
_struct_conf.beg_auth_seq_id 
_struct_conf.end_auth_comp_id 
_struct_conf.end_auth_asym_id 
_struct_conf.end_auth_seq_id 
_struct_conf.pdbx_PDB_helix_class 
_struct_conf.details 
_struct_conf.pdbx_PDB_helix_length 
HELX_P HELX_P1 AA1 SER A 1   ? ILE A 24  ? SER A 979  ILE A 1002 1 ? 24 
HELX_P HELX_P2 AA2 ASP A 25  ? THR A 32  ? ASP A 1003 THR A 1010 5 ? 8  
HELX_P HELX_P3 AA3 ASP A 42  ? ILE A 47  ? ASP A 1020 ILE A 1025 1 ? 6  
HELX_P HELX_P4 AA4 ASP A 52  ? LEU A 62  ? ASP A 1030 LEU A 1040 1 ? 11 
HELX_P HELX_P5 AA5 THR A 67  ? ASN A 86  ? THR A 1045 ASN A 1064 1 ? 20 
HELX_P HELX_P6 AA6 ASP A 90  ? LEU A 115 ? ASP A 1068 LEU A 1093 1 ? 26 
HELX_P HELX_P7 AA7 ASP A 116 ? ARG A 130 ? ASP A 1094 ARG A 1108 1 ? 15 
# 
_struct_conf_type.id          HELX_P 
_struct_conf_type.criteria    ? 
_struct_conf_type.reference   ? 
# 
_pdbx_struct_special_symmetry.id              1 
_pdbx_struct_special_symmetry.PDB_model_num   1 
_pdbx_struct_special_symmetry.auth_asym_id    A 
_pdbx_struct_special_symmetry.auth_comp_id    SO4 
_pdbx_struct_special_symmetry.auth_seq_id     1203 
_pdbx_struct_special_symmetry.PDB_ins_code    ? 
_pdbx_struct_special_symmetry.label_asym_id   D 
_pdbx_struct_special_symmetry.label_comp_id   SO4 
_pdbx_struct_special_symmetry.label_seq_id    . 
# 
_phasing.method   MR 
# 
_pdbx_entry_details.entry_id                 7Q6V 
_pdbx_entry_details.has_ligand_of_interest   Y 
_pdbx_entry_details.compound_details         ? 
_pdbx_entry_details.source_details           ? 
_pdbx_entry_details.nonpolymer_details       ? 
_pdbx_entry_details.sequence_details         ? 
# 
loop_
_pdbx_distant_solvent_atoms.id 
_pdbx_distant_solvent_atoms.PDB_model_num 
_pdbx_distant_solvent_atoms.auth_atom_id 
_pdbx_distant_solvent_atoms.label_alt_id 
_pdbx_distant_solvent_atoms.auth_asym_id 
_pdbx_distant_solvent_atoms.auth_comp_id 
_pdbx_distant_solvent_atoms.auth_seq_id 
_pdbx_distant_solvent_atoms.PDB_ins_code 
_pdbx_distant_solvent_atoms.neighbor_macromolecule_distance 
_pdbx_distant_solvent_atoms.neighbor_ligand_distance 
1 1 O ? A HOH 1478 ? 6.18  . 
2 1 O ? A HOH 1479 ? 6.44  . 
3 1 O ? A HOH 1480 ? 7.26  . 
4 1 O ? A HOH 1481 ? 9.31  . 
5 1 O ? A HOH 1482 ? 17.30 . 
# 
loop_
_chem_comp_atom.comp_id 
_chem_comp_atom.atom_id 
_chem_comp_atom.type_symbol 
_chem_comp_atom.pdbx_aromatic_flag 
_chem_comp_atom.pdbx_stereo_config 
_chem_comp_atom.pdbx_ordinal 
95O C1   C Y N 1   
95O C2   C Y N 2   
95O C3   C Y N 3   
95O C7   C N N 4   
95O C8   C N S 5   
95O C9   C N N 6   
95O C10  C Y N 7   
95O C11  C Y N 8   
95O C12  C Y N 9   
95O C13  C Y N 10  
95O C14  C Y N 11  
95O C15  C Y N 12  
95O C16  C N R 13  
95O O1   O N N 14  
95O C18  C N N 15  
95O N5   N N N 16  
95O C17  C N N 17  
95O N4   N N N 18  
95O O    O N N 19  
95O C4   C Y N 20  
95O N2   N Y N 21  
95O C    C N N 22  
95O C5   C Y N 23  
95O C6   C Y N 24  
95O N3   N N N 25  
95O N1   N Y N 26  
95O N    N Y N 27  
95O H1   H N N 28  
95O H2   H N N 29  
95O H3   H N N 30  
95O H4   H N N 31  
95O H5   H N N 32  
95O H6   H N N 33  
95O H7   H N N 34  
95O H8   H N N 35  
95O H9   H N N 36  
95O H10  H N N 37  
95O H11  H N N 38  
95O H12  H N N 39  
95O H13  H N N 40  
95O H14  H N N 41  
95O H15  H N N 42  
95O H16  H N N 43  
95O H17  H N N 44  
95O H18  H N N 45  
ALA N    N N N 46  
ALA CA   C N S 47  
ALA C    C N N 48  
ALA O    O N N 49  
ALA CB   C N N 50  
ALA OXT  O N N 51  
ALA H    H N N 52  
ALA H2   H N N 53  
ALA HA   H N N 54  
ALA HB1  H N N 55  
ALA HB2  H N N 56  
ALA HB3  H N N 57  
ALA HXT  H N N 58  
ARG N    N N N 59  
ARG CA   C N S 60  
ARG C    C N N 61  
ARG O    O N N 62  
ARG CB   C N N 63  
ARG CG   C N N 64  
ARG CD   C N N 65  
ARG NE   N N N 66  
ARG CZ   C N N 67  
ARG NH1  N N N 68  
ARG NH2  N N N 69  
ARG OXT  O N N 70  
ARG H    H N N 71  
ARG H2   H N N 72  
ARG HA   H N N 73  
ARG HB2  H N N 74  
ARG HB3  H N N 75  
ARG HG2  H N N 76  
ARG HG3  H N N 77  
ARG HD2  H N N 78  
ARG HD3  H N N 79  
ARG HE   H N N 80  
ARG HH11 H N N 81  
ARG HH12 H N N 82  
ARG HH21 H N N 83  
ARG HH22 H N N 84  
ARG HXT  H N N 85  
ASN N    N N N 86  
ASN CA   C N S 87  
ASN C    C N N 88  
ASN O    O N N 89  
ASN CB   C N N 90  
ASN CG   C N N 91  
ASN OD1  O N N 92  
ASN ND2  N N N 93  
ASN OXT  O N N 94  
ASN H    H N N 95  
ASN H2   H N N 96  
ASN HA   H N N 97  
ASN HB2  H N N 98  
ASN HB3  H N N 99  
ASN HD21 H N N 100 
ASN HD22 H N N 101 
ASN HXT  H N N 102 
ASP N    N N N 103 
ASP CA   C N S 104 
ASP C    C N N 105 
ASP O    O N N 106 
ASP CB   C N N 107 
ASP CG   C N N 108 
ASP OD1  O N N 109 
ASP OD2  O N N 110 
ASP OXT  O N N 111 
ASP H    H N N 112 
ASP H2   H N N 113 
ASP HA   H N N 114 
ASP HB2  H N N 115 
ASP HB3  H N N 116 
ASP HD2  H N N 117 
ASP HXT  H N N 118 
CYS N    N N N 119 
CYS CA   C N R 120 
CYS C    C N N 121 
CYS O    O N N 122 
CYS CB   C N N 123 
CYS SG   S N N 124 
CYS OXT  O N N 125 
CYS H    H N N 126 
CYS H2   H N N 127 
CYS HA   H N N 128 
CYS HB2  H N N 129 
CYS HB3  H N N 130 
CYS HG   H N N 131 
CYS HXT  H N N 132 
GLN N    N N N 133 
GLN CA   C N S 134 
GLN C    C N N 135 
GLN O    O N N 136 
GLN CB   C N N 137 
GLN CG   C N N 138 
GLN CD   C N N 139 
GLN OE1  O N N 140 
GLN NE2  N N N 141 
GLN OXT  O N N 142 
GLN H    H N N 143 
GLN H2   H N N 144 
GLN HA   H N N 145 
GLN HB2  H N N 146 
GLN HB3  H N N 147 
GLN HG2  H N N 148 
GLN HG3  H N N 149 
GLN HE21 H N N 150 
GLN HE22 H N N 151 
GLN HXT  H N N 152 
GLU N    N N N 153 
GLU CA   C N S 154 
GLU C    C N N 155 
GLU O    O N N 156 
GLU CB   C N N 157 
GLU CG   C N N 158 
GLU CD   C N N 159 
GLU OE1  O N N 160 
GLU OE2  O N N 161 
GLU OXT  O N N 162 
GLU H    H N N 163 
GLU H2   H N N 164 
GLU HA   H N N 165 
GLU HB2  H N N 166 
GLU HB3  H N N 167 
GLU HG2  H N N 168 
GLU HG3  H N N 169 
GLU HE2  H N N 170 
GLU HXT  H N N 171 
GLY N    N N N 172 
GLY CA   C N N 173 
GLY C    C N N 174 
GLY O    O N N 175 
GLY OXT  O N N 176 
GLY H    H N N 177 
GLY H2   H N N 178 
GLY HA2  H N N 179 
GLY HA3  H N N 180 
GLY HXT  H N N 181 
HIS N    N N N 182 
HIS CA   C N S 183 
HIS C    C N N 184 
HIS O    O N N 185 
HIS CB   C N N 186 
HIS CG   C Y N 187 
HIS ND1  N Y N 188 
HIS CD2  C Y N 189 
HIS CE1  C Y N 190 
HIS NE2  N Y N 191 
HIS OXT  O N N 192 
HIS H    H N N 193 
HIS H2   H N N 194 
HIS HA   H N N 195 
HIS HB2  H N N 196 
HIS HB3  H N N 197 
HIS HD1  H N N 198 
HIS HD2  H N N 199 
HIS HE1  H N N 200 
HIS HE2  H N N 201 
HIS HXT  H N N 202 
HOH O    O N N 203 
HOH H1   H N N 204 
HOH H2   H N N 205 
ILE N    N N N 206 
ILE CA   C N S 207 
ILE C    C N N 208 
ILE O    O N N 209 
ILE CB   C N S 210 
ILE CG1  C N N 211 
ILE CG2  C N N 212 
ILE CD1  C N N 213 
ILE OXT  O N N 214 
ILE H    H N N 215 
ILE H2   H N N 216 
ILE HA   H N N 217 
ILE HB   H N N 218 
ILE HG12 H N N 219 
ILE HG13 H N N 220 
ILE HG21 H N N 221 
ILE HG22 H N N 222 
ILE HG23 H N N 223 
ILE HD11 H N N 224 
ILE HD12 H N N 225 
ILE HD13 H N N 226 
ILE HXT  H N N 227 
LEU N    N N N 228 
LEU CA   C N S 229 
LEU C    C N N 230 
LEU O    O N N 231 
LEU CB   C N N 232 
LEU CG   C N N 233 
LEU CD1  C N N 234 
LEU CD2  C N N 235 
LEU OXT  O N N 236 
LEU H    H N N 237 
LEU H2   H N N 238 
LEU HA   H N N 239 
LEU HB2  H N N 240 
LEU HB3  H N N 241 
LEU HG   H N N 242 
LEU HD11 H N N 243 
LEU HD12 H N N 244 
LEU HD13 H N N 245 
LEU HD21 H N N 246 
LEU HD22 H N N 247 
LEU HD23 H N N 248 
LEU HXT  H N N 249 
LYS N    N N N 250 
LYS CA   C N S 251 
LYS C    C N N 252 
LYS O    O N N 253 
LYS CB   C N N 254 
LYS CG   C N N 255 
LYS CD   C N N 256 
LYS CE   C N N 257 
LYS NZ   N N N 258 
LYS OXT  O N N 259 
LYS H    H N N 260 
LYS H2   H N N 261 
LYS HA   H N N 262 
LYS HB2  H N N 263 
LYS HB3  H N N 264 
LYS HG2  H N N 265 
LYS HG3  H N N 266 
LYS HD2  H N N 267 
LYS HD3  H N N 268 
LYS HE2  H N N 269 
LYS HE3  H N N 270 
LYS HZ1  H N N 271 
LYS HZ2  H N N 272 
LYS HZ3  H N N 273 
LYS HXT  H N N 274 
MET N    N N N 275 
MET CA   C N S 276 
MET C    C N N 277 
MET O    O N N 278 
MET CB   C N N 279 
MET CG   C N N 280 
MET SD   S N N 281 
MET CE   C N N 282 
MET OXT  O N N 283 
MET H    H N N 284 
MET H2   H N N 285 
MET HA   H N N 286 
MET HB2  H N N 287 
MET HB3  H N N 288 
MET HG2  H N N 289 
MET HG3  H N N 290 
MET HE1  H N N 291 
MET HE2  H N N 292 
MET HE3  H N N 293 
MET HXT  H N N 294 
PHE N    N N N 295 
PHE CA   C N S 296 
PHE C    C N N 297 
PHE O    O N N 298 
PHE CB   C N N 299 
PHE CG   C Y N 300 
PHE CD1  C Y N 301 
PHE CD2  C Y N 302 
PHE CE1  C Y N 303 
PHE CE2  C Y N 304 
PHE CZ   C Y N 305 
PHE OXT  O N N 306 
PHE H    H N N 307 
PHE H2   H N N 308 
PHE HA   H N N 309 
PHE HB2  H N N 310 
PHE HB3  H N N 311 
PHE HD1  H N N 312 
PHE HD2  H N N 313 
PHE HE1  H N N 314 
PHE HE2  H N N 315 
PHE HZ   H N N 316 
PHE HXT  H N N 317 
PRO N    N N N 318 
PRO CA   C N S 319 
PRO C    C N N 320 
PRO O    O N N 321 
PRO CB   C N N 322 
PRO CG   C N N 323 
PRO CD   C N N 324 
PRO OXT  O N N 325 
PRO H    H N N 326 
PRO HA   H N N 327 
PRO HB2  H N N 328 
PRO HB3  H N N 329 
PRO HG2  H N N 330 
PRO HG3  H N N 331 
PRO HD2  H N N 332 
PRO HD3  H N N 333 
PRO HXT  H N N 334 
SER N    N N N 335 
SER CA   C N S 336 
SER C    C N N 337 
SER O    O N N 338 
SER CB   C N N 339 
SER OG   O N N 340 
SER OXT  O N N 341 
SER H    H N N 342 
SER H2   H N N 343 
SER HA   H N N 344 
SER HB2  H N N 345 
SER HB3  H N N 346 
SER HG   H N N 347 
SER HXT  H N N 348 
SO4 S    S N N 349 
SO4 O1   O N N 350 
SO4 O2   O N N 351 
SO4 O3   O N N 352 
SO4 O4   O N N 353 
THR N    N N N 354 
THR CA   C N S 355 
THR C    C N N 356 
THR O    O N N 357 
THR CB   C N R 358 
THR OG1  O N N 359 
THR CG2  C N N 360 
THR OXT  O N N 361 
THR H    H N N 362 
THR H2   H N N 363 
THR HA   H N N 364 
THR HB   H N N 365 
THR HG1  H N N 366 
THR HG21 H N N 367 
THR HG22 H N N 368 
THR HG23 H N N 369 
THR HXT  H N N 370 
TYR N    N N N 371 
TYR CA   C N S 372 
TYR C    C N N 373 
TYR O    O N N 374 
TYR CB   C N N 375 
TYR CG   C Y N 376 
TYR CD1  C Y N 377 
TYR CD2  C Y N 378 
TYR CE1  C Y N 379 
TYR CE2  C Y N 380 
TYR CZ   C Y N 381 
TYR OH   O N N 382 
TYR OXT  O N N 383 
TYR H    H N N 384 
TYR H2   H N N 385 
TYR HA   H N N 386 
TYR HB2  H N N 387 
TYR HB3  H N N 388 
TYR HD1  H N N 389 
TYR HD2  H N N 390 
TYR HE1  H N N 391 
TYR HE2  H N N 392 
TYR HH   H N N 393 
TYR HXT  H N N 394 
VAL N    N N N 395 
VAL CA   C N S 396 
VAL C    C N N 397 
VAL O    O N N 398 
VAL CB   C N N 399 
VAL CG1  C N N 400 
VAL CG2  C N N 401 
VAL OXT  O N N 402 
VAL H    H N N 403 
VAL H2   H N N 404 
VAL HA   H N N 405 
VAL HB   H N N 406 
VAL HG11 H N N 407 
VAL HG12 H N N 408 
VAL HG13 H N N 409 
VAL HG21 H N N 410 
VAL HG22 H N N 411 
VAL HG23 H N N 412 
VAL HXT  H N N 413 
# 
loop_
_chem_comp_bond.comp_id 
_chem_comp_bond.atom_id_1 
_chem_comp_bond.atom_id_2 
_chem_comp_bond.value_order 
_chem_comp_bond.pdbx_aromatic_flag 
_chem_comp_bond.pdbx_stereo_config 
_chem_comp_bond.pdbx_ordinal 
95O C13 C12  doub Y N 1   
95O C13 C14  sing Y N 2   
95O C12 C11  sing Y N 3   
95O C14 C15  doub Y N 4   
95O C11 C10  doub Y N 5   
95O C15 C10  sing Y N 6   
95O C15 C16  sing N N 7   
95O C10 C9   sing N N 8   
95O C16 C17  sing N N 9   
95O C16 N4   sing N N 10  
95O C17 N5   sing N N 11  
95O C9  C8   sing N N 12  
95O N4  C7   sing N N 13  
95O N4  C8   sing N N 14  
95O O   C7   doub N N 15  
95O N5  C18  sing N N 16  
95O C7  C4   sing N N 17  
95O C8  C18  sing N N 18  
95O C18 O1   doub N N 19  
95O C   C1   sing N N 20  
95O C3  C4   doub Y N 21  
95O C3  N2   sing Y N 22  
95O C4  C5   sing Y N 23  
95O C1  N2   sing Y N 24  
95O C1  N    doub Y N 25  
95O N2  C2   sing Y N 26  
95O C5  C6   doub Y N 27  
95O N   N1   sing Y N 28  
95O C2  C6   sing Y N 29  
95O C2  N1   doub Y N 30  
95O C6  N3   sing N N 31  
95O C3  H1   sing N N 32  
95O C8  H2   sing N N 33  
95O C9  H3   sing N N 34  
95O C9  H4   sing N N 35  
95O C11 H5   sing N N 36  
95O C12 H6   sing N N 37  
95O C13 H7   sing N N 38  
95O C14 H8   sing N N 39  
95O C16 H9   sing N N 40  
95O N5  H10  sing N N 41  
95O C17 H11  sing N N 42  
95O C17 H12  sing N N 43  
95O C   H13  sing N N 44  
95O C   H14  sing N N 45  
95O C   H15  sing N N 46  
95O C5  H16  sing N N 47  
95O N3  H17  sing N N 48  
95O N3  H18  sing N N 49  
ALA N   CA   sing N N 50  
ALA N   H    sing N N 51  
ALA N   H2   sing N N 52  
ALA CA  C    sing N N 53  
ALA CA  CB   sing N N 54  
ALA CA  HA   sing N N 55  
ALA C   O    doub N N 56  
ALA C   OXT  sing N N 57  
ALA CB  HB1  sing N N 58  
ALA CB  HB2  sing N N 59  
ALA CB  HB3  sing N N 60  
ALA OXT HXT  sing N N 61  
ARG N   CA   sing N N 62  
ARG N   H    sing N N 63  
ARG N   H2   sing N N 64  
ARG CA  C    sing N N 65  
ARG CA  CB   sing N N 66  
ARG CA  HA   sing N N 67  
ARG C   O    doub N N 68  
ARG C   OXT  sing N N 69  
ARG CB  CG   sing N N 70  
ARG CB  HB2  sing N N 71  
ARG CB  HB3  sing N N 72  
ARG CG  CD   sing N N 73  
ARG CG  HG2  sing N N 74  
ARG CG  HG3  sing N N 75  
ARG CD  NE   sing N N 76  
ARG CD  HD2  sing N N 77  
ARG CD  HD3  sing N N 78  
ARG NE  CZ   sing N N 79  
ARG NE  HE   sing N N 80  
ARG CZ  NH1  sing N N 81  
ARG CZ  NH2  doub N N 82  
ARG NH1 HH11 sing N N 83  
ARG NH1 HH12 sing N N 84  
ARG NH2 HH21 sing N N 85  
ARG NH2 HH22 sing N N 86  
ARG OXT HXT  sing N N 87  
ASN N   CA   sing N N 88  
ASN N   H    sing N N 89  
ASN N   H2   sing N N 90  
ASN CA  C    sing N N 91  
ASN CA  CB   sing N N 92  
ASN CA  HA   sing N N 93  
ASN C   O    doub N N 94  
ASN C   OXT  sing N N 95  
ASN CB  CG   sing N N 96  
ASN CB  HB2  sing N N 97  
ASN CB  HB3  sing N N 98  
ASN CG  OD1  doub N N 99  
ASN CG  ND2  sing N N 100 
ASN ND2 HD21 sing N N 101 
ASN ND2 HD22 sing N N 102 
ASN OXT HXT  sing N N 103 
ASP N   CA   sing N N 104 
ASP N   H    sing N N 105 
ASP N   H2   sing N N 106 
ASP CA  C    sing N N 107 
ASP CA  CB   sing N N 108 
ASP CA  HA   sing N N 109 
ASP C   O    doub N N 110 
ASP C   OXT  sing N N 111 
ASP CB  CG   sing N N 112 
ASP CB  HB2  sing N N 113 
ASP CB  HB3  sing N N 114 
ASP CG  OD1  doub N N 115 
ASP CG  OD2  sing N N 116 
ASP OD2 HD2  sing N N 117 
ASP OXT HXT  sing N N 118 
CYS N   CA   sing N N 119 
CYS N   H    sing N N 120 
CYS N   H2   sing N N 121 
CYS CA  C    sing N N 122 
CYS CA  CB   sing N N 123 
CYS CA  HA   sing N N 124 
CYS C   O    doub N N 125 
CYS C   OXT  sing N N 126 
CYS CB  SG   sing N N 127 
CYS CB  HB2  sing N N 128 
CYS CB  HB3  sing N N 129 
CYS SG  HG   sing N N 130 
CYS OXT HXT  sing N N 131 
GLN N   CA   sing N N 132 
GLN N   H    sing N N 133 
GLN N   H2   sing N N 134 
GLN CA  C    sing N N 135 
GLN CA  CB   sing N N 136 
GLN CA  HA   sing N N 137 
GLN C   O    doub N N 138 
GLN C   OXT  sing N N 139 
GLN CB  CG   sing N N 140 
GLN CB  HB2  sing N N 141 
GLN CB  HB3  sing N N 142 
GLN CG  CD   sing N N 143 
GLN CG  HG2  sing N N 144 
GLN CG  HG3  sing N N 145 
GLN CD  OE1  doub N N 146 
GLN CD  NE2  sing N N 147 
GLN NE2 HE21 sing N N 148 
GLN NE2 HE22 sing N N 149 
GLN OXT HXT  sing N N 150 
GLU N   CA   sing N N 151 
GLU N   H    sing N N 152 
GLU N   H2   sing N N 153 
GLU CA  C    sing N N 154 
GLU CA  CB   sing N N 155 
GLU CA  HA   sing N N 156 
GLU C   O    doub N N 157 
GLU C   OXT  sing N N 158 
GLU CB  CG   sing N N 159 
GLU CB  HB2  sing N N 160 
GLU CB  HB3  sing N N 161 
GLU CG  CD   sing N N 162 
GLU CG  HG2  sing N N 163 
GLU CG  HG3  sing N N 164 
GLU CD  OE1  doub N N 165 
GLU CD  OE2  sing N N 166 
GLU OE2 HE2  sing N N 167 
GLU OXT HXT  sing N N 168 
GLY N   CA   sing N N 169 
GLY N   H    sing N N 170 
GLY N   H2   sing N N 171 
GLY CA  C    sing N N 172 
GLY CA  HA2  sing N N 173 
GLY CA  HA3  sing N N 174 
GLY C   O    doub N N 175 
GLY C   OXT  sing N N 176 
GLY OXT HXT  sing N N 177 
HIS N   CA   sing N N 178 
HIS N   H    sing N N 179 
HIS N   H2   sing N N 180 
HIS CA  C    sing N N 181 
HIS CA  CB   sing N N 182 
HIS CA  HA   sing N N 183 
HIS C   O    doub N N 184 
HIS C   OXT  sing N N 185 
HIS CB  CG   sing N N 186 
HIS CB  HB2  sing N N 187 
HIS CB  HB3  sing N N 188 
HIS CG  ND1  sing Y N 189 
HIS CG  CD2  doub Y N 190 
HIS ND1 CE1  doub Y N 191 
HIS ND1 HD1  sing N N 192 
HIS CD2 NE2  sing Y N 193 
HIS CD2 HD2  sing N N 194 
HIS CE1 NE2  sing Y N 195 
HIS CE1 HE1  sing N N 196 
HIS NE2 HE2  sing N N 197 
HIS OXT HXT  sing N N 198 
HOH O   H1   sing N N 199 
HOH O   H2   sing N N 200 
ILE N   CA   sing N N 201 
ILE N   H    sing N N 202 
ILE N   H2   sing N N 203 
ILE CA  C    sing N N 204 
ILE CA  CB   sing N N 205 
ILE CA  HA   sing N N 206 
ILE C   O    doub N N 207 
ILE C   OXT  sing N N 208 
ILE CB  CG1  sing N N 209 
ILE CB  CG2  sing N N 210 
ILE CB  HB   sing N N 211 
ILE CG1 CD1  sing N N 212 
ILE CG1 HG12 sing N N 213 
ILE CG1 HG13 sing N N 214 
ILE CG2 HG21 sing N N 215 
ILE CG2 HG22 sing N N 216 
ILE CG2 HG23 sing N N 217 
ILE CD1 HD11 sing N N 218 
ILE CD1 HD12 sing N N 219 
ILE CD1 HD13 sing N N 220 
ILE OXT HXT  sing N N 221 
LEU N   CA   sing N N 222 
LEU N   H    sing N N 223 
LEU N   H2   sing N N 224 
LEU CA  C    sing N N 225 
LEU CA  CB   sing N N 226 
LEU CA  HA   sing N N 227 
LEU C   O    doub N N 228 
LEU C   OXT  sing N N 229 
LEU CB  CG   sing N N 230 
LEU CB  HB2  sing N N 231 
LEU CB  HB3  sing N N 232 
LEU CG  CD1  sing N N 233 
LEU CG  CD2  sing N N 234 
LEU CG  HG   sing N N 235 
LEU CD1 HD11 sing N N 236 
LEU CD1 HD12 sing N N 237 
LEU CD1 HD13 sing N N 238 
LEU CD2 HD21 sing N N 239 
LEU CD2 HD22 sing N N 240 
LEU CD2 HD23 sing N N 241 
LEU OXT HXT  sing N N 242 
LYS N   CA   sing N N 243 
LYS N   H    sing N N 244 
LYS N   H2   sing N N 245 
LYS CA  C    sing N N 246 
LYS CA  CB   sing N N 247 
LYS CA  HA   sing N N 248 
LYS C   O    doub N N 249 
LYS C   OXT  sing N N 250 
LYS CB  CG   sing N N 251 
LYS CB  HB2  sing N N 252 
LYS CB  HB3  sing N N 253 
LYS CG  CD   sing N N 254 
LYS CG  HG2  sing N N 255 
LYS CG  HG3  sing N N 256 
LYS CD  CE   sing N N 257 
LYS CD  HD2  sing N N 258 
LYS CD  HD3  sing N N 259 
LYS CE  NZ   sing N N 260 
LYS CE  HE2  sing N N 261 
LYS CE  HE3  sing N N 262 
LYS NZ  HZ1  sing N N 263 
LYS NZ  HZ2  sing N N 264 
LYS NZ  HZ3  sing N N 265 
LYS OXT HXT  sing N N 266 
MET N   CA   sing N N 267 
MET N   H    sing N N 268 
MET N   H2   sing N N 269 
MET CA  C    sing N N 270 
MET CA  CB   sing N N 271 
MET CA  HA   sing N N 272 
MET C   O    doub N N 273 
MET C   OXT  sing N N 274 
MET CB  CG   sing N N 275 
MET CB  HB2  sing N N 276 
MET CB  HB3  sing N N 277 
MET CG  SD   sing N N 278 
MET CG  HG2  sing N N 279 
MET CG  HG3  sing N N 280 
MET SD  CE   sing N N 281 
MET CE  HE1  sing N N 282 
MET CE  HE2  sing N N 283 
MET CE  HE3  sing N N 284 
MET OXT HXT  sing N N 285 
PHE N   CA   sing N N 286 
PHE N   H    sing N N 287 
PHE N   H2   sing N N 288 
PHE CA  C    sing N N 289 
PHE CA  CB   sing N N 290 
PHE CA  HA   sing N N 291 
PHE C   O    doub N N 292 
PHE C   OXT  sing N N 293 
PHE CB  CG   sing N N 294 
PHE CB  HB2  sing N N 295 
PHE CB  HB3  sing N N 296 
PHE CG  CD1  doub Y N 297 
PHE CG  CD2  sing Y N 298 
PHE CD1 CE1  sing Y N 299 
PHE CD1 HD1  sing N N 300 
PHE CD2 CE2  doub Y N 301 
PHE CD2 HD2  sing N N 302 
PHE CE1 CZ   doub Y N 303 
PHE CE1 HE1  sing N N 304 
PHE CE2 CZ   sing Y N 305 
PHE CE2 HE2  sing N N 306 
PHE CZ  HZ   sing N N 307 
PHE OXT HXT  sing N N 308 
PRO N   CA   sing N N 309 
PRO N   CD   sing N N 310 
PRO N   H    sing N N 311 
PRO CA  C    sing N N 312 
PRO CA  CB   sing N N 313 
PRO CA  HA   sing N N 314 
PRO C   O    doub N N 315 
PRO C   OXT  sing N N 316 
PRO CB  CG   sing N N 317 
PRO CB  HB2  sing N N 318 
PRO CB  HB3  sing N N 319 
PRO CG  CD   sing N N 320 
PRO CG  HG2  sing N N 321 
PRO CG  HG3  sing N N 322 
PRO CD  HD2  sing N N 323 
PRO CD  HD3  sing N N 324 
PRO OXT HXT  sing N N 325 
SER N   CA   sing N N 326 
SER N   H    sing N N 327 
SER N   H2   sing N N 328 
SER CA  C    sing N N 329 
SER CA  CB   sing N N 330 
SER CA  HA   sing N N 331 
SER C   O    doub N N 332 
SER C   OXT  sing N N 333 
SER CB  OG   sing N N 334 
SER CB  HB2  sing N N 335 
SER CB  HB3  sing N N 336 
SER OG  HG   sing N N 337 
SER OXT HXT  sing N N 338 
SO4 S   O1   doub N N 339 
SO4 S   O2   doub N N 340 
SO4 S   O3   sing N N 341 
SO4 S   O4   sing N N 342 
THR N   CA   sing N N 343 
THR N   H    sing N N 344 
THR N   H2   sing N N 345 
THR CA  C    sing N N 346 
THR CA  CB   sing N N 347 
THR CA  HA   sing N N 348 
THR C   O    doub N N 349 
THR C   OXT  sing N N 350 
THR CB  OG1  sing N N 351 
THR CB  CG2  sing N N 352 
THR CB  HB   sing N N 353 
THR OG1 HG1  sing N N 354 
THR CG2 HG21 sing N N 355 
THR CG2 HG22 sing N N 356 
THR CG2 HG23 sing N N 357 
THR OXT HXT  sing N N 358 
TYR N   CA   sing N N 359 
TYR N   H    sing N N 360 
TYR N   H2   sing N N 361 
TYR CA  C    sing N N 362 
TYR CA  CB   sing N N 363 
TYR CA  HA   sing N N 364 
TYR C   O    doub N N 365 
TYR C   OXT  sing N N 366 
TYR CB  CG   sing N N 367 
TYR CB  HB2  sing N N 368 
TYR CB  HB3  sing N N 369 
TYR CG  CD1  doub Y N 370 
TYR CG  CD2  sing Y N 371 
TYR CD1 CE1  sing Y N 372 
TYR CD1 HD1  sing N N 373 
TYR CD2 CE2  doub Y N 374 
TYR CD2 HD2  sing N N 375 
TYR CE1 CZ   doub Y N 376 
TYR CE1 HE1  sing N N 377 
TYR CE2 CZ   sing Y N 378 
TYR CE2 HE2  sing N N 379 
TYR CZ  OH   sing N N 380 
TYR OH  HH   sing N N 381 
TYR OXT HXT  sing N N 382 
VAL N   CA   sing N N 383 
VAL N   H    sing N N 384 
VAL N   H2   sing N N 385 
VAL CA  C    sing N N 386 
VAL CA  CB   sing N N 387 
VAL CA  HA   sing N N 388 
VAL C   O    doub N N 389 
VAL C   OXT  sing N N 390 
VAL CB  CG1  sing N N 391 
VAL CB  CG2  sing N N 392 
VAL CB  HB   sing N N 393 
VAL CG1 HG11 sing N N 394 
VAL CG1 HG12 sing N N 395 
VAL CG1 HG13 sing N N 396 
VAL CG2 HG21 sing N N 397 
VAL CG2 HG22 sing N N 398 
VAL CG2 HG23 sing N N 399 
VAL OXT HXT  sing N N 400 
# 
_pdbx_audit_support.funding_organization   'Not funded' 
_pdbx_audit_support.country                ? 
_pdbx_audit_support.grant_number           ? 
_pdbx_audit_support.ordinal                1 
# 
_pdbx_entity_instance_feature.ordinal        1 
_pdbx_entity_instance_feature.comp_id        95O 
_pdbx_entity_instance_feature.asym_id        ? 
_pdbx_entity_instance_feature.seq_num        ? 
_pdbx_entity_instance_feature.auth_comp_id   95O 
_pdbx_entity_instance_feature.auth_asym_id   ? 
_pdbx_entity_instance_feature.auth_seq_num   ? 
_pdbx_entity_instance_feature.feature_type   'SUBJECT OF INVESTIGATION' 
_pdbx_entity_instance_feature.details        ? 
# 
_pdbx_initial_refinement_model.accession_code   ? 
_pdbx_initial_refinement_model.id               1 
_pdbx_initial_refinement_model.entity_id_list   ? 
_pdbx_initial_refinement_model.type             other 
_pdbx_initial_refinement_model.source_name      ? 
_pdbx_initial_refinement_model.details          'internal model' 
# 
_atom_sites.entry_id                    7Q6V 
_atom_sites.Cartn_transf_matrix[1][1]   ? 
_atom_sites.Cartn_transf_matrix[1][2]   ? 
_atom_sites.Cartn_transf_matrix[1][3]   ? 
_atom_sites.Cartn_transf_matrix[2][1]   ? 
_atom_sites.Cartn_transf_matrix[2][2]   ? 
_atom_sites.Cartn_transf_matrix[2][3]   ? 
_atom_sites.Cartn_transf_matrix[3][1]   ? 
_atom_sites.Cartn_transf_matrix[3][2]   ? 
_atom_sites.Cartn_transf_matrix[3][3]   ? 
_atom_sites.Cartn_transf_vector[1]      ? 
_atom_sites.Cartn_transf_vector[2]      ? 
_atom_sites.Cartn_transf_vector[3]      ? 
_atom_sites.fract_transf_matrix[1][1]   0.00705459 
_atom_sites.fract_transf_matrix[1][2]   -0.01082979 
_atom_sites.fract_transf_matrix[1][3]   -0.00677597 
_atom_sites.fract_transf_matrix[2][1]   -0.00240480 
_atom_sites.fract_transf_matrix[2][2]   -0.01385108 
_atom_sites.fract_transf_matrix[2][3]   0.00391782 
_atom_sites.fract_transf_matrix[3][1]   -0.00535487 
_atom_sites.fract_transf_matrix[3][2]   -0.00044572 
_atom_sites.fract_transf_matrix[3][3]   -0.00486268 
_atom_sites.fract_transf_vector[1]      0.398301 
_atom_sites.fract_transf_vector[2]      0.538266 
_atom_sites.fract_transf_vector[3]      0.192009 
_atom_sites.solution_primary            ? 
_atom_sites.solution_secondary          ? 
_atom_sites.solution_hydrogens          ? 
_atom_sites.special_details             ? 
# 
loop_
_atom_type.symbol 
C 
N 
O 
S 
# 
loop_
_atom_site.group_PDB 
_atom_site.id 
_atom_site.type_symbol 
_atom_site.label_atom_id 
_atom_site.label_alt_id 
_atom_site.label_comp_id 
_atom_site.label_asym_id 
_atom_site.label_entity_id 
_atom_site.label_seq_id 
_atom_site.pdbx_PDB_ins_code 
_atom_site.Cartn_x 
_atom_site.Cartn_y 
_atom_site.Cartn_z 
_atom_site.occupancy 
_atom_site.B_iso_or_equiv 
_atom_site.pdbx_formal_charge 
_atom_site.auth_seq_id 
_atom_site.auth_comp_id 
_atom_site.auth_asym_id 
_atom_site.auth_atom_id 
_atom_site.pdbx_PDB_model_num 
ATOM   1    N N   . SER A 1 1   ? -9.054  -13.377 20.824  1.00 53.28  ? 979  SER A N   1 
ATOM   2    C CA  . SER A 1 1   ? -8.366  -13.400 22.114  1.00 53.34  ? 979  SER A CA  1 
ATOM   3    C C   . SER A 1 1   ? -7.345  -12.254 22.248  1.00 58.14  ? 979  SER A C   1 
ATOM   4    O O   . SER A 1 1   ? -7.044  -11.586 21.257  1.00 57.20  ? 979  SER A O   1 
ATOM   5    C CB  . SER A 1 1   ? -7.677  -14.748 22.323  1.00 56.71  ? 979  SER A CB  1 
ATOM   6    O OG  . SER A 1 1   ? -6.583  -14.928 21.436  1.00 63.74  ? 979  SER A OG  1 
ATOM   7    N N   . MET A 1 2   ? -6.808  -12.046 23.473  1.00 55.48  ? 980  MET A N   1 
ATOM   8    C CA  . MET A 1 2   ? -5.790  -11.035 23.780  1.00 55.61  ? 980  MET A CA  1 
ATOM   9    C C   . MET A 1 2   ? -4.491  -11.312 23.005  1.00 53.03  ? 980  MET A C   1 
ATOM   10   O O   . MET A 1 2   ? -3.866  -10.373 22.516  1.00 52.19  ? 980  MET A O   1 
ATOM   11   C CB  . MET A 1 2   ? -5.509  -10.985 25.297  1.00 59.30  ? 980  MET A CB  1 
ATOM   12   C CG  . MET A 1 2   ? -5.838  -9.647  25.938  1.00 65.06  ? 980  MET A CG  1 
ATOM   13   S SD  . MET A 1 2   ? -4.393  -8.566  26.190  1.00 71.51  ? 980  MET A SD  1 
ATOM   14   C CE  . MET A 1 2   ? -4.414  -7.620  24.651  1.00 68.00  ? 980  MET A CE  1 
ATOM   15   N N   . GLN A 1 3   ? -4.098  -12.597 22.885  1.00 45.31  ? 981  GLN A N   1 
ATOM   16   C CA  . GLN A 1 3   ? -2.910  -13.013 22.132  1.00 43.75  ? 981  GLN A CA  1 
ATOM   17   C C   . GLN A 1 3   ? -3.094  -12.673 20.635  1.00 40.67  ? 981  GLN A C   1 
ATOM   18   O O   . GLN A 1 3   ? -2.147  -12.227 19.988  1.00 39.43  ? 981  GLN A O   1 
ATOM   19   C CB  . GLN A 1 3   ? -2.607  -14.520 22.324  1.00 45.46  ? 981  GLN A CB  1 
ATOM   20   C CG  . GLN A 1 3   ? -2.102  -14.903 23.730  1.00 63.89  ? 981  GLN A CG  1 
ATOM   21   C CD  . GLN A 1 3   ? -3.175  -14.949 24.808  1.00 86.13  ? 981  GLN A CD  1 
ATOM   22   O OE1 . GLN A 1 3   ? -4.383  -15.027 24.542  1.00 78.74  ? 981  GLN A OE1 1 
ATOM   23   N NE2 . GLN A 1 3   ? -2.752  -14.908 26.063  1.00 82.28  ? 981  GLN A NE2 1 
ATOM   24   N N   . GLU A 1 4   ? -4.322  -12.863 20.113  1.00 32.49  ? 982  GLU A N   1 
ATOM   25   C CA  . GLU A 1 4   ? -4.692  -12.541 18.733  1.00 30.19  ? 982  GLU A CA  1 
ATOM   26   C C   . GLU A 1 4   ? -4.663  -11.033 18.497  1.00 30.65  ? 982  GLU A C   1 
ATOM   27   O O   . GLU A 1 4   ? -4.191  -10.594 17.446  1.00 27.91  ? 982  GLU A O   1 
ATOM   28   C CB  . GLU A 1 4   ? -6.057  -13.123 18.383  1.00 30.77  ? 982  GLU A CB  1 
ATOM   29   C CG  . GLU A 1 4   ? -5.988  -14.624 18.145  1.00 39.37  ? 982  GLU A CG  1 
ATOM   30   C CD  . GLU A 1 4   ? -7.322  -15.332 18.030  1.00 51.82  ? 982  GLU A CD  1 
ATOM   31   O OE1 . GLU A 1 4   ? -8.378  -14.674 18.178  1.00 41.51  ? 982  GLU A OE1 1 
ATOM   32   O OE2 . GLU A 1 4   ? -7.305  -16.561 17.798  1.00 35.72  ? 982  GLU A OE2 1 
ATOM   33   N N   . GLU A 1 5   ? -5.144  -10.240 19.475  1.00 25.51  ? 983  GLU A N   1 
ATOM   34   C CA  . GLU A 1 5   ? -5.089  -8.782  19.351  1.00 26.41  ? 983  GLU A CA  1 
ATOM   35   C C   . GLU A 1 5   ? -3.638  -8.266  19.396  1.00 25.90  ? 983  GLU A C   1 
ATOM   36   O O   . GLU A 1 5   ? -3.323  -7.297  18.713  1.00 23.52  ? 983  GLU A O   1 
ATOM   37   C CB  . GLU A 1 5   ? -6.003  -8.071  20.374  1.00 28.90  ? 983  GLU A CB  1 
ATOM   38   C CG  . GLU A 1 5   ? -7.496  -8.291  20.125  1.00 45.69  ? 983  GLU A CG  1 
ATOM   39   C CD  . GLU A 1 5   ? -7.990  -8.283  18.683  1.00 74.83  ? 983  GLU A CD  1 
ATOM   40   O OE1 . GLU A 1 5   ? -7.698  -7.313  17.942  1.00 75.32  ? 983  GLU A OE1 1 
ATOM   41   O OE2 . GLU A 1 5   ? -8.678  -9.257  18.296  1.00 69.49  ? 983  GLU A OE2 1 
ATOM   42   N N   . ASP A 1 6   ? -2.757  -8.943  20.159  1.00 21.75  ? 984  ASP A N   1 
ATOM   43   C CA  . ASP A 1 6   ? -1.331  -8.633  20.219  1.00 21.99  ? 984  ASP A CA  1 
ATOM   44   C C   . ASP A 1 6   ? -0.700  -8.922  18.840  1.00 23.89  ? 984  ASP A C   1 
ATOM   45   O O   . ASP A 1 6   ? 0.142   -8.152  18.386  1.00 23.01  ? 984  ASP A O   1 
ATOM   46   C CB  . ASP A 1 6   ? -0.641  -9.487  21.285  1.00 24.32  ? 984  ASP A CB  1 
ATOM   47   C CG  . ASP A 1 6   ? -0.940  -9.074  22.721  1.00 35.03  ? 984  ASP A CG  1 
ATOM   48   O OD1 . ASP A 1 6   ? -1.580  -8.021  22.918  1.00 34.60  ? 984  ASP A OD1 1 
ATOM   49   O OD2 . ASP A 1 6   ? -0.542  -9.806  23.635  1.00 41.37  ? 984  ASP A OD2 1 
ATOM   50   N N   . THR A 1 7   ? -1.134  -10.017 18.180  1.00 19.18  ? 985  THR A N   1 
ATOM   51   C CA  . THR A 1 7   ? -0.657  -10.385 16.838  1.00 18.85  ? 985  THR A CA  1 
ATOM   52   C C   . THR A 1 7   ? -1.001  -9.280  15.834  1.00 20.60  ? 985  THR A C   1 
ATOM   53   O O   . THR A 1 7   ? -0.107  -8.777  15.161  1.00 18.38  ? 985  THR A O   1 
ATOM   54   C CB  . THR A 1 7   ? -1.189  -11.761 16.413  1.00 21.71  ? 985  THR A CB  1 
ATOM   55   O OG1 . THR A 1 7   ? -0.749  -12.725 17.370  1.00 25.12  ? 985  THR A OG1 1 
ATOM   56   C CG2 . THR A 1 7   ? -0.684  -12.170 15.028  1.00 19.17  ? 985  THR A CG2 1 
ATOM   57   N N   . PHE A 1 8   ? -2.286  -8.892  15.755  1.00 18.26  ? 986  PHE A N   1 
ATOM   58   C CA  . PHE A 1 8   ? -2.714  -7.832  14.844  1.00 18.83  ? 986  PHE A CA  1 
ATOM   59   C C   . PHE A 1 8   ? -2.078  -6.502  15.186  1.00 21.59  ? 986  PHE A C   1 
ATOM   60   O O   . PHE A 1 8   ? -1.812  -5.738  14.275  1.00 20.18  ? 986  PHE A O   1 
ATOM   61   C CB  . PHE A 1 8   ? -4.249  -7.738  14.742  1.00 21.30  ? 986  PHE A CB  1 
ATOM   62   C CG  . PHE A 1 8   ? -4.879  -8.972  14.130  1.00 22.94  ? 986  PHE A CG  1 
ATOM   63   C CD1 . PHE A 1 8   ? -4.386  -9.513  12.940  1.00 24.73  ? 986  PHE A CD1 1 
ATOM   64   C CD2 . PHE A 1 8   ? -6.001  -9.557  14.709  1.00 25.25  ? 986  PHE A CD2 1 
ATOM   65   C CE1 . PHE A 1 8   ? -4.971  -10.648 12.372  1.00 25.33  ? 986  PHE A CE1 1 
ATOM   66   C CE2 . PHE A 1 8   ? -6.608  -10.673 14.125  1.00 26.88  ? 986  PHE A CE2 1 
ATOM   67   C CZ  . PHE A 1 8   ? -6.083  -11.222 12.972  1.00 25.24  ? 986  PHE A CZ  1 
ATOM   68   N N   . ARG A 1 9   ? -1.790  -6.231  16.475  1.00 17.51  ? 987  ARG A N   1 
ATOM   69   C CA  . ARG A 1 9   ? -1.133  -4.959  16.844  1.00 17.31  ? 987  ARG A CA  1 
ATOM   70   C C   . ARG A 1 9   ? 0.303   -4.943  16.300  1.00 18.16  ? 987  ARG A C   1 
ATOM   71   O O   . ARG A 1 9   ? 0.732   -3.929  15.733  1.00 15.47  ? 987  ARG A O   1 
ATOM   72   C CB  . ARG A 1 9   ? -1.130  -4.753  18.357  1.00 17.84  ? 987  ARG A CB  1 
ATOM   73   C CG  . ARG A 1 9   ? -0.549  -3.396  18.713  1.00 26.27  ? 987  ARG A CG  1 
ATOM   74   C CD  . ARG A 1 9   ? -0.939  -2.924  20.091  1.00 29.00  ? 987  ARG A CD  1 
ATOM   75   N NE  . ARG A 1 9   ? -0.456  -1.560  20.286  1.00 33.67  ? 987  ARG A NE  1 
ATOM   76   C CZ  . ARG A 1 9   ? 0.708   -1.239  20.847  1.00 49.57  ? 987  ARG A CZ  1 
ATOM   77   N NH1 . ARG A 1 9   ? 1.529   -2.192  21.290  1.00 36.56  ? 987  ARG A NH1 1 
ATOM   78   N NH2 . ARG A 1 9   ? 1.052   0.029   20.989  1.00 35.67  ? 987  ARG A NH2 1 
ATOM   79   N N   . GLU A 1 10  ? 1.023   -6.080  16.431  1.00 14.48  ? 988  GLU A N   1 
ATOM   80   C CA  . GLU A 1 10  ? 2.372   -6.198  15.862  1.00 13.23  ? 988  GLU A CA  1 
ATOM   81   C C   . GLU A 1 10  ? 2.309   -6.023  14.327  1.00 17.26  ? 988  GLU A C   1 
ATOM   82   O O   . GLU A 1 10  ? 3.157   -5.338  13.744  1.00 16.03  ? 988  GLU A O   1 
ATOM   83   C CB  . GLU A 1 10  ? 3.031   -7.543  16.222  1.00 13.82  ? 988  GLU A CB  1 
ATOM   84   C CG  . GLU A 1 10  ? 4.402   -7.660  15.565  1.00 16.30  ? 988  GLU A CG  1 
ATOM   85   C CD  . GLU A 1 10  ? 5.296   -8.723  16.149  1.00 27.03  ? 988  GLU A CD  1 
ATOM   86   O OE1 . GLU A 1 10  ? 6.400   -8.923  15.599  1.00 18.40  ? 988  GLU A OE1 1 
ATOM   87   O OE2 . GLU A 1 10  ? 4.912   -9.341  17.165  1.00 18.85  ? 988  GLU A OE2 1 
ATOM   88   N N   . LEU A 1 11  ? 1.306   -6.655  13.674  1.00 14.55  ? 989  LEU A N   1 
ATOM   89   C CA  . LEU A 1 11  ? 1.124   -6.497  12.240  1.00 14.69  ? 989  LEU A CA  1 
ATOM   90   C C   . LEU A 1 11  ? 0.985   -5.008  11.881  1.00 18.41  ? 989  LEU A C   1 
ATOM   91   O O   . LEU A 1 11  ? 1.644   -4.558  10.949  1.00 17.01  ? 989  LEU A O   1 
ATOM   92   C CB  . LEU A 1 11  ? -0.111  -7.284  11.739  1.00 14.71  ? 989  LEU A CB  1 
ATOM   93   C CG  . LEU A 1 11  ? -0.526  -7.001  10.281  1.00 18.47  ? 989  LEU A CG  1 
ATOM   94   C CD1 . LEU A 1 11  ? 0.514   -7.532  9.289   1.00 18.08  ? 989  LEU A CD1 1 
ATOM   95   C CD2 . LEU A 1 11  ? -1.843  -7.644  9.986   1.00 20.70  ? 989  LEU A CD2 1 
ATOM   96   N N   . ARG A 1 12  ? 0.127   -4.259  12.607  1.00 15.88  ? 990  ARG A N   1 
ATOM   97   C CA  . ARG A 1 12  ? -0.083  -2.826  12.343  1.00 14.40  ? 990  ARG A CA  1 
ATOM   98   C C   . ARG A 1 12  ? 1.205   -2.029  12.489  1.00 17.79  ? 990  ARG A C   1 
ATOM   99   O O   . ARG A 1 12  ? 1.476   -1.153  11.666  1.00 17.04  ? 990  ARG A O   1 
ATOM   100  C CB  . ARG A 1 12  ? -1.181  -2.242  13.261  1.00 13.61  ? 990  ARG A CB  1 
ATOM   101  C CG  . ARG A 1 12  ? -2.584  -2.763  12.938  1.00 16.98  ? 990  ARG A CG  1 
ATOM   102  C CD  . ARG A 1 12  ? -3.659  -1.942  13.646  1.00 19.35  ? 990  ARG A CD  1 
ATOM   103  N NE  . ARG A 1 12  ? -3.556  -1.943  15.117  1.00 17.25  ? 990  ARG A NE  1 
ATOM   104  C CZ  . ARG A 1 12  ? -4.108  -2.848  15.921  1.00 22.93  ? 990  ARG A CZ  1 
ATOM   105  N NH1 . ARG A 1 12  ? -4.742  -3.894  15.414  1.00 15.72  ? 990  ARG A NH1 1 
ATOM   106  N NH2 . ARG A 1 12  ? -4.010  -2.722  17.238  1.00 18.73  ? 990  ARG A NH2 1 
ATOM   107  N N   . ILE A 1 13  ? 1.998   -2.328  13.526  1.00 14.53  ? 991  ILE A N   1 
ATOM   108  C CA  . ILE A 1 13  ? 3.288   -1.658  13.775  1.00 14.48  ? 991  ILE A CA  1 
ATOM   109  C C   . ILE A 1 13  ? 4.207   -1.948  12.586  1.00 16.38  ? 991  ILE A C   1 
ATOM   110  O O   . ILE A 1 13  ? 4.827   -1.026  12.068  1.00 14.55  ? 991  ILE A O   1 
ATOM   111  C CB  . ILE A 1 13  ? 3.913   -2.078  15.135  1.00 16.98  ? 991  ILE A CB  1 
ATOM   112  C CG1 . ILE A 1 13  ? 3.076   -1.496  16.325  1.00 17.88  ? 991  ILE A CG1 1 
ATOM   113  C CG2 . ILE A 1 13  ? 5.379   -1.622  15.251  1.00 16.75  ? 991  ILE A CG2 1 
ATOM   114  C CD1 . ILE A 1 13  ? 3.224   -2.293  17.620  1.00 18.49  ? 991  ILE A CD1 1 
ATOM   115  N N   . PHE A 1 14  ? 4.283   -3.214  12.163  1.00 13.67  ? 992  PHE A N   1 
ATOM   116  C CA  . PHE A 1 14  ? 5.121   -3.608  11.033  1.00 13.47  ? 992  PHE A CA  1 
ATOM   117  C C   . PHE A 1 14  ? 4.662   -2.890  9.754   1.00 15.34  ? 992  PHE A C   1 
ATOM   118  O O   . PHE A 1 14  ? 5.497   -2.349  9.031   1.00 15.24  ? 992  PHE A O   1 
ATOM   119  C CB  . PHE A 1 14  ? 5.154   -5.148  10.872  1.00 16.28  ? 992  PHE A CB  1 
ATOM   120  C CG  . PHE A 1 14  ? 5.826   -5.623  9.599   1.00 18.51  ? 992  PHE A CG  1 
ATOM   121  C CD1 . PHE A 1 14  ? 7.218   -5.659  9.495   1.00 20.58  ? 992  PHE A CD1 1 
ATOM   122  C CD2 . PHE A 1 14  ? 5.071   -5.987  8.491   1.00 20.39  ? 992  PHE A CD2 1 
ATOM   123  C CE1 . PHE A 1 14  ? 7.839   -6.042  8.297   1.00 21.18  ? 992  PHE A CE1 1 
ATOM   124  C CE2 . PHE A 1 14  ? 5.695   -6.389  7.301   1.00 23.11  ? 992  PHE A CE2 1 
ATOM   125  C CZ  . PHE A 1 14  ? 7.073   -6.414  7.214   1.00 20.80  ? 992  PHE A CZ  1 
ATOM   126  N N   . LEU A 1 15  ? 3.350   -2.862  9.492   1.00 12.30  ? 993  LEU A N   1 
ATOM   127  C CA  . LEU A 1 15  ? 2.792   -2.183  8.309   1.00 12.28  ? 993  LEU A CA  1 
ATOM   128  C C   . LEU A 1 15  ? 3.010   -0.683  8.315   1.00 16.89  ? 993  LEU A C   1 
ATOM   129  O O   . LEU A 1 15  ? 3.338   -0.125  7.256   1.00 14.24  ? 993  LEU A O   1 
ATOM   130  C CB  . LEU A 1 15  ? 1.313   -2.518  8.078   1.00 12.12  ? 993  LEU A CB  1 
ATOM   131  C CG  . LEU A 1 15  ? 0.985   -3.995  7.778   1.00 16.04  ? 993  LEU A CG  1 
ATOM   132  C CD1 . LEU A 1 15  ? -0.518  -4.153  7.558   1.00 15.61  ? 993  LEU A CD1 1 
ATOM   133  C CD2 . LEU A 1 15  ? 1.789   -4.529  6.557   1.00 13.74  ? 993  LEU A CD2 1 
ATOM   134  N N   . ARG A 1 16  ? 2.865   -0.018  9.489   1.00 14.14  ? 994  ARG A N   1 
ATOM   135  C CA  . ARG A 1 16  ? 3.149   1.427   9.564   1.00 15.19  ? 994  ARG A CA  1 
ATOM   136  C C   . ARG A 1 16  ? 4.620   1.722   9.236   1.00 16.65  ? 994  ARG A C   1 
ATOM   137  O O   . ARG A 1 16  ? 4.897   2.686   8.524   1.00 14.81  ? 994  ARG A O   1 
ATOM   138  C CB  . ARG A 1 16  ? 2.884   1.978   10.975  1.00 19.77  ? 994  ARG A CB  1 
ATOM   139  C CG  . ARG A 1 16  ? 1.483   2.455   11.172  1.00 25.73  ? 994  ARG A CG  1 
ATOM   140  C CD  . ARG A 1 16  ? 1.312   3.109   12.533  1.00 20.79  ? 994  ARG A CD  1 
ATOM   141  N NE  . ARG A 1 16  ? -0.017  2.762   13.004  1.00 18.59  ? 994  ARG A NE  1 
ATOM   142  C CZ  . ARG A 1 16  ? -0.307  1.785   13.853  1.00 27.66  ? 994  ARG A CZ  1 
ATOM   143  N NH1 . ARG A 1 16  ? 0.665   1.109   14.462  1.00 18.94  ? 994  ARG A NH1 1 
ATOM   144  N NH2 . ARG A 1 16  ? -1.572  1.495   14.125  1.00 19.79  ? 994  ARG A NH2 1 
ATOM   145  N N   . ASN A 1 17  ? 5.551   0.927   9.774   1.00 13.59  ? 995  ASN A N   1 
ATOM   146  C CA  . ASN A 1 17  ? 6.992   1.149   9.526   1.00 14.54  ? 995  ASN A CA  1 
ATOM   147  C C   . ASN A 1 17  ? 7.323   1.014   8.029   1.00 17.82  ? 995  ASN A C   1 
ATOM   148  O O   . ASN A 1 17  ? 7.976   1.907   7.483   1.00 16.66  ? 995  ASN A O   1 
ATOM   149  C CB  . ASN A 1 17  ? 7.852   0.207   10.375  1.00 17.53  ? 995  ASN A CB  1 
ATOM   150  C CG  . ASN A 1 17  ? 9.322   0.249   10.024  1.00 32.42  ? 995  ASN A CG  1 
ATOM   151  O OD1 . ASN A 1 17  ? 9.790   -0.548  9.235   1.00 19.63  ? 995  ASN A OD1 1 
ATOM   152  N ND2 . ASN A 1 17  ? 10.090  1.165   10.620  1.00 28.80  ? 995  ASN A ND2 1 
ATOM   153  N N   . VAL A 1 18  ? 6.869   -0.085  7.370   1.00 15.62  ? 996  VAL A N   1 
ATOM   154  C CA  . VAL A 1 18  ? 7.072   -0.269  5.919   1.00 14.86  ? 996  VAL A CA  1 
ATOM   155  C C   . VAL A 1 18  ? 6.472   0.955   5.158   1.00 17.49  ? 996  VAL A C   1 
ATOM   156  O O   . VAL A 1 18  ? 7.132   1.521   4.290   1.00 14.95  ? 996  VAL A O   1 
ATOM   157  C CB  . VAL A 1 18  ? 6.472   -1.601  5.394   1.00 18.03  ? 996  VAL A CB  1 
ATOM   158  C CG1 . VAL A 1 18  ? 6.658   -1.740  3.873   1.00 17.81  ? 996  VAL A CG1 1 
ATOM   159  C CG2 . VAL A 1 18  ? 7.080   -2.800  6.118   1.00 17.61  ? 996  VAL A CG2 1 
ATOM   160  N N   . THR A 1 19  ? 5.246   1.372   5.517   1.00 14.78  ? 997  THR A N   1 
ATOM   161  C CA  . THR A 1 19  ? 4.565   2.487   4.821   1.00 13.98  ? 997  THR A CA  1 
ATOM   162  C C   . THR A 1 19  ? 5.337   3.788   4.999   1.00 16.74  ? 997  THR A C   1 
ATOM   163  O O   . THR A 1 19  ? 5.488   4.525   4.034   1.00 17.02  ? 997  THR A O   1 
ATOM   164  C CB  . THR A 1 19  ? 3.070   2.592   5.216   1.00 18.93  ? 997  THR A CB  1 
ATOM   165  O OG1 . THR A 1 19  ? 2.469   1.281   5.161   1.00 17.06  ? 997  THR A OG1 1 
ATOM   166  C CG2 . THR A 1 19  ? 2.296   3.535   4.289   1.00 16.24  ? 997  THR A CG2 1 
ATOM   167  N N   . HIS A 1 20  ? 5.852   4.043   6.207   1.00 14.73  ? 998  HIS A N   1 
ATOM   168  C CA  . HIS A 1 20  ? 6.655   5.237   6.500   1.00 16.38  ? 998  HIS A CA  1 
ATOM   169  C C   . HIS A 1 20  ? 7.922   5.266   5.634   1.00 17.69  ? 998  HIS A C   1 
ATOM   170  O O   . HIS A 1 20  ? 8.249   6.296   5.064   1.00 16.30  ? 998  HIS A O   1 
ATOM   171  C CB  . HIS A 1 20  ? 7.006   5.295   8.003   1.00 18.80  ? 998  HIS A CB  1 
ATOM   172  C CG  . HIS A 1 20  ? 7.999   6.364   8.333   1.00 23.40  ? 998  HIS A CG  1 
ATOM   173  N ND1 . HIS A 1 20  ? 7.645   7.709   8.325   1.00 26.19  ? 998  HIS A ND1 1 
ATOM   174  C CD2 . HIS A 1 20  ? 9.312   6.255   8.639   1.00 25.89  ? 998  HIS A CD2 1 
ATOM   175  C CE1 . HIS A 1 20  ? 8.744   8.371   8.656   1.00 25.78  ? 998  HIS A CE1 1 
ATOM   176  N NE2 . HIS A 1 20  ? 9.776   7.536   8.853   1.00 26.39  ? 998  HIS A NE2 1 
ATOM   177  N N   . ARG A 1 21  ? 8.605   4.132   5.497   1.00 15.27  ? 999  ARG A N   1 
ATOM   178  C CA  . ARG A 1 21  ? 9.813   4.039   4.670   1.00 15.45  ? 999  ARG A CA  1 
ATOM   179  C C   . ARG A 1 21  ? 9.533   4.314   3.186   1.00 18.44  ? 999  ARG A C   1 
ATOM   180  O O   . ARG A 1 21  ? 10.351  4.928   2.512   1.00 20.31  ? 999  ARG A O   1 
ATOM   181  C CB  . ARG A 1 21  ? 10.505  2.696   4.905   1.00 15.42  ? 999  ARG A CB  1 
ATOM   182  C CG  . ARG A 1 21  ? 11.156  2.649   6.295   1.00 16.90  ? 999  ARG A CG  1 
ATOM   183  C CD  . ARG A 1 21  ? 11.223  1.226   6.840   1.00 18.09  ? 999  ARG A CD  1 
ATOM   184  N NE  . ARG A 1 21  ? 12.161  0.429   6.074   1.00 14.97  ? 999  ARG A NE  1 
ATOM   185  C CZ  . ARG A 1 21  ? 12.333  -0.875  6.221   1.00 22.29  ? 999  ARG A CZ  1 
ATOM   186  N NH1 . ARG A 1 21  ? 11.613  -1.554  7.111   1.00 14.92  ? 999  ARG A NH1 1 
ATOM   187  N NH2 . ARG A 1 21  ? 13.218  -1.516  5.476   1.00 16.09  ? 999  ARG A NH2 1 
ATOM   188  N N   . LEU A 1 22  ? 8.350   3.938   2.697   1.00 14.44  ? 1000 LEU A N   1 
ATOM   189  C CA  . LEU A 1 22  ? 7.949   4.251   1.321   1.00 14.01  ? 1000 LEU A CA  1 
ATOM   190  C C   . LEU A 1 22  ? 7.644   5.747   1.218   1.00 19.68  ? 1000 LEU A C   1 
ATOM   191  O O   . LEU A 1 22  ? 8.102   6.406   0.279   1.00 19.87  ? 1000 LEU A O   1 
ATOM   192  C CB  . LEU A 1 22  ? 6.700   3.446   0.914   1.00 13.26  ? 1000 LEU A CB  1 
ATOM   193  C CG  . LEU A 1 22  ? 6.813   1.896   0.903   1.00 17.92  ? 1000 LEU A CG  1 
ATOM   194  C CD1 . LEU A 1 22  ? 5.452   1.275   0.526   1.00 16.79  ? 1000 LEU A CD1 1 
ATOM   195  C CD2 . LEU A 1 22  ? 7.891   1.416   -0.112  1.00 19.51  ? 1000 LEU A CD2 1 
ATOM   196  N N   . ALA A 1 23  ? 6.906   6.285   2.202   1.00 16.65  ? 1001 ALA A N   1 
ATOM   197  C CA  . ALA A 1 23  ? 6.484   7.680   2.236   1.00 16.42  ? 1001 ALA A CA  1 
ATOM   198  C C   . ALA A 1 23  ? 7.618   8.700   2.282   1.00 21.95  ? 1001 ALA A C   1 
ATOM   199  O O   . ALA A 1 23  ? 7.426   9.798   1.776   1.00 21.20  ? 1001 ALA A O   1 
ATOM   200  C CB  . ALA A 1 23  ? 5.512   7.922   3.389   1.00 16.35  ? 1001 ALA A CB  1 
ATOM   201  N N   . ILE A 1 24  ? 8.752   8.374   2.915   1.00 19.34  ? 1002 ILE A N   1 
ATOM   202  C CA  . ILE A 1 24  ? 9.890   9.304   3.003   1.00 20.72  ? 1002 ILE A CA  1 
ATOM   203  C C   . ILE A 1 24  ? 10.790  9.198   1.753   1.00 25.80  ? 1002 ILE A C   1 
ATOM   204  O O   . ILE A 1 24  ? 11.723  9.999   1.599   1.00 27.17  ? 1002 ILE A O   1 
ATOM   205  C CB  . ILE A 1 24  ? 10.711  9.135   4.322   1.00 23.21  ? 1002 ILE A CB  1 
ATOM   206  C CG1 . ILE A 1 24  ? 11.376  7.738   4.393   1.00 21.84  ? 1002 ILE A CG1 1 
ATOM   207  C CG2 . ILE A 1 24  ? 9.855   9.468   5.555   1.00 23.70  ? 1002 ILE A CG2 1 
ATOM   208  C CD1 . ILE A 1 24  ? 12.370  7.445   5.624   1.00 23.92  ? 1002 ILE A CD1 1 
ATOM   209  N N   . ASP A 1 25  ? 10.558  8.181   0.893   1.00 20.63  ? 1003 ASP A N   1 
ATOM   210  C CA  . ASP A 1 25  ? 11.362  8.038   -0.325  1.00 19.66  ? 1003 ASP A CA  1 
ATOM   211  C C   . ASP A 1 25  ? 10.895  9.090   -1.351  1.00 27.04  ? 1003 ASP A C   1 
ATOM   212  O O   . ASP A 1 25  ? 9.711   9.106   -1.733  1.00 24.85  ? 1003 ASP A O   1 
ATOM   213  C CB  . ASP A 1 25  ? 11.307  6.605   -0.872  1.00 20.63  ? 1003 ASP A CB  1 
ATOM   214  C CG  . ASP A 1 25  ? 12.317  6.299   -1.977  1.00 23.46  ? 1003 ASP A CG  1 
ATOM   215  O OD1 . ASP A 1 25  ? 12.425  7.103   -2.918  1.00 23.96  ? 1003 ASP A OD1 1 
ATOM   216  O OD2 . ASP A 1 25  ? 12.849  5.179   -1.993  1.00 26.13  ? 1003 ASP A OD2 1 
ATOM   217  N N   . LYS A 1 26  ? 11.827  10.023  -1.744  1.00 25.12  ? 1004 LYS A N   1 
ATOM   218  C CA  . LYS A 1 26  ? 11.571  11.142  -2.685  1.00 24.48  ? 1004 LYS A CA  1 
ATOM   219  C C   . LYS A 1 26  ? 10.919  10.725  -3.993  1.00 25.70  ? 1004 LYS A C   1 
ATOM   220  O O   . LYS A 1 26  ? 10.079  11.456  -4.498  1.00 27.21  ? 1004 LYS A O   1 
ATOM   221  C CB  . LYS A 1 26  ? 12.868  11.914  -2.990  1.00 28.35  ? 1004 LYS A CB  1 
ATOM   222  C CG  . LYS A 1 26  ? 13.007  13.208  -2.199  1.00 55.60  ? 1004 LYS A CG  1 
ATOM   223  C CD  . LYS A 1 26  ? 14.363  13.867  -2.462  1.00 72.73  ? 1004 LYS A CD  1 
ATOM   224  C CE  . LYS A 1 26  ? 14.653  15.006  -1.512  1.00 89.79  ? 1004 LYS A CE  1 
ATOM   225  N NZ  . LYS A 1 26  ? 16.041  15.521  -1.674  1.00 100.17 ? 1004 LYS A NZ  1 
ATOM   226  N N   . ARG A 1 27  ? 11.271  9.553   -4.525  1.00 22.71  ? 1005 ARG A N   1 
ATOM   227  C CA  . ARG A 1 27  ? 10.689  9.027   -5.767  1.00 22.88  ? 1005 ARG A CA  1 
ATOM   228  C C   . ARG A 1 27  ? 9.188   8.820   -5.653  1.00 28.85  ? 1005 ARG A C   1 
ATOM   229  O O   . ARG A 1 27  ? 8.510   8.838   -6.680  1.00 28.67  ? 1005 ARG A O   1 
ATOM   230  C CB  . ARG A 1 27  ? 11.274  7.656   -6.120  1.00 22.33  ? 1005 ARG A CB  1 
ATOM   231  C CG  . ARG A 1 27  ? 12.755  7.588   -6.433  1.00 27.01  ? 1005 ARG A CG  1 
ATOM   232  C CD  . ARG A 1 27  ? 13.131  6.123   -6.632  1.00 29.67  ? 1005 ARG A CD  1 
ATOM   233  N NE  . ARG A 1 27  ? 13.114  5.358   -5.380  1.00 28.64  ? 1005 ARG A NE  1 
ATOM   234  C CZ  . ARG A 1 27  ? 13.360  4.056   -5.300  1.00 37.42  ? 1005 ARG A CZ  1 
ATOM   235  N NH1 . ARG A 1 27  ? 13.635  3.356   -6.394  1.00 26.87  ? 1005 ARG A NH1 1 
ATOM   236  N NH2 . ARG A 1 27  ? 13.333  3.441   -4.124  1.00 27.64  ? 1005 ARG A NH2 1 
ATOM   237  N N   . PHE A 1 28  ? 8.669   8.600   -4.414  1.00 23.82  ? 1006 PHE A N   1 
ATOM   238  C CA  . PHE A 1 28  ? 7.274   8.218   -4.163  1.00 21.64  ? 1006 PHE A CA  1 
ATOM   239  C C   . PHE A 1 28  ? 6.383   9.342   -3.652  1.00 25.03  ? 1006 PHE A C   1 
ATOM   240  O O   . PHE A 1 28  ? 5.226   9.091   -3.266  1.00 23.82  ? 1006 PHE A O   1 
ATOM   241  C CB  . PHE A 1 28  ? 7.220   6.988   -3.221  1.00 21.14  ? 1006 PHE A CB  1 
ATOM   242  C CG  . PHE A 1 28  ? 8.107   5.834   -3.646  1.00 21.34  ? 1006 PHE A CG  1 
ATOM   243  C CD1 . PHE A 1 28  ? 8.340   5.565   -4.997  1.00 22.74  ? 1006 PHE A CD1 1 
ATOM   244  C CD2 . PHE A 1 28  ? 8.700   5.005   -2.702  1.00 20.10  ? 1006 PHE A CD2 1 
ATOM   245  C CE1 . PHE A 1 28  ? 9.210   4.548   -5.382  1.00 22.68  ? 1006 PHE A CE1 1 
ATOM   246  C CE2 . PHE A 1 28  ? 9.526   3.948   -3.096  1.00 21.52  ? 1006 PHE A CE2 1 
ATOM   247  C CZ  . PHE A 1 28  ? 9.788   3.733   -4.431  1.00 20.32  ? 1006 PHE A CZ  1 
ATOM   248  N N   . ARG A 1 29  ? 6.873   10.592  -3.738  1.00 22.49  ? 1007 ARG A N   1 
ATOM   249  C CA  . ARG A 1 29  ? 6.160   11.784  -3.277  1.00 23.03  ? 1007 ARG A CA  1 
ATOM   250  C C   . ARG A 1 29  ? 4.727   11.908  -3.803  1.00 26.03  ? 1007 ARG A C   1 
ATOM   251  O O   . ARG A 1 29  ? 3.832   12.241  -3.030  1.00 27.46  ? 1007 ARG A O   1 
ATOM   252  C CB  . ARG A 1 29  ? 6.965   13.052  -3.620  1.00 27.25  ? 1007 ARG A CB  1 
ATOM   253  C CG  . ARG A 1 29  ? 6.377   14.358  -3.072  1.00 41.38  ? 1007 ARG A CG  1 
ATOM   254  C CD  . ARG A 1 29  ? 7.153   15.573  -3.559  1.00 51.95  ? 1007 ARG A CD  1 
ATOM   255  N NE  . ARG A 1 29  ? 6.970   15.782  -4.997  1.00 63.46  ? 1007 ARG A NE  1 
ATOM   256  C CZ  . ARG A 1 29  ? 6.029   16.553  -5.532  1.00 74.81  ? 1007 ARG A CZ  1 
ATOM   257  N NH1 . ARG A 1 29  ? 5.192   17.228  -4.752  1.00 60.56  ? 1007 ARG A NH1 1 
ATOM   258  N NH2 . ARG A 1 29  ? 5.925   16.662  -6.849  1.00 60.50  ? 1007 ARG A NH2 1 
ATOM   259  N N   . VAL A 1 30  ? 4.507   11.637  -5.096  1.00 22.28  ? 1008 VAL A N   1 
ATOM   260  C CA  . VAL A 1 30  ? 3.181   11.821  -5.694  1.00 22.08  ? 1008 VAL A CA  1 
ATOM   261  C C   . VAL A 1 30  ? 2.181   10.717  -5.249  1.00 24.68  ? 1008 VAL A C   1 
ATOM   262  O O   . VAL A 1 30  ? 0.993   10.814  -5.566  1.00 22.82  ? 1008 VAL A O   1 
ATOM   263  C CB  . VAL A 1 30  ? 3.209   12.026  -7.238  1.00 25.29  ? 1008 VAL A CB  1 
ATOM   264  C CG1 . VAL A 1 30  ? 4.055   13.258  -7.617  1.00 26.21  ? 1008 VAL A CG1 1 
ATOM   265  C CG2 . VAL A 1 30  ? 3.707   10.789  -7.958  1.00 23.57  ? 1008 VAL A CG2 1 
ATOM   266  N N   . PHE A 1 31  ? 2.660   9.713   -4.483  1.00 21.03  ? 1009 PHE A N   1 
ATOM   267  C CA  . PHE A 1 31  ? 1.818   8.644   -3.936  1.00 20.75  ? 1009 PHE A CA  1 
ATOM   268  C C   . PHE A 1 31  ? 1.566   8.804   -2.436  1.00 22.79  ? 1009 PHE A C   1 
ATOM   269  O O   . PHE A 1 31  ? 0.946   7.922   -1.846  1.00 21.37  ? 1009 PHE A O   1 
ATOM   270  C CB  . PHE A 1 31  ? 2.438   7.269   -4.217  1.00 23.18  ? 1009 PHE A CB  1 
ATOM   271  C CG  . PHE A 1 31  ? 2.890   7.091   -5.651  1.00 25.49  ? 1009 PHE A CG  1 
ATOM   272  C CD1 . PHE A 1 31  ? 1.969   6.837   -6.665  1.00 27.57  ? 1009 PHE A CD1 1 
ATOM   273  C CD2 . PHE A 1 31  ? 4.237   7.175   -5.985  1.00 28.85  ? 1009 PHE A CD2 1 
ATOM   274  C CE1 . PHE A 1 31  ? 2.389   6.666   -7.991  1.00 29.12  ? 1009 PHE A CE1 1 
ATOM   275  C CE2 . PHE A 1 31  ? 4.658   7.004   -7.311  1.00 32.09  ? 1009 PHE A CE2 1 
ATOM   276  C CZ  . PHE A 1 31  ? 3.728   6.749   -8.303  1.00 29.64  ? 1009 PHE A CZ  1 
ATOM   277  N N   . THR A 1 32  ? 2.005   9.927   -1.827  1.00 19.86  ? 1010 THR A N   1 
ATOM   278  C CA  . THR A 1 32  ? 1.894   10.177  -0.378  1.00 19.96  ? 1010 THR A CA  1 
ATOM   279  C C   . THR A 1 32  ? 0.564   10.742  0.062   1.00 24.87  ? 1010 THR A C   1 
ATOM   280  O O   . THR A 1 32  ? 0.266   10.739  1.261   1.00 24.35  ? 1010 THR A O   1 
ATOM   281  C CB  . THR A 1 32  ? 3.025   11.083  0.123   1.00 29.66  ? 1010 THR A CB  1 
ATOM   282  O OG1 . THR A 1 32  ? 2.918   12.366  -0.509  1.00 28.88  ? 1010 THR A OG1 1 
ATOM   283  C CG2 . THR A 1 32  ? 4.410   10.464  -0.061  1.00 26.55  ? 1010 THR A CG2 1 
ATOM   284  N N   . LYS A 1 33  ? -0.206  11.294  -0.880  1.00 21.40  ? 1011 LYS A N   1 
ATOM   285  C CA  . LYS A 1 33  ? -1.505  11.892  -0.589  1.00 21.86  ? 1011 LYS A CA  1 
ATOM   286  C C   . LYS A 1 33  ? -2.473  11.486  -1.712  1.00 24.83  ? 1011 LYS A C   1 
ATOM   287  O O   . LYS A 1 33  ? -2.013  11.109  -2.800  1.00 23.16  ? 1011 LYS A O   1 
ATOM   288  C CB  . LYS A 1 33  ? -1.377  13.436  -0.563  1.00 25.90  ? 1011 LYS A CB  1 
ATOM   289  C CG  . LYS A 1 33  ? -0.767  14.025  0.708   1.00 38.42  ? 1011 LYS A CG  1 
ATOM   290  C CD  . LYS A 1 33  ? -0.475  15.499  0.476   1.00 53.64  ? 1011 LYS A CD  1 
ATOM   291  C CE  . LYS A 1 33  ? 0.260   16.172  1.610   1.00 75.62  ? 1011 LYS A CE  1 
ATOM   292  N NZ  . LYS A 1 33  ? 0.811   17.492  1.187   1.00 86.44  ? 1011 LYS A NZ  1 
ATOM   293  N N   . PRO A 1 34  ? -3.802  11.531  -1.491  1.00 23.90  ? 1012 PRO A N   1 
ATOM   294  C CA  . PRO A 1 34  ? -4.726  11.194  -2.592  1.00 25.50  ? 1012 PRO A CA  1 
ATOM   295  C C   . PRO A 1 34  ? -4.568  12.150  -3.773  1.00 31.36  ? 1012 PRO A C   1 
ATOM   296  O O   . PRO A 1 34  ? -4.242  13.327  -3.586  1.00 30.07  ? 1012 PRO A O   1 
ATOM   297  C CB  . PRO A 1 34  ? -6.125  11.352  -1.960  1.00 26.88  ? 1012 PRO A CB  1 
ATOM   298  C CG  . PRO A 1 34  ? -5.902  11.361  -0.496  1.00 30.48  ? 1012 PRO A CG  1 
ATOM   299  C CD  . PRO A 1 34  ? -4.537  11.924  -0.273  1.00 25.92  ? 1012 PRO A CD  1 
ATOM   300  N N   . VAL A 1 35  ? -4.764  11.632  -4.987  1.00 30.21  ? 1013 VAL A N   1 
ATOM   301  C CA  . VAL A 1 35  ? -4.730  12.446  -6.204  1.00 30.95  ? 1013 VAL A CA  1 
ATOM   302  C C   . VAL A 1 35  ? -5.864  13.498  -6.068  1.00 37.38  ? 1013 VAL A C   1 
ATOM   303  O O   . VAL A 1 35  ? -6.997  13.142  -5.734  1.00 36.62  ? 1013 VAL A O   1 
ATOM   304  C CB  . VAL A 1 35  ? -4.879  11.588  -7.478  1.00 33.76  ? 1013 VAL A CB  1 
ATOM   305  C CG1 . VAL A 1 35  ? -5.093  12.457  -8.709  1.00 33.43  ? 1013 VAL A CG1 1 
ATOM   306  C CG2 . VAL A 1 35  ? -3.668  10.682  -7.673  1.00 33.32  ? 1013 VAL A CG2 1 
ATOM   307  N N   . ASP A 1 36  ? -5.520  14.783  -6.228  1.00 37.04  ? 1014 ASP A N   1 
ATOM   308  C CA  . ASP A 1 36  ? -6.467  15.894  -6.112  1.00 38.54  ? 1014 ASP A CA  1 
ATOM   309  C C   . ASP A 1 36  ? -7.216  16.043  -7.448  1.00 45.00  ? 1014 ASP A C   1 
ATOM   310  O O   . ASP A 1 36  ? -6.568  16.269  -8.478  1.00 43.11  ? 1014 ASP A O   1 
ATOM   311  C CB  . ASP A 1 36  ? -5.743  17.208  -5.718  1.00 40.50  ? 1014 ASP A CB  1 
ATOM   312  C CG  . ASP A 1 36  ? -6.642  18.350  -5.246  1.00 53.38  ? 1014 ASP A CG  1 
ATOM   313  O OD1 . ASP A 1 36  ? -7.805  18.417  -5.689  1.00 54.75  ? 1014 ASP A OD1 1 
ATOM   314  O OD2 . ASP A 1 36  ? -6.165  19.193  -4.450  1.00 59.72  ? 1014 ASP A OD2 1 
ATOM   315  N N   . PRO A 1 37  ? -8.567  15.900  -7.461  1.00 45.45  ? 1015 PRO A N   1 
ATOM   316  C CA  . PRO A 1 37  ? -9.305  16.039  -8.734  1.00 46.88  ? 1015 PRO A CA  1 
ATOM   317  C C   . PRO A 1 37  ? -9.182  17.426  -9.382  1.00 53.42  ? 1015 PRO A C   1 
ATOM   318  O O   . PRO A 1 37  ? -9.265  17.518  -10.605 1.00 53.85  ? 1015 PRO A O   1 
ATOM   319  C CB  . PRO A 1 37  ? -10.747 15.663  -8.366  1.00 48.58  ? 1015 PRO A CB  1 
ATOM   320  C CG  . PRO A 1 37  ? -10.844 15.912  -6.912  1.00 52.70  ? 1015 PRO A CG  1 
ATOM   321  C CD  . PRO A 1 37  ? -9.485  15.622  -6.337  1.00 47.66  ? 1015 PRO A CD  1 
ATOM   322  N N   . ASP A 1 38  ? -8.906  18.479  -8.577  1.00 50.85  ? 1016 ASP A N   1 
ATOM   323  C CA  . ASP A 1 38  ? -8.691  19.856  -9.038  1.00 51.03  ? 1016 ASP A CA  1 
ATOM   324  C C   . ASP A 1 38  ? -7.386  19.978  -9.829  1.00 54.36  ? 1016 ASP A C   1 
ATOM   325  O O   . ASP A 1 38  ? -7.332  20.733  -10.802 1.00 54.35  ? 1016 ASP A O   1 
ATOM   326  C CB  . ASP A 1 38  ? -8.678  20.850  -7.856  1.00 53.12  ? 1016 ASP A CB  1 
ATOM   327  C CG  . ASP A 1 38  ? -9.954  20.920  -7.029  1.00 63.56  ? 1016 ASP A CG  1 
ATOM   328  O OD1 . ASP A 1 38  ? -11.057 20.824  -7.621  1.00 63.63  ? 1016 ASP A OD1 1 
ATOM   329  O OD2 . ASP A 1 38  ? -9.852  21.102  -5.789  1.00 69.27  ? 1016 ASP A OD2 1 
ATOM   330  N N   . GLU A 1 39  ? -6.336  19.237  -9.415  1.00 49.44  ? 1017 GLU A N   1 
ATOM   331  C CA  . GLU A 1 39  ? -5.029  19.240  -10.078 1.00 48.44  ? 1017 GLU A CA  1 
ATOM   332  C C   . GLU A 1 39  ? -4.917  18.196  -11.189 1.00 51.72  ? 1017 GLU A C   1 
ATOM   333  O O   . GLU A 1 39  ? -4.075  18.342  -12.072 1.00 51.45  ? 1017 GLU A O   1 
ATOM   334  C CB  . GLU A 1 39  ? -3.901  19.047  -9.057  1.00 49.68  ? 1017 GLU A CB  1 
ATOM   335  C CG  . GLU A 1 39  ? -3.577  20.300  -8.274  1.00 60.01  ? 1017 GLU A CG  1 
ATOM   336  C CD  . GLU A 1 39  ? -3.034  20.047  -6.883  1.00 75.63  ? 1017 GLU A CD  1 
ATOM   337  O OE1 . GLU A 1 39  ? -3.754  20.338  -5.900  1.00 69.58  ? 1017 GLU A OE1 1 
ATOM   338  O OE2 . GLU A 1 39  ? -1.885  19.563  -6.772  1.00 63.65  ? 1017 GLU A OE2 1 
ATOM   339  N N   . VAL A 1 40  ? -5.714  17.108  -11.112 1.00 47.95  ? 1018 VAL A N   1 
ATOM   340  C CA  . VAL A 1 40  ? -5.718  16.002  -12.084 1.00 48.53  ? 1018 VAL A CA  1 
ATOM   341  C C   . VAL A 1 40  ? -7.230  15.770  -12.375 1.00 55.30  ? 1018 VAL A C   1 
ATOM   342  O O   . VAL A 1 40  ? -7.901  15.072  -11.615 1.00 54.08  ? 1018 VAL A O   1 
ATOM   343  C CB  . VAL A 1 40  ? -4.961  14.747  -11.535 1.00 51.79  ? 1018 VAL A CB  1 
ATOM   344  C CG1 . VAL A 1 40  ? -4.663  13.753  -12.641 1.00 51.35  ? 1018 VAL A CG1 1 
ATOM   345  C CG2 . VAL A 1 40  ? -3.661  15.128  -10.816 1.00 51.37  ? 1018 VAL A CG2 1 
ATOM   346  N N   . PRO A 1 41  ? -7.782  16.465  -13.413 1.00 55.28  ? 1019 PRO A N   1 
ATOM   347  C CA  . PRO A 1 41  ? -9.253  16.521  -13.619 1.00 55.34  ? 1019 PRO A CA  1 
ATOM   348  C C   . PRO A 1 41  ? -10.100 15.234  -13.679 1.00 57.81  ? 1019 PRO A C   1 
ATOM   349  O O   . PRO A 1 41  ? -11.044 15.131  -12.894 1.00 58.04  ? 1019 PRO A O   1 
ATOM   350  C CB  . PRO A 1 41  ? -9.405  17.296  -14.939 1.00 57.44  ? 1019 PRO A CB  1 
ATOM   351  C CG  . PRO A 1 41  ? -8.003  17.428  -15.507 1.00 61.89  ? 1019 PRO A CG  1 
ATOM   352  C CD  . PRO A 1 41  ? -7.102  17.413  -14.321 1.00 57.42  ? 1019 PRO A CD  1 
ATOM   353  N N   . ASP A 1 42  ? -9.854  14.327  -14.635 1.00 53.28  ? 1020 ASP A N   1 
ATOM   354  C CA  . ASP A 1 42  ? -10.677 13.122  -14.858 1.00 52.76  ? 1020 ASP A CA  1 
ATOM   355  C C   . ASP A 1 42  ? -10.395 11.916  -13.936 1.00 51.96  ? 1020 ASP A C   1 
ATOM   356  O O   . ASP A 1 42  ? -11.067 10.884  -14.054 1.00 52.36  ? 1020 ASP A O   1 
ATOM   357  C CB  . ASP A 1 42  ? -10.540 12.683  -16.329 1.00 56.07  ? 1020 ASP A CB  1 
ATOM   358  C CG  . ASP A 1 42  ? -9.109  12.397  -16.774 1.00 76.85  ? 1020 ASP A CG  1 
ATOM   359  O OD1 . ASP A 1 42  ? -8.257  13.315  -16.672 1.00 78.84  ? 1020 ASP A OD1 1 
ATOM   360  O OD2 . ASP A 1 42  ? -8.851  11.273  -17.265 1.00 86.45  ? 1020 ASP A OD2 1 
ATOM   361  N N   . TYR A 1 43  ? -9.415  12.050  -13.029 1.00 42.46  ? 1021 TYR A N   1 
ATOM   362  C CA  . TYR A 1 43  ? -8.937  10.981  -12.162 1.00 38.52  ? 1021 TYR A CA  1 
ATOM   363  C C   . TYR A 1 43  ? -10.030 10.184  -11.404 1.00 42.31  ? 1021 TYR A C   1 
ATOM   364  O O   . TYR A 1 43  ? -10.150 8.978   -11.635 1.00 41.49  ? 1021 TYR A O   1 
ATOM   365  C CB  . TYR A 1 43  ? -7.872  11.506  -11.176 1.00 36.21  ? 1021 TYR A CB  1 
ATOM   366  C CG  . TYR A 1 43  ? -7.070  10.365  -10.606 1.00 31.98  ? 1021 TYR A CG  1 
ATOM   367  C CD1 . TYR A 1 43  ? -6.005  9.814   -11.317 1.00 32.30  ? 1021 TYR A CD1 1 
ATOM   368  C CD2 . TYR A 1 43  ? -7.459  9.742   -9.420  1.00 30.88  ? 1021 TYR A CD2 1 
ATOM   369  C CE1 . TYR A 1 43  ? -5.300  8.719   -10.825 1.00 30.58  ? 1021 TYR A CE1 1 
ATOM   370  C CE2 . TYR A 1 43  ? -6.774  8.635   -8.930  1.00 30.06  ? 1021 TYR A CE2 1 
ATOM   371  C CZ  . TYR A 1 43  ? -5.702  8.126   -9.637  1.00 31.25  ? 1021 TYR A CZ  1 
ATOM   372  O OH  . TYR A 1 43  ? -5.063  7.024   -9.161  1.00 28.52  ? 1021 TYR A OH  1 
ATOM   373  N N   . VAL A 1 44  ? -10.784 10.839  -10.498 1.00 39.39  ? 1022 VAL A N   1 
ATOM   374  C CA  . VAL A 1 44  ? -11.812 10.237  -9.633  1.00 39.97  ? 1022 VAL A CA  1 
ATOM   375  C C   . VAL A 1 44  ? -12.950 9.566   -10.460 1.00 43.68  ? 1022 VAL A C   1 
ATOM   376  O O   . VAL A 1 44  ? -13.613 8.659   -9.953  1.00 43.99  ? 1022 VAL A O   1 
ATOM   377  C CB  . VAL A 1 44  ? -12.318 11.249  -8.554  1.00 45.32  ? 1022 VAL A CB  1 
ATOM   378  C CG1 . VAL A 1 44  ? -13.393 10.641  -7.652  1.00 45.48  ? 1022 VAL A CG1 1 
ATOM   379  C CG2 . VAL A 1 44  ? -11.151 11.745  -7.692  1.00 45.46  ? 1022 VAL A CG2 1 
ATOM   380  N N   . THR A 1 45  ? -13.085 9.910   -11.747 1.00 39.60  ? 1023 THR A N   1 
ATOM   381  C CA  . THR A 1 45  ? -14.079 9.265   -12.603 1.00 39.65  ? 1023 THR A CA  1 
ATOM   382  C C   . THR A 1 45  ? -13.468 8.040   -13.328 1.00 41.23  ? 1023 THR A C   1 
ATOM   383  O O   . THR A 1 45  ? -14.159 7.034   -13.515 1.00 41.26  ? 1023 THR A O   1 
ATOM   384  C CB  . THR A 1 45  ? -14.762 10.278  -13.543 1.00 54.45  ? 1023 THR A CB  1 
ATOM   385  O OG1 . THR A 1 45  ? -13.790 10.884  -14.400 1.00 60.80  ? 1023 THR A OG1 1 
ATOM   386  C CG2 . THR A 1 45  ? -15.535 11.355  -12.783 1.00 52.16  ? 1023 THR A CG2 1 
ATOM   387  N N   . VAL A 1 46  ? -12.177 8.119   -13.709 1.00 34.69  ? 1024 VAL A N   1 
ATOM   388  C CA  . VAL A 1 46  ? -11.469 7.026   -14.404 1.00 33.65  ? 1024 VAL A CA  1 
ATOM   389  C C   . VAL A 1 46  ? -11.022 5.915   -13.424 1.00 34.45  ? 1024 VAL A C   1 
ATOM   390  O O   . VAL A 1 46  ? -11.191 4.728   -13.704 1.00 34.78  ? 1024 VAL A O   1 
ATOM   391  C CB  . VAL A 1 46  ? -10.275 7.566   -15.260 1.00 37.94  ? 1024 VAL A CB  1 
ATOM   392  C CG1 . VAL A 1 46  ? -9.427  6.437   -15.838 1.00 38.04  ? 1024 VAL A CG1 1 
ATOM   393  C CG2 . VAL A 1 46  ? -10.761 8.487   -16.370 1.00 37.81  ? 1024 VAL A CG2 1 
ATOM   394  N N   . ILE A 1 47  ? -10.401 6.307   -12.318 1.00 27.83  ? 1025 ILE A N   1 
ATOM   395  C CA  . ILE A 1 47  ? -9.868  5.374   -11.322 1.00 25.67  ? 1025 ILE A CA  1 
ATOM   396  C C   . ILE A 1 47  ? -10.917 5.104   -10.255 1.00 29.86  ? 1025 ILE A C   1 
ATOM   397  O O   . ILE A 1 47  ? -11.251 5.985   -9.463  1.00 27.83  ? 1025 ILE A O   1 
ATOM   398  C CB  . ILE A 1 47  ? -8.509  5.909   -10.784 1.00 26.88  ? 1025 ILE A CB  1 
ATOM   399  C CG1 . ILE A 1 47  ? -7.446  6.002   -11.924 1.00 25.25  ? 1025 ILE A CG1 1 
ATOM   400  C CG2 . ILE A 1 47  ? -8.011  5.115   -9.586  1.00 25.63  ? 1025 ILE A CG2 1 
ATOM   401  C CD1 . ILE A 1 47  ? -7.047  4.671   -12.649 1.00 24.02  ? 1025 ILE A CD1 1 
ATOM   402  N N   . LYS A 1 48  ? -11.449 3.879   -10.268 1.00 28.08  ? 1026 LYS A N   1 
ATOM   403  C CA  . LYS A 1 48  ? -12.544 3.467   -9.377  1.00 28.14  ? 1026 LYS A CA  1 
ATOM   404  C C   . LYS A 1 48  ? -12.130 3.300   -7.948  1.00 31.06  ? 1026 LYS A C   1 
ATOM   405  O O   . LYS A 1 48  ? -12.915 3.631   -7.058  1.00 31.08  ? 1026 LYS A O   1 
ATOM   406  C CB  . LYS A 1 48  ? -13.241 2.194   -9.894  1.00 30.32  ? 1026 LYS A CB  1 
ATOM   407  C CG  . LYS A 1 48  ? -13.743 2.323   -11.334 1.00 28.71  ? 1026 LYS A CG  1 
ATOM   408  C CD  . LYS A 1 48  ? -14.678 3.498   -11.498 1.00 35.07  ? 1026 LYS A CD  1 
ATOM   409  C CE  . LYS A 1 48  ? -15.047 3.709   -12.939 1.00 38.63  ? 1026 LYS A CE  1 
ATOM   410  N NZ  . LYS A 1 48  ? -15.894 4.914   -13.079 1.00 45.18  ? 1026 LYS A NZ  1 
ATOM   411  N N   . GLN A 1 49  ? -10.909 2.804   -7.716  1.00 25.48  ? 1027 GLN A N   1 
ATOM   412  C CA  . GLN A 1 49  ? -10.412 2.616   -6.360  1.00 24.67  ? 1027 GLN A CA  1 
ATOM   413  C C   . GLN A 1 49  ? -9.140  3.409   -6.123  1.00 25.06  ? 1027 GLN A C   1 
ATOM   414  O O   . GLN A 1 49  ? -8.070  2.816   -6.168  1.00 23.42  ? 1027 GLN A O   1 
ATOM   415  C CB  . GLN A 1 49  ? -10.176 1.130   -6.061  1.00 26.23  ? 1027 GLN A CB  1 
ATOM   416  C CG  . GLN A 1 49  ? -11.422 0.402   -5.633  1.00 36.08  ? 1027 GLN A CG  1 
ATOM   417  C CD  . GLN A 1 49  ? -11.141 -1.029  -5.287  1.00 44.09  ? 1027 GLN A CD  1 
ATOM   418  O OE1 . GLN A 1 49  ? -11.296 -1.448  -4.142  1.00 46.23  ? 1027 GLN A OE1 1 
ATOM   419  N NE2 . GLN A 1 49  ? -10.744 -1.810  -6.271  1.00 26.49  ? 1027 GLN A NE2 1 
ATOM   420  N N   . PRO A 1 50  ? -9.221  4.739   -5.887  1.00 22.57  ? 1028 PRO A N   1 
ATOM   421  C CA  . PRO A 1 50  ? -7.996  5.522   -5.631  1.00 21.65  ? 1028 PRO A CA  1 
ATOM   422  C C   . PRO A 1 50  ? -7.280  4.994   -4.404  1.00 24.02  ? 1028 PRO A C   1 
ATOM   423  O O   . PRO A 1 50  ? -7.937  4.589   -3.452  1.00 24.47  ? 1028 PRO A O   1 
ATOM   424  C CB  . PRO A 1 50  ? -8.540  6.931   -5.334  1.00 23.57  ? 1028 PRO A CB  1 
ATOM   425  C CG  . PRO A 1 50  ? -9.890  6.963   -5.962  1.00 28.70  ? 1028 PRO A CG  1 
ATOM   426  C CD  . PRO A 1 50  ? -10.426 5.590   -5.778  1.00 24.36  ? 1028 PRO A CD  1 
ATOM   427  N N   . MET A 1 51  ? -5.955  4.949   -4.425  1.00 18.80  ? 1029 MET A N   1 
ATOM   428  C CA  . MET A 1 51  ? -5.216  4.468   -3.247  1.00 17.43  ? 1029 MET A CA  1 
ATOM   429  C C   . MET A 1 51  ? -3.920  5.220   -3.185  1.00 19.81  ? 1029 MET A C   1 
ATOM   430  O O   . MET A 1 51  ? -3.359  5.540   -4.234  1.00 19.21  ? 1029 MET A O   1 
ATOM   431  C CB  . MET A 1 51  ? -4.976  2.935   -3.316  1.00 19.21  ? 1029 MET A CB  1 
ATOM   432  C CG  . MET A 1 51  ? -4.442  2.297   -1.979  1.00 20.89  ? 1029 MET A CG  1 
ATOM   433  S SD  . MET A 1 51  ? -5.308  2.786   -0.463  1.00 24.74  ? 1029 MET A SD  1 
ATOM   434  C CE  . MET A 1 51  ? -6.938  2.114   -0.832  1.00 21.01  ? 1029 MET A CE  1 
ATOM   435  N N   . ASP A 1 52  ? -3.474  5.565   -1.969  1.00 16.20  ? 1030 ASP A N   1 
ATOM   436  C CA  . ASP A 1 52  ? -2.227  6.297   -1.756  1.00 16.70  ? 1030 ASP A CA  1 
ATOM   437  C C   . ASP A 1 52  ? -1.686  5.922   -0.376  1.00 21.30  ? 1030 ASP A C   1 
ATOM   438  O O   . ASP A 1 52  ? -2.411  5.319   0.433   1.00 19.50  ? 1030 ASP A O   1 
ATOM   439  C CB  . ASP A 1 52  ? -2.457  7.818   -1.882  1.00 18.11  ? 1030 ASP A CB  1 
ATOM   440  C CG  . ASP A 1 52  ? -3.274  8.345   -0.734  1.00 21.66  ? 1030 ASP A CG  1 
ATOM   441  O OD1 . ASP A 1 52  ? -4.506  8.206   -0.771  1.00 23.91  ? 1030 ASP A OD1 1 
ATOM   442  O OD2 . ASP A 1 52  ? -2.684  8.794   0.230   1.00 29.64  ? 1030 ASP A OD2 1 
ATOM   443  N N   . LEU A 1 53  ? -0.444  6.327   -0.079  1.00 16.96  ? 1031 LEU A N   1 
ATOM   444  C CA  . LEU A 1 53  ? 0.180   5.963   1.198   1.00 16.87  ? 1031 LEU A CA  1 
ATOM   445  C C   . LEU A 1 53  ? -0.488  6.572   2.439   1.00 20.57  ? 1031 LEU A C   1 
ATOM   446  O O   . LEU A 1 53  ? -0.424  5.934   3.497   1.00 18.46  ? 1031 LEU A O   1 
ATOM   447  C CB  . LEU A 1 53  ? 1.686   6.230   1.196   1.00 15.85  ? 1031 LEU A CB  1 
ATOM   448  C CG  . LEU A 1 53  ? 2.467   5.502   0.075   1.00 18.63  ? 1031 LEU A CG  1 
ATOM   449  C CD1 . LEU A 1 53  ? 3.897   6.061   -0.034  1.00 17.78  ? 1031 LEU A CD1 1 
ATOM   450  C CD2 . LEU A 1 53  ? 2.487   3.967   0.304   1.00 16.90  ? 1031 LEU A CD2 1 
ATOM   451  N N   . SER A 1 54  ? -1.128  7.770   2.338   1.00 18.71  ? 1032 SER A N   1 
ATOM   452  C CA  A SER A 1 54  ? -1.780  8.336   3.521   0.50 18.11  ? 1032 SER A CA  1 
ATOM   453  C CA  B SER A 1 54  ? -1.813  8.372   3.491   0.50 18.59  ? 1032 SER A CA  1 
ATOM   454  C C   . SER A 1 54  ? -3.045  7.545   3.838   1.00 21.79  ? 1032 SER A C   1 
ATOM   455  O O   . SER A 1 54  ? -3.333  7.328   5.005   1.00 21.82  ? 1032 SER A O   1 
ATOM   456  C CB  A SER A 1 54  ? -2.071  9.829   3.367   0.50 20.55  ? 1032 SER A CB  1 
ATOM   457  C CB  B SER A 1 54  ? -2.244  9.806   3.197   0.50 22.50  ? 1032 SER A CB  1 
ATOM   458  O OG  A SER A 1 54  ? -3.084  10.100  2.415   0.50 25.42  ? 1032 SER A OG  1 
ATOM   459  O OG  B SER A 1 54  ? -1.236  10.741  3.532   0.50 33.11  ? 1032 SER A OG  1 
ATOM   460  N N   . SER A 1 55  ? -3.773  7.096   2.802   1.00 18.76  ? 1033 SER A N   1 
ATOM   461  C CA  . SER A 1 55  ? -4.981  6.294   2.962   1.00 19.18  ? 1033 SER A CA  1 
ATOM   462  C C   . SER A 1 55  ? -4.603  4.904   3.467   1.00 21.44  ? 1033 SER A C   1 
ATOM   463  O O   . SER A 1 55  ? -5.368  4.321   4.235   1.00 19.90  ? 1033 SER A O   1 
ATOM   464  C CB  . SER A 1 55  ? -5.772  6.217   1.664   1.00 20.66  ? 1033 SER A CB  1 
ATOM   465  O OG  . SER A 1 55  ? -6.146  7.529   1.279   1.00 29.42  ? 1033 SER A OG  1 
ATOM   466  N N   . VAL A 1 56  ? -3.403  4.392   3.075   1.00 16.51  ? 1034 VAL A N   1 
ATOM   467  C CA  . VAL A 1 56  ? -2.896  3.106   3.585   1.00 15.19  ? 1034 VAL A CA  1 
ATOM   468  C C   . VAL A 1 56  ? -2.690  3.218   5.100   1.00 18.96  ? 1034 VAL A C   1 
ATOM   469  O O   . VAL A 1 56  ? -3.165  2.345   5.838   1.00 19.00  ? 1034 VAL A O   1 
ATOM   470  C CB  . VAL A 1 56  ? -1.636  2.576   2.829   1.00 18.07  ? 1034 VAL A CB  1 
ATOM   471  C CG1 . VAL A 1 56  ? -0.978  1.437   3.591   1.00 17.54  ? 1034 VAL A CG1 1 
ATOM   472  C CG2 . VAL A 1 56  ? -1.995  2.113   1.414   1.00 17.50  ? 1034 VAL A CG2 1 
ATOM   473  N N   . ILE A 1 57  ? -2.062  4.324   5.576   1.00 17.69  ? 1035 ILE A N   1 
ATOM   474  C CA  . ILE A 1 57  ? -1.863  4.557   7.020   1.00 18.23  ? 1035 ILE A CA  1 
ATOM   475  C C   . ILE A 1 57  ? -3.235  4.625   7.721   1.00 20.06  ? 1035 ILE A C   1 
ATOM   476  O O   . ILE A 1 57  ? -3.416  4.010   8.767   1.00 18.50  ? 1035 ILE A O   1 
ATOM   477  C CB  . ILE A 1 57  ? -0.994  5.832   7.283   1.00 22.59  ? 1035 ILE A CB  1 
ATOM   478  C CG1 . ILE A 1 57  ? 0.484   5.617   6.840   1.00 23.19  ? 1035 ILE A CG1 1 
ATOM   479  C CG2 . ILE A 1 57  ? -1.087  6.335   8.767   1.00 22.67  ? 1035 ILE A CG2 1 
ATOM   480  C CD1 . ILE A 1 57  ? 1.333   4.636   7.788   1.00 28.66  ? 1035 ILE A CD1 1 
ATOM   481  N N   . SER A 1 58  ? -4.193  5.363   7.127   1.00 18.66  ? 1036 SER A N   1 
ATOM   482  C CA  A SER A 1 58  ? -5.539  5.489   7.693   0.50 17.37  ? 1036 SER A CA  1 
ATOM   483  C CA  B SER A 1 58  ? -5.551  5.504   7.665   0.50 18.39  ? 1036 SER A CA  1 
ATOM   484  C C   . SER A 1 58  ? -6.181  4.113   7.862   1.00 20.47  ? 1036 SER A C   1 
ATOM   485  O O   . SER A 1 58  ? -6.711  3.829   8.923   1.00 19.18  ? 1036 SER A O   1 
ATOM   486  C CB  A SER A 1 58  ? -6.398  6.403   6.830   0.50 18.11  ? 1036 SER A CB  1 
ATOM   487  C CB  B SER A 1 58  ? -6.402  6.362   6.729   0.50 22.38  ? 1036 SER A CB  1 
ATOM   488  O OG  A SER A 1 58  ? -5.899  7.724   6.943   0.50 14.91  ? 1036 SER A OG  1 
ATOM   489  O OG  B SER A 1 58  ? -7.776  6.287   7.065   0.50 32.57  ? 1036 SER A OG  1 
ATOM   490  N N   . LYS A 1 59  ? -6.071  3.240   6.839   1.00 17.86  ? 1037 LYS A N   1 
ATOM   491  C CA  . LYS A 1 59  ? -6.592  1.875   6.861   1.00 18.08  ? 1037 LYS A CA  1 
ATOM   492  C C   . LYS A 1 59  ? -5.894  0.989   7.903   1.00 21.09  ? 1037 LYS A C   1 
ATOM   493  O O   . LYS A 1 59  ? -6.556  0.202   8.584   1.00 20.51  ? 1037 LYS A O   1 
ATOM   494  C CB  . LYS A 1 59  ? -6.565  1.254   5.462   1.00 20.80  ? 1037 LYS A CB  1 
ATOM   495  C CG  . LYS A 1 59  ? -7.652  1.844   4.534   1.00 20.74  ? 1037 LYS A CG  1 
ATOM   496  C CD  . LYS A 1 59  ? -7.650  1.196   3.157   1.00 16.88  ? 1037 LYS A CD  1 
ATOM   497  C CE  . LYS A 1 59  ? -8.274  -0.175  3.214   1.00 21.00  ? 1037 LYS A CE  1 
ATOM   498  N NZ  . LYS A 1 59  ? -8.501  -0.749  1.872   1.00 24.91  ? 1037 LYS A NZ  1 
ATOM   499  N N   . ILE A 1 60  ? -4.572  1.142   8.070   1.00 16.30  ? 1038 ILE A N   1 
ATOM   500  C CA  . ILE A 1 60  ? -3.856  0.370   9.102   1.00 14.58  ? 1038 ILE A CA  1 
ATOM   501  C C   . ILE A 1 60  ? -4.487  0.727   10.463  1.00 18.08  ? 1038 ILE A C   1 
ATOM   502  O O   . ILE A 1 60  ? -4.877  -0.165  11.222  1.00 18.15  ? 1038 ILE A O   1 
ATOM   503  C CB  . ILE A 1 60  ? -2.325  0.697   9.106   1.00 16.18  ? 1038 ILE A CB  1 
ATOM   504  C CG1 . ILE A 1 60  ? -1.593  0.139   7.834   1.00 15.39  ? 1038 ILE A CG1 1 
ATOM   505  C CG2 . ILE A 1 60  ? -1.660  0.160   10.391  1.00 16.18  ? 1038 ILE A CG2 1 
ATOM   506  C CD1 . ILE A 1 60  ? -0.218  0.814   7.592   1.00 16.05  ? 1038 ILE A CD1 1 
ATOM   507  N N   . ASP A 1 61  ? -4.586  2.029   10.745  1.00 16.21  ? 1039 ASP A N   1 
ATOM   508  C CA  . ASP A 1 61  ? -5.108  2.570   12.004  1.00 18.11  ? 1039 ASP A CA  1 
ATOM   509  C C   . ASP A 1 61  ? -6.567  2.224   12.272  1.00 23.36  ? 1039 ASP A C   1 
ATOM   510  O O   . ASP A 1 61  ? -6.962  2.127   13.434  1.00 23.63  ? 1039 ASP A O   1 
ATOM   511  C CB  . ASP A 1 61  ? -4.879  4.092   12.058  1.00 19.97  ? 1039 ASP A CB  1 
ATOM   512  C CG  . ASP A 1 61  ? -3.418  4.483   12.110  1.00 24.50  ? 1039 ASP A CG  1 
ATOM   513  O OD1 . ASP A 1 61  ? -2.579  3.610   12.406  1.00 24.97  ? 1039 ASP A OD1 1 
ATOM   514  O OD2 . ASP A 1 61  ? -3.122  5.676   11.934  1.00 24.69  ? 1039 ASP A OD2 1 
ATOM   515  N N   . LEU A 1 62  ? -7.352  1.972   11.209  1.00 19.31  ? 1040 LEU A N   1 
ATOM   516  C CA  . LEU A 1 62  ? -8.755  1.561   11.337  1.00 18.68  ? 1040 LEU A CA  1 
ATOM   517  C C   . LEU A 1 62  ? -8.871  0.039   11.443  1.00 24.32  ? 1040 LEU A C   1 
ATOM   518  O O   . LEU A 1 62  ? -9.985  -0.493  11.443  1.00 23.73  ? 1040 LEU A O   1 
ATOM   519  C CB  . LEU A 1 62  ? -9.585  2.113   10.157  1.00 18.05  ? 1040 LEU A CB  1 
ATOM   520  C CG  . LEU A 1 62  ? -9.847  3.642   10.190  1.00 22.27  ? 1040 LEU A CG  1 
ATOM   521  C CD1 . LEU A 1 62  ? -10.263 4.150   8.809   1.00 22.18  ? 1040 LEU A CD1 1 
ATOM   522  C CD2 . LEU A 1 62  ? -10.917 4.007   11.236  1.00 21.50  ? 1040 LEU A CD2 1 
ATOM   523  N N   . HIS A 1 63  ? -7.718  -0.675  11.521  1.00 20.45  ? 1041 HIS A N   1 
ATOM   524  C CA  . HIS A 1 63  ? -7.682  -2.134  11.654  1.00 19.79  ? 1041 HIS A CA  1 
ATOM   525  C C   . HIS A 1 63  ? -8.277  -2.845  10.404  1.00 23.75  ? 1041 HIS A C   1 
ATOM   526  O O   . HIS A 1 63  ? -8.825  -3.932  10.511  1.00 24.45  ? 1041 HIS A O   1 
ATOM   527  C CB  . HIS A 1 63  ? -8.370  -2.602  12.991  1.00 20.11  ? 1041 HIS A CB  1 
ATOM   528  C CG  . HIS A 1 63  ? -7.825  -2.000  14.263  1.00 23.23  ? 1041 HIS A CG  1 
ATOM   529  N ND1 . HIS A 1 63  ? -8.054  -2.597  15.491  1.00 25.15  ? 1041 HIS A ND1 1 
ATOM   530  C CD2 . HIS A 1 63  ? -7.021  -0.928  14.454  1.00 25.42  ? 1041 HIS A CD2 1 
ATOM   531  C CE1 . HIS A 1 63  ? -7.431  -1.847  16.386  1.00 24.56  ? 1041 HIS A CE1 1 
ATOM   532  N NE2 . HIS A 1 63  ? -6.792  -0.838  15.814  1.00 25.58  ? 1041 HIS A NE2 1 
ATOM   533  N N   . LYS A 1 64  ? -8.115  -2.255  9.211   1.00 19.15  ? 1042 LYS A N   1 
ATOM   534  C CA  . LYS A 1 64  ? -8.617  -2.848  7.966   1.00 18.87  ? 1042 LYS A CA  1 
ATOM   535  C C   . LYS A 1 64  ? -7.734  -3.956  7.423   1.00 21.44  ? 1042 LYS A C   1 
ATOM   536  O O   . LYS A 1 64  ? -8.186  -4.716  6.572   1.00 21.00  ? 1042 LYS A O   1 
ATOM   537  C CB  . LYS A 1 64  ? -8.810  -1.762  6.881   1.00 21.60  ? 1042 LYS A CB  1 
ATOM   538  C CG  . LYS A 1 64  ? -9.768  -0.641  7.272   1.00 29.60  ? 1042 LYS A CG  1 
ATOM   539  C CD  . LYS A 1 64  ? -11.204 -1.098  7.384   1.00 42.81  ? 1042 LYS A CD  1 
ATOM   540  C CE  . LYS A 1 64  ? -12.156 0.070   7.553   1.00 56.55  ? 1042 LYS A CE  1 
ATOM   541  N NZ  . LYS A 1 64  ? -13.480 -0.376  8.067   1.00 70.91  ? 1042 LYS A NZ  1 
ATOM   542  N N   . TYR A 1 65  ? -6.462  -4.033  7.860   1.00 16.36  ? 1043 TYR A N   1 
ATOM   543  C CA  . TYR A 1 65  ? -5.575  -5.080  7.367   1.00 15.28  ? 1043 TYR A CA  1 
ATOM   544  C C   . TYR A 1 65  ? -5.342  -6.090  8.448   1.00 21.34  ? 1043 TYR A C   1 
ATOM   545  O O   . TYR A 1 65  ? -4.754  -5.755  9.472   1.00 23.76  ? 1043 TYR A O   1 
ATOM   546  C CB  . TYR A 1 65  ? -4.210  -4.491  6.927   1.00 15.20  ? 1043 TYR A CB  1 
ATOM   547  C CG  . TYR A 1 65  ? -4.307  -3.387  5.899   1.00 15.65  ? 1043 TYR A CG  1 
ATOM   548  C CD1 . TYR A 1 65  ? -4.935  -3.600  4.672   1.00 16.80  ? 1043 TYR A CD1 1 
ATOM   549  C CD2 . TYR A 1 65  ? -3.797  -2.124  6.158   1.00 16.24  ? 1043 TYR A CD2 1 
ATOM   550  C CE1 . TYR A 1 65  ? -5.026  -2.582  3.722   1.00 17.56  ? 1043 TYR A CE1 1 
ATOM   551  C CE2 . TYR A 1 65  ? -3.835  -1.117  5.199   1.00 17.19  ? 1043 TYR A CE2 1 
ATOM   552  C CZ  . TYR A 1 65  ? -4.436  -1.354  3.976   1.00 21.86  ? 1043 TYR A CZ  1 
ATOM   553  O OH  . TYR A 1 65  ? -4.508  -0.333  3.059   1.00 19.01  ? 1043 TYR A OH  1 
ATOM   554  N N   . LEU A 1 66  ? -5.744  -7.325  8.219   1.00 18.62  ? 1044 LEU A N   1 
ATOM   555  C CA  . LEU A 1 66  ? -5.543  -8.404  9.183   1.00 19.05  ? 1044 LEU A CA  1 
ATOM   556  C C   . LEU A 1 66  ? -4.414  -9.296  8.718   1.00 20.81  ? 1044 LEU A C   1 
ATOM   557  O O   . LEU A 1 66  ? -3.987  -10.155 9.470   1.00 18.70  ? 1044 LEU A O   1 
ATOM   558  C CB  . LEU A 1 66  ? -6.824  -9.237  9.368   1.00 20.28  ? 1044 LEU A CB  1 
ATOM   559  C CG  . LEU A 1 66  ? -8.049  -8.540  10.001  1.00 27.04  ? 1044 LEU A CG  1 
ATOM   560  C CD1 . LEU A 1 66  ? -9.060  -9.580  10.479  1.00 27.43  ? 1044 LEU A CD1 1 
ATOM   561  C CD2 . LEU A 1 66  ? -7.659  -7.658  11.164  1.00 29.74  ? 1044 LEU A CD2 1 
ATOM   562  N N   . THR A 1 67  ? -3.915  -9.099  7.480   1.00 16.75  ? 1045 THR A N   1 
ATOM   563  C CA  . THR A 1 67  ? -2.781  -9.883  6.966   1.00 16.11  ? 1045 THR A CA  1 
ATOM   564  C C   . THR A 1 67  ? -1.916  -8.961  6.096   1.00 21.28  ? 1045 THR A C   1 
ATOM   565  O O   . THR A 1 67  ? -2.410  -7.914  5.637   1.00 19.89  ? 1045 THR A O   1 
ATOM   566  C CB  . THR A 1 67  ? -3.261  -11.046 6.058   1.00 21.65  ? 1045 THR A CB  1 
ATOM   567  O OG1 . THR A 1 67  ? -3.821  -10.530 4.845   1.00 18.27  ? 1045 THR A OG1 1 
ATOM   568  C CG2 . THR A 1 67  ? -4.279  -11.993 6.735   1.00 19.64  ? 1045 THR A CG2 1 
ATOM   569  N N   . VAL A 1 68  ? -0.654  -9.376  5.816   1.00 17.36  ? 1046 VAL A N   1 
ATOM   570  C CA  A VAL A 1 68  ? 0.216   -8.605  4.916   0.50 17.97  ? 1046 VAL A CA  1 
ATOM   571  C CA  B VAL A 1 68  ? 0.226   -8.607  4.922   0.50 15.27  ? 1046 VAL A CA  1 
ATOM   572  C C   . VAL A 1 68  ? -0.346  -8.702  3.494   1.00 20.53  ? 1046 VAL A C   1 
ATOM   573  O O   . VAL A 1 68  ? -0.232  -7.759  2.720   1.00 18.70  ? 1046 VAL A O   1 
ATOM   574  C CB  A VAL A 1 68  ? 1.718   -8.992  4.998   0.50 23.14  ? 1046 VAL A CB  1 
ATOM   575  C CB  B VAL A 1 68  ? 1.718   -9.039  5.021   0.50 16.36  ? 1046 VAL A CB  1 
ATOM   576  C CG1 A VAL A 1 68  ? 2.047   -10.157 4.072   0.50 23.89  ? 1046 VAL A CG1 1 
ATOM   577  C CG1 B VAL A 1 68  ? 2.591   -8.273  4.012   0.50 14.91  ? 1046 VAL A CG1 1 
ATOM   578  C CG2 A VAL A 1 68  ? 2.605   -7.793  4.664   0.50 22.54  ? 1046 VAL A CG2 1 
ATOM   579  C CG2 B VAL A 1 68  ? 2.250   -8.841  6.440   0.50 14.95  ? 1046 VAL A CG2 1 
ATOM   580  N N   . LYS A 1 69  ? -0.998  -9.843  3.160   1.00 18.45  ? 1047 LYS A N   1 
ATOM   581  C CA  . LYS A 1 69  ? -1.609  -10.040 1.843   1.00 19.08  ? 1047 LYS A CA  1 
ATOM   582  C C   . LYS A 1 69  ? -2.663  -8.950  1.559   1.00 22.01  ? 1047 LYS A C   1 
ATOM   583  O O   . LYS A 1 69  ? -2.675  -8.412  0.447   1.00 21.61  ? 1047 LYS A O   1 
ATOM   584  C CB  . LYS A 1 69  ? -2.206  -11.452 1.748   1.00 23.13  ? 1047 LYS A CB  1 
ATOM   585  C CG  . LYS A 1 69  ? -2.299  -12.027 0.359   1.00 46.86  ? 1047 LYS A CG  1 
ATOM   586  C CD  . LYS A 1 69  ? -2.410  -13.557 0.415   1.00 63.36  ? 1047 LYS A CD  1 
ATOM   587  C CE  . LYS A 1 69  ? -3.827  -14.059 0.617   1.00 82.53  ? 1047 LYS A CE  1 
ATOM   588  N NZ  . LYS A 1 69  ? -4.664  -13.876 -0.601  1.00 94.62  ? 1047 LYS A NZ  1 
ATOM   589  N N   . ASP A 1 70  ? -3.504  -8.589  2.561   1.00 17.55  ? 1048 ASP A N   1 
ATOM   590  C CA  . ASP A 1 70  ? -4.537  -7.538  2.397   1.00 18.05  ? 1048 ASP A CA  1 
ATOM   591  C C   . ASP A 1 70  ? -3.865  -6.176  2.144   1.00 20.94  ? 1048 ASP A C   1 
ATOM   592  O O   . ASP A 1 70  ? -4.303  -5.414  1.288   1.00 19.89  ? 1048 ASP A O   1 
ATOM   593  C CB  . ASP A 1 70  ? -5.409  -7.393  3.657   1.00 20.37  ? 1048 ASP A CB  1 
ATOM   594  C CG  . ASP A 1 70  ? -6.404  -8.506  3.945   1.00 32.97  ? 1048 ASP A CG  1 
ATOM   595  O OD1 . ASP A 1 70  ? -6.681  -9.299  3.033   1.00 31.56  ? 1048 ASP A OD1 1 
ATOM   596  O OD2 . ASP A 1 70  ? -6.920  -8.556  5.094   1.00 42.79  ? 1048 ASP A OD2 1 
ATOM   597  N N   . TYR A 1 71  ? -2.831  -5.859  2.938   1.00 15.39  ? 1049 TYR A N   1 
ATOM   598  C CA  . TYR A 1 71  ? -2.020  -4.643  2.752   1.00 14.49  ? 1049 TYR A CA  1 
ATOM   599  C C   . TYR A 1 71  ? -1.422  -4.586  1.335   1.00 17.78  ? 1049 TYR A C   1 
ATOM   600  O O   . TYR A 1 71  ? -1.487  -3.543  0.668   1.00 17.48  ? 1049 TYR A O   1 
ATOM   601  C CB  . TYR A 1 71  ? -0.874  -4.673  3.783   1.00 14.19  ? 1049 TYR A CB  1 
ATOM   602  C CG  . TYR A 1 71  ? 0.176   -3.603  3.618   1.00 14.41  ? 1049 TYR A CG  1 
ATOM   603  C CD1 . TYR A 1 71  ? -0.014  -2.327  4.138   1.00 15.30  ? 1049 TYR A CD1 1 
ATOM   604  C CD2 . TYR A 1 71  ? 1.397   -3.885  3.002   1.00 14.47  ? 1049 TYR A CD2 1 
ATOM   605  C CE1 . TYR A 1 71  ? 0.988   -1.361  4.068   1.00 13.41  ? 1049 TYR A CE1 1 
ATOM   606  C CE2 . TYR A 1 71  ? 2.383   -2.904  2.866   1.00 15.47  ? 1049 TYR A CE2 1 
ATOM   607  C CZ  . TYR A 1 71  ? 2.167   -1.638  3.384   1.00 18.11  ? 1049 TYR A CZ  1 
ATOM   608  O OH  . TYR A 1 71  ? 3.146   -0.674  3.292   1.00 13.92  ? 1049 TYR A OH  1 
ATOM   609  N N   . LEU A 1 72  ? -0.818  -5.695  0.882   1.00 15.58  ? 1050 LEU A N   1 
ATOM   610  C CA  . LEU A 1 72  ? -0.155  -5.724  -0.425  1.00 15.96  ? 1050 LEU A CA  1 
ATOM   611  C C   . LEU A 1 72  ? -1.138  -5.554  -1.563  1.00 21.71  ? 1050 LEU A C   1 
ATOM   612  O O   . LEU A 1 72  ? -0.761  -5.004  -2.593  1.00 21.65  ? 1050 LEU A O   1 
ATOM   613  C CB  . LEU A 1 72  ? 0.711   -6.967  -0.608  1.00 15.94  ? 1050 LEU A CB  1 
ATOM   614  C CG  . LEU A 1 72  ? 1.984   -7.005  0.214   1.00 19.94  ? 1050 LEU A CG  1 
ATOM   615  C CD1 . LEU A 1 72  ? 2.663   -8.377  0.089   1.00 19.98  ? 1050 LEU A CD1 1 
ATOM   616  C CD2 . LEU A 1 72  ? 2.924   -5.859  -0.163  1.00 21.49  ? 1050 LEU A CD2 1 
ATOM   617  N N   . ARG A 1 73  ? -2.416  -5.933  -1.344  1.00 18.50  ? 1051 ARG A N   1 
ATOM   618  C CA  . ARG A 1 73  ? -3.460  -5.717  -2.345  1.00 18.97  ? 1051 ARG A CA  1 
ATOM   619  C C   . ARG A 1 73  ? -3.640  -4.229  -2.562  1.00 19.17  ? 1051 ARG A C   1 
ATOM   620  O O   . ARG A 1 73  ? -3.833  -3.824  -3.693  1.00 18.69  ? 1051 ARG A O   1 
ATOM   621  C CB  . ARG A 1 73  ? -4.794  -6.366  -1.932  1.00 22.88  ? 1051 ARG A CB  1 
ATOM   622  C CG  . ARG A 1 73  ? -4.865  -7.846  -2.265  1.00 40.30  ? 1051 ARG A CG  1 
ATOM   623  C CD  . ARG A 1 73  ? -6.284  -8.382  -2.112  1.00 60.09  ? 1051 ARG A CD  1 
ATOM   624  N NE  . ARG A 1 73  ? -6.496  -9.020  -0.810  1.00 75.38  ? 1051 ARG A NE  1 
ATOM   625  C CZ  . ARG A 1 73  ? -6.276  -10.307 -0.560  1.00 93.45  ? 1051 ARG A CZ  1 
ATOM   626  N NH1 . ARG A 1 73  ? -6.486  -10.799 0.654   1.00 83.87  ? 1051 ARG A NH1 1 
ATOM   627  N NH2 . ARG A 1 73  ? -5.839  -11.114 -1.522  1.00 80.47  ? 1051 ARG A NH2 1 
ATOM   628  N N   . ASP A 1 74  ? -3.535  -3.408  -1.499  1.00 17.00  ? 1052 ASP A N   1 
ATOM   629  C CA  . ASP A 1 74  ? -3.640  -1.952  -1.628  1.00 15.61  ? 1052 ASP A CA  1 
ATOM   630  C C   . ASP A 1 74  ? -2.368  -1.328  -2.232  1.00 18.45  ? 1052 ASP A C   1 
ATOM   631  O O   . ASP A 1 74  ? -2.453  -0.348  -2.996  1.00 17.29  ? 1052 ASP A O   1 
ATOM   632  C CB  . ASP A 1 74  ? -4.035  -1.303  -0.304  1.00 17.30  ? 1052 ASP A CB  1 
ATOM   633  C CG  . ASP A 1 74  ? -5.528  -1.353  -0.063  1.00 19.86  ? 1052 ASP A CG  1 
ATOM   634  O OD1 . ASP A 1 74  ? -6.265  -1.739  -0.990  1.00 20.59  ? 1052 ASP A OD1 1 
ATOM   635  O OD2 . ASP A 1 74  ? -5.958  -0.946  1.016   1.00 21.16  ? 1052 ASP A OD2 1 
ATOM   636  N N   . ILE A 1 75  ? -1.188  -1.904  -1.910  1.00 14.30  ? 1053 ILE A N   1 
ATOM   637  C CA  . ILE A 1 75  ? 0.074   -1.440  -2.521  1.00 14.44  ? 1053 ILE A CA  1 
ATOM   638  C C   . ILE A 1 75  ? -0.016  -1.708  -4.040  1.00 18.58  ? 1053 ILE A C   1 
ATOM   639  O O   . ILE A 1 75  ? 0.325   -0.832  -4.838  1.00 18.33  ? 1053 ILE A O   1 
ATOM   640  C CB  . ILE A 1 75  ? 1.301   -2.130  -1.869  1.00 16.94  ? 1053 ILE A CB  1 
ATOM   641  C CG1 . ILE A 1 75  ? 1.492   -1.699  -0.367  1.00 15.39  ? 1053 ILE A CG1 1 
ATOM   642  C CG2 . ILE A 1 75  ? 2.591   -1.918  -2.707  1.00 16.81  ? 1053 ILE A CG2 1 
ATOM   643  C CD1 . ILE A 1 75  ? 1.632   -0.091  -0.082  1.00 16.77  ? 1053 ILE A CD1 1 
ATOM   644  N N   . ASP A 1 76  ? -0.489  -2.913  -4.435  1.00 17.29  ? 1054 ASP A N   1 
ATOM   645  C CA  . ASP A 1 76  ? -0.668  -3.280  -5.856  1.00 18.05  ? 1054 ASP A CA  1 
ATOM   646  C C   . ASP A 1 76  ? -1.584  -2.289  -6.549  1.00 22.76  ? 1054 ASP A C   1 
ATOM   647  O O   . ASP A 1 76  ? -1.381  -1.996  -7.722  1.00 22.28  ? 1054 ASP A O   1 
ATOM   648  C CB  . ASP A 1 76  ? -1.291  -4.681  -6.019  1.00 19.70  ? 1054 ASP A CB  1 
ATOM   649  C CG  . ASP A 1 76  ? -0.412  -5.852  -5.657  1.00 27.38  ? 1054 ASP A CG  1 
ATOM   650  O OD1 . ASP A 1 76  ? 0.807   -5.685  -5.635  1.00 26.98  ? 1054 ASP A OD1 1 
ATOM   651  O OD2 . ASP A 1 76  ? -0.950  -6.953  -5.476  1.00 37.45  ? 1054 ASP A OD2 1 
ATOM   652  N N   . LEU A 1 77  ? -2.610  -1.805  -5.832  1.00 18.95  ? 1055 LEU A N   1 
ATOM   653  C CA  . LEU A 1 77  ? -3.594  -0.856  -6.338  1.00 19.81  ? 1055 LEU A CA  1 
ATOM   654  C C   . LEU A 1 77  ? -2.953  0.522   -6.625  1.00 23.40  ? 1055 LEU A C   1 
ATOM   655  O O   . LEU A 1 77  ? -3.267  1.135   -7.637  1.00 21.49  ? 1055 LEU A O   1 
ATOM   656  C CB  . LEU A 1 77  ? -4.732  -0.779  -5.314  1.00 20.76  ? 1055 LEU A CB  1 
ATOM   657  C CG  . LEU A 1 77  ? -6.094  -0.244  -5.672  1.00 26.76  ? 1055 LEU A CG  1 
ATOM   658  C CD1 . LEU A 1 77  ? -6.650  -0.829  -7.020  1.00 26.52  ? 1055 LEU A CD1 1 
ATOM   659  C CD2 . LEU A 1 77  ? -7.053  -0.497  -4.514  1.00 26.91  ? 1055 LEU A CD2 1 
ATOM   660  N N   . ILE A 1 78  ? -1.978  0.963   -5.802  1.00 19.00  ? 1056 ILE A N   1 
ATOM   661  C CA  . ILE A 1 78  ? -1.286  2.232   -6.066  1.00 17.45  ? 1056 ILE A CA  1 
ATOM   662  C C   . ILE A 1 78  ? -0.540  2.107   -7.392  1.00 22.28  ? 1056 ILE A C   1 
ATOM   663  O O   . ILE A 1 78  ? -0.517  3.056   -8.185  1.00 21.65  ? 1056 ILE A O   1 
ATOM   664  C CB  . ILE A 1 78  ? -0.318  2.602   -4.892  1.00 18.86  ? 1056 ILE A CB  1 
ATOM   665  C CG1 . ILE A 1 78  ? -1.110  2.873   -3.575  1.00 17.39  ? 1056 ILE A CG1 1 
ATOM   666  C CG2 . ILE A 1 78  ? 0.596   3.768   -5.267  1.00 18.95  ? 1056 ILE A CG2 1 
ATOM   667  C CD1 . ILE A 1 78  ? -0.225  2.966   -2.255  1.00 17.57  ? 1056 ILE A CD1 1 
ATOM   668  N N   . CYS A 1 79  ? 0.071   0.931   -7.623  1.00 19.87  ? 1057 CYS A N   1 
ATOM   669  C CA  . CYS A 1 79  ? 0.827   0.661   -8.829  1.00 21.50  ? 1057 CYS A CA  1 
ATOM   670  C C   . CYS A 1 79  ? -0.082  0.508   -10.046 1.00 24.82  ? 1057 CYS A C   1 
ATOM   671  O O   . CYS A 1 79  ? 0.144   1.183   -11.051 1.00 24.31  ? 1057 CYS A O   1 
ATOM   672  C CB  . CYS A 1 79  ? 1.733   -0.553  -8.635  1.00 22.25  ? 1057 CYS A CB  1 
ATOM   673  S SG  . CYS A 1 79  ? 2.648   -1.028  -10.117 1.00 26.65  ? 1057 CYS A SG  1 
ATOM   674  N N   . SER A 1 80  ? -1.113  -0.355  -9.957  1.00 19.83  ? 1058 SER A N   1 
ATOM   675  C CA  . SER A 1 80  ? -2.039  -0.587  -11.069 1.00 19.71  ? 1058 SER A CA  1 
ATOM   676  C C   . SER A 1 80  ? -2.819  0.673   -11.479 1.00 21.59  ? 1058 SER A C   1 
ATOM   677  O O   . SER A 1 80  ? -2.983  0.892   -12.667 1.00 22.98  ? 1058 SER A O   1 
ATOM   678  C CB  . SER A 1 80  ? -2.967  -1.761  -10.772 1.00 23.44  ? 1058 SER A CB  1 
ATOM   679  O OG  . SER A 1 80  ? -3.797  -1.485  -9.655  1.00 27.11  ? 1058 SER A OG  1 
ATOM   680  N N   . ASN A 1 81  ? -3.266  1.509   -10.523 1.00 17.67  ? 1059 ASN A N   1 
ATOM   681  C CA  . ASN A 1 81  ? -3.958  2.766   -10.837 1.00 17.91  ? 1059 ASN A CA  1 
ATOM   682  C C   . ASN A 1 81  ? -3.054  3.689   -11.670 1.00 23.02  ? 1059 ASN A C   1 
ATOM   683  O O   . ASN A 1 81  ? -3.545  4.345   -12.589 1.00 20.93  ? 1059 ASN A O   1 
ATOM   684  C CB  . ASN A 1 81  ? -4.377  3.516   -9.569  1.00 17.41  ? 1059 ASN A CB  1 
ATOM   685  C CG  . ASN A 1 81  ? -5.508  2.858   -8.806  1.00 28.38  ? 1059 ASN A CG  1 
ATOM   686  O OD1 . ASN A 1 81  ? -6.170  1.949   -9.292  1.00 20.57  ? 1059 ASN A OD1 1 
ATOM   687  N ND2 . ASN A 1 81  ? -5.776  3.347   -7.622  1.00 19.26  ? 1059 ASN A ND2 1 
ATOM   688  N N   . ALA A 1 82  ? -1.751  3.784   -11.306 1.00 19.88  ? 1060 ALA A N   1 
ATOM   689  C CA  . ALA A 1 82  ? -0.810  4.656   -12.030 1.00 19.80  ? 1060 ALA A CA  1 
ATOM   690  C C   . ALA A 1 82  ? -0.556  4.116   -13.434 1.00 24.61  ? 1060 ALA A C   1 
ATOM   691  O O   . ALA A 1 82  ? -0.492  4.912   -14.363 1.00 24.92  ? 1060 ALA A O   1 
ATOM   692  C CB  . ALA A 1 82  ? 0.498   4.806   -11.251 1.00 20.19  ? 1060 ALA A CB  1 
ATOM   693  N N   . LEU A 1 83  ? -0.465  2.775   -13.599 1.00 22.31  ? 1061 LEU A N   1 
ATOM   694  C CA  . LEU A 1 83  ? -0.283  2.137   -14.907 1.00 23.89  ? 1061 LEU A CA  1 
ATOM   695  C C   . LEU A 1 83  ? -1.490  2.370   -15.816 1.00 29.52  ? 1061 LEU A C   1 
ATOM   696  O O   . LEU A 1 83  ? -1.318  2.603   -17.013 1.00 29.89  ? 1061 LEU A O   1 
ATOM   697  C CB  . LEU A 1 83  ? -0.008  0.621   -14.784 1.00 24.35  ? 1061 LEU A CB  1 
ATOM   698  C CG  . LEU A 1 83  ? 1.172   0.137   -13.913 1.00 30.17  ? 1061 LEU A CG  1 
ATOM   699  C CD1 . LEU A 1 83  ? 1.382   -1.335  -14.098 1.00 31.40  ? 1061 LEU A CD1 1 
ATOM   700  C CD2 . LEU A 1 83  ? 2.464   0.856   -14.233 1.00 32.29  ? 1061 LEU A CD2 1 
ATOM   701  N N   . GLU A 1 84  ? -2.702  2.363   -15.237 1.00 27.15  ? 1062 GLU A N   1 
ATOM   702  C CA  . GLU A 1 84  ? -3.971  2.579   -15.941 1.00 27.55  ? 1062 GLU A CA  1 
ATOM   703  C C   . GLU A 1 84  ? -4.179  4.020   -16.337 1.00 31.15  ? 1062 GLU A C   1 
ATOM   704  O O   . GLU A 1 84  ? -4.553  4.286   -17.477 1.00 31.05  ? 1062 GLU A O   1 
ATOM   705  C CB  . GLU A 1 84  ? -5.157  2.176   -15.054 1.00 29.23  ? 1062 GLU A CB  1 
ATOM   706  C CG  . GLU A 1 84  ? -5.618  0.746   -15.225 1.00 44.36  ? 1062 GLU A CG  1 
ATOM   707  C CD  . GLU A 1 84  ? -6.606  0.312   -14.152 1.00 62.45  ? 1062 GLU A CD  1 
ATOM   708  O OE1 . GLU A 1 84  ? -6.333  -0.708  -13.474 1.00 43.26  ? 1062 GLU A OE1 1 
ATOM   709  O OE2 . GLU A 1 84  ? -7.633  1.008   -13.967 1.00 49.74  ? 1062 GLU A OE2 1 
ATOM   710  N N   . TYR A 1 85  ? -4.007  4.948   -15.387 1.00 27.27  ? 1063 TYR A N   1 
ATOM   711  C CA  . TYR A 1 85  ? -4.222  6.364   -15.627 1.00 26.82  ? 1063 TYR A CA  1 
ATOM   712  C C   . TYR A 1 85  ? -3.136  7.030   -16.506 1.00 29.30  ? 1063 TYR A C   1 
ATOM   713  O O   . TYR A 1 85  ? -3.417  8.028   -17.168 1.00 27.93  ? 1063 TYR A O   1 
ATOM   714  C CB  . TYR A 1 85  ? -4.409  7.122   -14.301 1.00 27.53  ? 1063 TYR A CB  1 
ATOM   715  C CG  . TYR A 1 85  ? -4.856  8.551   -14.514 1.00 30.66  ? 1063 TYR A CG  1 
ATOM   716  C CD1 . TYR A 1 85  ? -6.167  8.843   -14.892 1.00 33.30  ? 1063 TYR A CD1 1 
ATOM   717  C CD2 . TYR A 1 85  ? -3.951  9.607   -14.418 1.00 31.64  ? 1063 TYR A CD2 1 
ATOM   718  C CE1 . TYR A 1 85  ? -6.568  10.149  -15.150 1.00 33.92  ? 1063 TYR A CE1 1 
ATOM   719  C CE2 . TYR A 1 85  ? -4.345  10.919  -14.668 1.00 32.69  ? 1063 TYR A CE2 1 
ATOM   720  C CZ  . TYR A 1 85  ? -5.659  11.185  -15.026 1.00 42.00  ? 1063 TYR A CZ  1 
ATOM   721  O OH  . TYR A 1 85  ? -6.076  12.469  -15.256 1.00 45.50  ? 1063 TYR A OH  1 
ATOM   722  N N   . ASN A 1 86  ? -1.917  6.489   -16.509 1.00 25.70  ? 1064 ASN A N   1 
ATOM   723  C CA  . ASN A 1 86  ? -0.791  7.076   -17.260 1.00 25.05  ? 1064 ASN A CA  1 
ATOM   724  C C   . ASN A 1 86  ? -0.209  6.022   -18.195 1.00 26.11  ? 1064 ASN A C   1 
ATOM   725  O O   . ASN A 1 86  ? 0.915   5.593   -17.976 1.00 26.93  ? 1064 ASN A O   1 
ATOM   726  C CB  . ASN A 1 86  ? 0.264   7.612   -16.267 1.00 25.46  ? 1064 ASN A CB  1 
ATOM   727  C CG  . ASN A 1 86  ? -0.311  8.448   -15.150 1.00 36.22  ? 1064 ASN A CG  1 
ATOM   728  O OD1 . ASN A 1 86  ? -0.479  9.667   -15.272 1.00 26.24  ? 1064 ASN A OD1 1 
ATOM   729  N ND2 . ASN A 1 86  ? -0.613  7.811   -14.016 1.00 28.91  ? 1064 ASN A ND2 1 
ATOM   730  N N   . PRO A 1 87  ? -0.956  5.535   -19.225 1.00 22.99  ? 1065 PRO A N   1 
ATOM   731  C CA  . PRO A 1 87  ? -0.428  4.436   -20.045 1.00 22.98  ? 1065 PRO A CA  1 
ATOM   732  C C   . PRO A 1 87  ? 0.366   4.866   -21.288 1.00 27.63  ? 1065 PRO A C   1 
ATOM   733  O O   . PRO A 1 87  ? 0.764   3.995   -22.056 1.00 27.89  ? 1065 PRO A O   1 
ATOM   734  C CB  . PRO A 1 87  ? -1.709  3.709   -20.472 1.00 24.55  ? 1065 PRO A CB  1 
ATOM   735  C CG  . PRO A 1 87  ? -2.690  4.838   -20.671 1.00 28.69  ? 1065 PRO A CG  1 
ATOM   736  C CD  . PRO A 1 87  ? -2.336  5.893   -19.647 1.00 24.73  ? 1065 PRO A CD  1 
ATOM   737  N N   . ASP A 1 88  ? 0.549   6.173   -21.513 1.00 25.45  ? 1066 ASP A N   1 
ATOM   738  C CA  . ASP A 1 88  ? 1.185   6.684   -22.742 1.00 25.67  ? 1066 ASP A CA  1 
ATOM   739  C C   . ASP A 1 88  ? 2.704   6.554   -22.764 1.00 30.55  ? 1066 ASP A C   1 
ATOM   740  O O   . ASP A 1 88  ? 3.318   6.263   -21.731 1.00 28.47  ? 1066 ASP A O   1 
ATOM   741  C CB  . ASP A 1 88  ? 0.739   8.129   -23.027 1.00 27.15  ? 1066 ASP A CB  1 
ATOM   742  C CG  . ASP A 1 88  ? -0.760  8.255   -23.288 1.00 38.91  ? 1066 ASP A CG  1 
ATOM   743  O OD1 . ASP A 1 88  ? -1.407  7.217   -23.568 1.00 38.49  ? 1066 ASP A OD1 1 
ATOM   744  O OD2 . ASP A 1 88  ? -1.292  9.386   -23.182 1.00 45.52  ? 1066 ASP A OD2 1 
ATOM   745  N N   . ARG A 1 89  ? 3.309   6.710   -23.970 1.00 26.84  ? 1067 ARG A N   1 
ATOM   746  C CA  . ARG A 1 89  ? 4.758   6.568   -24.140 1.00 26.58  ? 1067 ARG A CA  1 
ATOM   747  C C   . ARG A 1 89  ? 5.540   7.811   -23.723 1.00 29.69  ? 1067 ARG A C   1 
ATOM   748  O O   . ARG A 1 89  ? 6.772   7.752   -23.683 1.00 29.00  ? 1067 ARG A O   1 
ATOM   749  C CB  . ARG A 1 89  ? 5.132   6.129   -25.577 1.00 26.88  ? 1067 ARG A CB  1 
ATOM   750  C CG  . ARG A 1 89  ? 4.885   7.162   -26.713 1.00 31.52  ? 1067 ARG A CG  1 
ATOM   751  C CD  . ARG A 1 89  ? 6.088   8.053   -27.071 1.00 29.53  ? 1067 ARG A CD  1 
ATOM   752  N NE  . ARG A 1 89  ? 7.385   7.367   -27.028 1.00 28.89  ? 1067 ARG A NE  1 
ATOM   753  C CZ  . ARG A 1 89  ? 8.537   7.944   -26.681 1.00 42.18  ? 1067 ARG A CZ  1 
ATOM   754  N NH1 . ARG A 1 89  ? 8.567   9.221   -26.325 1.00 27.01  ? 1067 ARG A NH1 1 
ATOM   755  N NH2 . ARG A 1 89  ? 9.664   7.229   -26.649 1.00 22.48  ? 1067 ARG A NH2 1 
ATOM   756  N N   . ASP A 1 90  ? 4.846   8.934   -23.470 1.00 25.89  ? 1068 ASP A N   1 
ATOM   757  C CA  . ASP A 1 90  ? 5.498   10.194  -23.123 1.00 27.34  ? 1068 ASP A CA  1 
ATOM   758  C C   . ASP A 1 90  ? 6.300   10.107  -21.802 1.00 30.42  ? 1068 ASP A C   1 
ATOM   759  O O   . ASP A 1 90  ? 5.974   9.259   -20.955 1.00 30.14  ? 1068 ASP A O   1 
ATOM   760  C CB  . ASP A 1 90  ? 4.514   11.364  -23.126 1.00 30.91  ? 1068 ASP A CB  1 
ATOM   761  C CG  . ASP A 1 90  ? 3.630   11.438  -21.921 1.00 49.97  ? 1068 ASP A CG  1 
ATOM   762  O OD1 . ASP A 1 90  ? 2.640   10.685  -21.872 1.00 53.81  ? 1068 ASP A OD1 1 
ATOM   763  O OD2 . ASP A 1 90  ? 3.906   12.279  -21.035 1.00 59.39  ? 1068 ASP A OD2 1 
ATOM   764  N N   . PRO A 1 91  ? 7.390   10.902  -21.653 1.00 24.42  ? 1069 PRO A N   1 
ATOM   765  C CA  . PRO A 1 91  ? 8.224   10.784  -20.449 1.00 22.65  ? 1069 PRO A CA  1 
ATOM   766  C C   . PRO A 1 91  ? 7.493   10.938  -19.119 1.00 24.69  ? 1069 PRO A C   1 
ATOM   767  O O   . PRO A 1 91  ? 7.857   10.248  -18.180 1.00 24.01  ? 1069 PRO A O   1 
ATOM   768  C CB  . PRO A 1 91  ? 9.291   11.859  -20.646 1.00 24.50  ? 1069 PRO A CB  1 
ATOM   769  C CG  . PRO A 1 91  ? 9.367   12.045  -22.133 1.00 29.63  ? 1069 PRO A CG  1 
ATOM   770  C CD  . PRO A 1 91  ? 7.950   11.906  -22.588 1.00 25.67  ? 1069 PRO A CD  1 
ATOM   771  N N   . GLY A 1 92  ? 6.520   11.845  -19.045 1.00 21.95  ? 1070 GLY A N   1 
ATOM   772  C CA  . GLY A 1 92  ? 5.722   12.064  -17.841 1.00 23.65  ? 1070 GLY A CA  1 
ATOM   773  C C   . GLY A 1 92  ? 5.046   10.789  -17.366 1.00 26.73  ? 1070 GLY A C   1 
ATOM   774  O O   . GLY A 1 92  ? 5.158   10.431  -16.193 1.00 25.17  ? 1070 GLY A O   1 
ATOM   775  N N   . ASP A 1 93  ? 4.366   10.083  -18.292 1.00 23.57  ? 1071 ASP A N   1 
ATOM   776  C CA  . ASP A 1 93  ? 3.665   8.827   -18.013 1.00 23.41  ? 1071 ASP A CA  1 
ATOM   777  C C   . ASP A 1 93  ? 4.644   7.713   -17.706 1.00 26.84  ? 1071 ASP A C   1 
ATOM   778  O O   . ASP A 1 93  ? 4.421   6.949   -16.763 1.00 24.67  ? 1071 ASP A O   1 
ATOM   779  C CB  . ASP A 1 93  ? 2.756   8.414   -19.186 1.00 24.84  ? 1071 ASP A CB  1 
ATOM   780  C CG  . ASP A 1 93  ? 1.446   9.165   -19.301 1.00 28.48  ? 1071 ASP A CG  1 
ATOM   781  O OD1 . ASP A 1 93  ? 1.361   10.315  -18.791 1.00 28.38  ? 1071 ASP A OD1 1 
ATOM   782  O OD2 . ASP A 1 93  ? 0.498   8.609   -19.894 1.00 32.08  ? 1071 ASP A OD2 1 
ATOM   783  N N   . ARG A 1 94  ? 5.740   7.626   -18.462 1.00 22.79  ? 1072 ARG A N   1 
ATOM   784  C CA  . ARG A 1 94  ? 6.729   6.584   -18.212 1.00 22.92  ? 1072 ARG A CA  1 
ATOM   785  C C   . ARG A 1 94  ? 7.412   6.767   -16.843 1.00 26.01  ? 1072 ARG A C   1 
ATOM   786  O O   . ARG A 1 94  ? 7.702   5.773   -16.181 1.00 24.76  ? 1072 ARG A O   1 
ATOM   787  C CB  . ARG A 1 94  ? 7.750   6.499   -19.344 1.00 24.38  ? 1072 ARG A CB  1 
ATOM   788  C CG  . ARG A 1 94  ? 7.137   5.959   -20.629 1.00 32.90  ? 1072 ARG A CG  1 
ATOM   789  C CD  . ARG A 1 94  ? 8.201   5.594   -21.620 1.00 41.32  ? 1072 ARG A CD  1 
ATOM   790  N NE  . ARG A 1 94  ? 7.678   4.781   -22.719 1.00 51.56  ? 1072 ARG A NE  1 
ATOM   791  C CZ  . ARG A 1 94  ? 8.218   4.734   -23.933 1.00 68.26  ? 1072 ARG A CZ  1 
ATOM   792  N NH1 . ARG A 1 94  ? 9.283   5.470   -24.222 1.00 64.51  ? 1072 ARG A NH1 1 
ATOM   793  N NH2 . ARG A 1 94  ? 7.694   3.955   -24.870 1.00 47.49  ? 1072 ARG A NH2 1 
ATOM   794  N N   . LEU A 1 95  ? 7.650   8.030   -16.422 1.00 22.01  ? 1073 LEU A N   1 
ATOM   795  C CA  . LEU A 1 95  ? 8.285   8.297   -15.124 1.00 20.52  ? 1073 LEU A CA  1 
ATOM   796  C C   . LEU A 1 95  ? 7.378   7.862   -13.948 1.00 26.56  ? 1073 LEU A C   1 
ATOM   797  O O   . LEU A 1 95  ? 7.871   7.200   -13.038 1.00 25.93  ? 1073 LEU A O   1 
ATOM   798  C CB  . LEU A 1 95  ? 8.683   9.770   -14.973 1.00 18.76  ? 1073 LEU A CB  1 
ATOM   799  C CG  . LEU A 1 95  ? 9.269   10.186  -13.600 1.00 21.84  ? 1073 LEU A CG  1 
ATOM   800  C CD1 . LEU A 1 95  ? 10.542  9.417   -13.298 1.00 20.41  ? 1073 LEU A CD1 1 
ATOM   801  C CD2 . LEU A 1 95  ? 9.507   11.677  -13.547 1.00 23.19  ? 1073 LEU A CD2 1 
ATOM   802  N N   . ILE A 1 96  ? 6.085   8.247   -13.966 1.00 23.40  ? 1074 ILE A N   1 
ATOM   803  C CA  . ILE A 1 96  ? 5.151   7.894   -12.887 1.00 24.67  ? 1074 ILE A CA  1 
ATOM   804  C C   . ILE A 1 96  ? 4.927   6.373   -12.848 1.00 29.13  ? 1074 ILE A C   1 
ATOM   805  O O   . ILE A 1 96  ? 4.892   5.796   -11.761 1.00 29.94  ? 1074 ILE A O   1 
ATOM   806  C CB  . ILE A 1 96  ? 3.848   8.740   -12.917 1.00 27.51  ? 1074 ILE A CB  1 
ATOM   807  C CG1 . ILE A 1 96  ? 2.987   8.514   -11.660 1.00 27.93  ? 1074 ILE A CG1 1 
ATOM   808  C CG2 . ILE A 1 96  ? 3.047   8.553   -14.195 1.00 29.41  ? 1074 ILE A CG2 1 
ATOM   809  C CD1 . ILE A 1 96  ? 2.318   9.703   -11.238 1.00 30.81  ? 1074 ILE A CD1 1 
ATOM   810  N N   . ARG A 1 97  ? 4.885   5.713   -14.012 1.00 25.45  ? 1075 ARG A N   1 
ATOM   811  C CA  . ARG A 1 97  ? 4.738   4.263   -14.063 1.00 25.40  ? 1075 ARG A CA  1 
ATOM   812  C C   . ARG A 1 97  ? 5.954   3.580   -13.438 1.00 28.70  ? 1075 ARG A C   1 
ATOM   813  O O   . ARG A 1 97  ? 5.805   2.592   -12.704 1.00 26.73  ? 1075 ARG A O   1 
ATOM   814  C CB  . ARG A 1 97  ? 4.550   3.765   -15.502 1.00 26.26  ? 1075 ARG A CB  1 
ATOM   815  C CG  . ARG A 1 97  ? 3.180   4.080   -16.098 1.00 26.16  ? 1075 ARG A CG  1 
ATOM   816  C CD  . ARG A 1 97  ? 2.797   3.057   -17.162 1.00 26.17  ? 1075 ARG A CD  1 
ATOM   817  N NE  . ARG A 1 97  ? 3.796   2.864   -18.222 1.00 31.94  ? 1075 ARG A NE  1 
ATOM   818  C CZ  . ARG A 1 97  ? 3.916   3.644   -19.293 1.00 38.88  ? 1075 ARG A CZ  1 
ATOM   819  N NH1 . ARG A 1 97  ? 3.158   4.723   -19.425 1.00 22.88  ? 1075 ARG A NH1 1 
ATOM   820  N NH2 . ARG A 1 97  ? 4.817   3.364   -20.224 1.00 33.04  ? 1075 ARG A NH2 1 
ATOM   821  N N   . HIS A 1 98  ? 7.164   4.093   -13.741 1.00 24.16  ? 1076 HIS A N   1 
ATOM   822  C CA  . HIS A 1 98  ? 8.387   3.506   -13.207 1.00 22.65  ? 1076 HIS A CA  1 
ATOM   823  C C   . HIS A 1 98  ? 8.450   3.671   -11.684 1.00 22.78  ? 1076 HIS A C   1 
ATOM   824  O O   . HIS A 1 98  ? 8.821   2.733   -10.994 1.00 22.96  ? 1076 HIS A O   1 
ATOM   825  C CB  . HIS A 1 98  ? 9.628   4.109   -13.878 1.00 23.15  ? 1076 HIS A CB  1 
ATOM   826  C CG  . HIS A 1 98  ? 10.896  3.359   -13.581 1.00 26.62  ? 1076 HIS A CG  1 
ATOM   827  N ND1 . HIS A 1 98  ? 11.742  3.742   -12.546 1.00 28.53  ? 1076 HIS A ND1 1 
ATOM   828  C CD2 . HIS A 1 98  ? 11.459  2.318   -14.235 1.00 28.21  ? 1076 HIS A CD2 1 
ATOM   829  C CE1 . HIS A 1 98  ? 12.773  2.912   -12.596 1.00 27.39  ? 1076 HIS A CE1 1 
ATOM   830  N NE2 . HIS A 1 98  ? 12.646  2.035   -13.590 1.00 27.65  ? 1076 HIS A NE2 1 
ATOM   831  N N   . ARG A 1 99  ? 8.048   4.833   -11.182 1.00 18.40  ? 1077 ARG A N   1 
ATOM   832  C CA  . ARG A 1 99  ? 8.021   5.155   -9.755  1.00 18.83  ? 1077 ARG A CA  1 
ATOM   833  C C   . ARG A 1 99  ? 6.960   4.295   -9.045  1.00 23.96  ? 1077 ARG A C   1 
ATOM   834  O O   . ARG A 1 99  ? 7.209   3.799   -7.941  1.00 21.75  ? 1077 ARG A O   1 
ATOM   835  C CB  . ARG A 1 99  ? 7.695   6.641   -9.570  1.00 17.72  ? 1077 ARG A CB  1 
ATOM   836  C CG  . ARG A 1 99  ? 8.875   7.565   -9.846  1.00 21.07  ? 1077 ARG A CG  1 
ATOM   837  C CD  . ARG A 1 99  ? 8.417   9.010   -9.943  1.00 19.68  ? 1077 ARG A CD  1 
ATOM   838  N NE  . ARG A 1 99  ? 9.577   9.897   -9.920  1.00 21.36  ? 1077 ARG A NE  1 
ATOM   839  C CZ  . ARG A 1 99  ? 9.527   11.221  -9.962  1.00 25.78  ? 1077 ARG A CZ  1 
ATOM   840  N NH1 . ARG A 1 99  ? 8.362   11.847  -10.069 1.00 18.17  ? 1077 ARG A NH1 1 
ATOM   841  N NH2 . ARG A 1 99  ? 10.644  11.933  -9.906  1.00 23.12  ? 1077 ARG A NH2 1 
ATOM   842  N N   . ALA A 1 100 ? 5.807   4.080   -9.706  1.00 23.45  ? 1078 ALA A N   1 
ATOM   843  C CA  . ALA A 1 100 ? 4.698   3.259   -9.173  1.00 24.11  ? 1078 ALA A CA  1 
ATOM   844  C C   . ALA A 1 100 ? 5.121   1.820   -8.988  1.00 28.99  ? 1078 ALA A C   1 
ATOM   845  O O   . ALA A 1 100 ? 4.828   1.236   -7.941  1.00 30.32  ? 1078 ALA A O   1 
ATOM   846  C CB  . ALA A 1 100 ? 3.489   3.337   -10.091 1.00 24.49  ? 1078 ALA A CB  1 
ATOM   847  N N   . CYS A 1 101 ? 5.811   1.269   -9.989  1.00 26.84  ? 1079 CYS A N   1 
ATOM   848  C CA  . CYS A 1 101 ? 6.359   -0.084  -10.054 1.00 29.41  ? 1079 CYS A CA  1 
ATOM   849  C C   . CYS A 1 101 ? 7.458   -0.212  -9.019  1.00 26.51  ? 1079 CYS A C   1 
ATOM   850  O O   . CYS A 1 101 ? 7.594   -1.266  -8.410  1.00 23.53  ? 1079 CYS A O   1 
ATOM   851  C CB  . CYS A 1 101 ? 6.913   -0.382  -11.447 1.00 33.17  ? 1079 CYS A CB  1 
ATOM   852  S SG  . CYS A 1 101 ? 5.681   -0.947  -12.650 1.00 39.68  ? 1079 CYS A SG  1 
ATOM   853  N N   . ALA A 1 102 ? 8.300   0.825   -8.897  1.00 19.39  ? 1080 ALA A N   1 
ATOM   854  C CA  . ALA A 1 102 ? 9.404   0.833   -7.931  1.00 18.68  ? 1080 ALA A CA  1 
ATOM   855  C C   . ALA A 1 102 ? 8.826   0.834   -6.492  1.00 20.01  ? 1080 ALA A C   1 
ATOM   856  O O   . ALA A 1 102 ? 9.364   0.154   -5.628  1.00 20.65  ? 1080 ALA A O   1 
ATOM   857  C CB  . ALA A 1 102 ? 10.282  2.046   -8.157  1.00 18.87  ? 1080 ALA A CB  1 
ATOM   858  N N   . LEU A 1 103 ? 7.739   1.588   -6.252  1.00 16.41  ? 1081 LEU A N   1 
ATOM   859  C CA  . LEU A 1 103 ? 7.068   1.647   -4.949  1.00 17.32  ? 1081 LEU A CA  1 
ATOM   860  C C   . LEU A 1 103 ? 6.558   0.244   -4.599  1.00 21.70  ? 1081 LEU A C   1 
ATOM   861  O O   . LEU A 1 103 ? 6.874   -0.275  -3.518  1.00 18.74  ? 1081 LEU A O   1 
ATOM   862  C CB  . LEU A 1 103 ? 5.942   2.714   -4.945  1.00 17.71  ? 1081 LEU A CB  1 
ATOM   863  C CG  . LEU A 1 103 ? 5.187   2.968   -3.599  1.00 22.47  ? 1081 LEU A CG  1 
ATOM   864  C CD1 . LEU A 1 103 ? 4.548   4.331   -3.597  1.00 22.56  ? 1081 LEU A CD1 1 
ATOM   865  C CD2 . LEU A 1 103 ? 4.046   1.981   -3.418  1.00 25.57  ? 1081 LEU A CD2 1 
ATOM   866  N N   . ARG A 1 104 ? 5.839   -0.393  -5.539  1.00 19.91  ? 1082 ARG A N   1 
ATOM   867  C CA  . ARG A 1 104 ? 5.349   -1.767  -5.346  1.00 21.18  ? 1082 ARG A CA  1 
ATOM   868  C C   . ARG A 1 104 ? 6.508   -2.763  -5.139  1.00 23.33  ? 1082 ARG A C   1 
ATOM   869  O O   . ARG A 1 104 ? 6.450   -3.582  -4.211  1.00 20.45  ? 1082 ARG A O   1 
ATOM   870  C CB  . ARG A 1 104 ? 4.482   -2.198  -6.535  1.00 24.76  ? 1082 ARG A CB  1 
ATOM   871  C CG  . ARG A 1 104 ? 3.780   -3.548  -6.321  1.00 30.05  ? 1082 ARG A CG  1 
ATOM   872  C CD  . ARG A 1 104 ? 3.547   -4.294  -7.620  1.00 49.58  ? 1082 ARG A CD  1 
ATOM   873  N NE  . ARG A 1 104 ? 4.810   -4.495  -8.340  1.00 69.11  ? 1082 ARG A NE  1 
ATOM   874  C CZ  . ARG A 1 104 ? 4.989   -4.264  -9.638  1.00 79.12  ? 1082 ARG A CZ  1 
ATOM   875  N NH1 . ARG A 1 104 ? 3.974   -3.873  -10.398 1.00 75.25  ? 1082 ARG A NH1 1 
ATOM   876  N NH2 . ARG A 1 104 ? 6.179   -4.446  -10.191 1.00 55.29  ? 1082 ARG A NH2 1 
ATOM   877  N N   . ASP A 1 105 ? 7.567   -2.688  -5.978  1.00 19.35  ? 1083 ASP A N   1 
ATOM   878  C CA  . ASP A 1 105 ? 8.714   -3.590  -5.831  1.00 19.25  ? 1083 ASP A CA  1 
ATOM   879  C C   . ASP A 1 105 ? 9.435   -3.414  -4.496  1.00 20.50  ? 1083 ASP A C   1 
ATOM   880  O O   . ASP A 1 105 ? 9.887   -4.410  -3.926  1.00 20.49  ? 1083 ASP A O   1 
ATOM   881  C CB  . ASP A 1 105 ? 9.725   -3.433  -6.984  1.00 22.14  ? 1083 ASP A CB  1 
ATOM   882  C CG  . ASP A 1 105 ? 9.234   -3.890  -8.353  1.00 35.60  ? 1083 ASP A CG  1 
ATOM   883  O OD1 . ASP A 1 105 ? 8.321   -4.750  -8.408  1.00 36.43  ? 1083 ASP A OD1 1 
ATOM   884  O OD2 . ASP A 1 105 ? 9.752   -3.375  -9.370  1.00 37.28  ? 1083 ASP A OD2 1 
ATOM   885  N N   . THR A 1 106 ? 9.574   -2.163  -4.023  1.00 16.28  ? 1084 THR A N   1 
ATOM   886  C CA  . THR A 1 106 ? 10.242  -1.867  -2.750  1.00 16.32  ? 1084 THR A CA  1 
ATOM   887  C C   . THR A 1 106 ? 9.450   -2.460  -1.576  1.00 18.97  ? 1084 THR A C   1 
ATOM   888  O O   . THR A 1 106 ? 10.048  -3.075  -0.688  1.00 17.70  ? 1084 THR A O   1 
ATOM   889  C CB  . THR A 1 106 ? 10.476  -0.376  -2.581  1.00 21.42  ? 1084 THR A CB  1 
ATOM   890  O OG1 . THR A 1 106 ? 11.256  0.081   -3.703  1.00 17.64  ? 1084 THR A OG1 1 
ATOM   891  C CG2 . THR A 1 106 ? 11.208  -0.040  -1.252  1.00 18.06  ? 1084 THR A CG2 1 
ATOM   892  N N   . ALA A 1 107 ? 8.114   -2.300  -1.596  1.00 14.49  ? 1085 ALA A N   1 
ATOM   893  C CA  . ALA A 1 107 ? 7.234   -2.840  -0.554  1.00 14.64  ? 1085 ALA A CA  1 
ATOM   894  C C   . ALA A 1 107 ? 7.379   -4.371  -0.496  1.00 18.34  ? 1085 ALA A C   1 
ATOM   895  O O   . ALA A 1 107 ? 7.608   -4.899  0.581   1.00 17.01  ? 1085 ALA A O   1 
ATOM   896  C CB  . ALA A 1 107 ? 5.791   -2.462  -0.837  1.00 14.97  ? 1085 ALA A CB  1 
ATOM   897  N N   . TYR A 1 108 ? 7.304   -5.067  -1.654  1.00 15.93  ? 1086 TYR A N   1 
ATOM   898  C CA  . TYR A 1 108 ? 7.475   -6.519  -1.722  1.00 16.76  ? 1086 TYR A CA  1 
ATOM   899  C C   . TYR A 1 108 ? 8.866   -6.968  -1.235  1.00 19.89  ? 1086 TYR A C   1 
ATOM   900  O O   . TYR A 1 108 ? 8.964   -7.975  -0.527  1.00 19.89  ? 1086 TYR A O   1 
ATOM   901  C CB  . TYR A 1 108 ? 7.175   -7.046  -3.147  1.00 17.84  ? 1086 TYR A CB  1 
ATOM   902  C CG  . TYR A 1 108 ? 5.696   -7.288  -3.394  1.00 18.90  ? 1086 TYR A CG  1 
ATOM   903  C CD1 . TYR A 1 108 ? 4.852   -6.248  -3.780  1.00 20.20  ? 1086 TYR A CD1 1 
ATOM   904  C CD2 . TYR A 1 108 ? 5.150   -8.563  -3.285  1.00 20.24  ? 1086 TYR A CD2 1 
ATOM   905  C CE1 . TYR A 1 108 ? 3.493   -6.468  -4.024  1.00 17.96  ? 1086 TYR A CE1 1 
ATOM   906  C CE2 . TYR A 1 108 ? 3.804   -8.803  -3.553  1.00 20.96  ? 1086 TYR A CE2 1 
ATOM   907  C CZ  . TYR A 1 108 ? 2.973   -7.751  -3.911  1.00 24.19  ? 1086 TYR A CZ  1 
ATOM   908  O OH  . TYR A 1 108 ? 1.647   -7.995  -4.163  1.00 21.77  ? 1086 TYR A OH  1 
ATOM   909  N N   . ALA A 1 109 ? 9.932   -6.242  -1.613  1.00 18.40  ? 1087 ALA A N   1 
ATOM   910  C CA  . ALA A 1 109 ? 11.310  -6.585  -1.218  1.00 18.12  ? 1087 ALA A CA  1 
ATOM   911  C C   . ALA A 1 109 ? 11.518  -6.381  0.277   1.00 19.49  ? 1087 ALA A C   1 
ATOM   912  O O   . ALA A 1 109 ? 12.129  -7.238  0.911   1.00 18.85  ? 1087 ALA A O   1 
ATOM   913  C CB  . ALA A 1 109 ? 12.337  -5.767  -2.011  1.00 18.79  ? 1087 ALA A CB  1 
ATOM   914  N N   . ILE A 1 110 ? 10.978  -5.279  0.860   1.00 16.26  ? 1088 ILE A N   1 
ATOM   915  C CA  . ILE A 1 110 ? 11.099  -5.051  2.310   1.00 15.01  ? 1088 ILE A CA  1 
ATOM   916  C C   . ILE A 1 110 ? 10.442  -6.233  3.039   1.00 18.07  ? 1088 ILE A C   1 
ATOM   917  O O   . ILE A 1 110 ? 11.053  -6.805  3.931   1.00 16.58  ? 1088 ILE A O   1 
ATOM   918  C CB  . ILE A 1 110 ? 10.512  -3.666  2.760   1.00 16.91  ? 1088 ILE A CB  1 
ATOM   919  C CG1 . ILE A 1 110 ? 11.429  -2.514  2.308   1.00 15.92  ? 1088 ILE A CG1 1 
ATOM   920  C CG2 . ILE A 1 110 ? 10.287  -3.623  4.307   1.00 16.53  ? 1088 ILE A CG2 1 
ATOM   921  C CD1 . ILE A 1 110 ? 10.748  -1.076  2.411   1.00 17.82  ? 1088 ILE A CD1 1 
ATOM   922  N N   . ILE A 1 111 ? 9.219   -6.595  2.632   1.00 15.44  ? 1089 ILE A N   1 
ATOM   923  C CA  . ILE A 1 111 ? 8.429   -7.673  3.231   1.00 16.07  ? 1089 ILE A CA  1 
ATOM   924  C C   . ILE A 1 111 ? 9.134   -9.032  3.035   1.00 20.82  ? 1089 ILE A C   1 
ATOM   925  O O   . ILE A 1 111 ? 9.226   -9.817  3.979   1.00 19.57  ? 1089 ILE A O   1 
ATOM   926  C CB  . ILE A 1 111 ? 6.962   -7.598  2.711   1.00 19.86  ? 1089 ILE A CB  1 
ATOM   927  C CG1 . ILE A 1 111 ? 6.196   -6.489  3.492   1.00 21.49  ? 1089 ILE A CG1 1 
ATOM   928  C CG2 . ILE A 1 111 ? 6.222   -8.950  2.773   1.00 20.53  ? 1089 ILE A CG2 1 
ATOM   929  C CD1 . ILE A 1 111 ? 5.141   -5.765  2.731   1.00 26.56  ? 1089 ILE A CD1 1 
ATOM   930  N N   . LYS A 1 112 ? 9.708   -9.273  1.854   1.00 18.86  ? 1090 LYS A N   1 
ATOM   931  C CA  . LYS A 1 112 ? 10.452  -10.528 1.623   1.00 19.37  ? 1090 LYS A CA  1 
ATOM   932  C C   . LYS A 1 112 ? 11.634  -10.683 2.621   1.00 21.58  ? 1090 LYS A C   1 
ATOM   933  O O   . LYS A 1 112 ? 11.862  -11.768 3.157   1.00 21.42  ? 1090 LYS A O   1 
ATOM   934  C CB  . LYS A 1 112 ? 10.965  -10.587 0.169   1.00 22.85  ? 1090 LYS A CB  1 
ATOM   935  C CG  . LYS A 1 112 ? 11.736  -11.871 -0.165  1.00 35.13  ? 1090 LYS A CG  1 
ATOM   936  C CD  . LYS A 1 112 ? 12.404  -11.768 -1.522  1.00 47.87  ? 1090 LYS A CD  1 
ATOM   937  C CE  . LYS A 1 112 ? 13.115  -13.037 -1.923  1.00 62.80  ? 1090 LYS A CE  1 
ATOM   938  N NZ  . LYS A 1 112 ? 13.740  -12.891 -3.265  1.00 77.62  ? 1090 LYS A NZ  1 
ATOM   939  N N   . GLU A 1 113 ? 12.344  -9.597  2.891   1.00 17.91  ? 1091 GLU A N   1 
ATOM   940  C CA  . GLU A 1 113 ? 13.500  -9.623  3.776   1.00 17.45  ? 1091 GLU A CA  1 
ATOM   941  C C   . GLU A 1 113 ? 13.171  -9.532  5.252   1.00 20.13  ? 1091 GLU A C   1 
ATOM   942  O O   . GLU A 1 113 ? 13.972  -9.967  6.080   1.00 19.75  ? 1091 GLU A O   1 
ATOM   943  C CB  . GLU A 1 113 ? 14.446  -8.473  3.431   1.00 18.95  ? 1091 GLU A CB  1 
ATOM   944  C CG  . GLU A 1 113 ? 15.026  -8.541  2.030   1.00 31.73  ? 1091 GLU A CG  1 
ATOM   945  C CD  . GLU A 1 113 ? 15.996  -7.424  1.699   1.00 60.75  ? 1091 GLU A CD  1 
ATOM   946  O OE1 . GLU A 1 113 ? 16.115  -7.084  0.499   1.00 59.87  ? 1091 GLU A OE1 1 
ATOM   947  O OE2 . GLU A 1 113 ? 16.635  -6.887  2.637   1.00 50.90  ? 1091 GLU A OE2 1 
ATOM   948  N N   . GLU A 1 114 ? 12.055  -8.883  5.596   1.00 15.57  ? 1092 GLU A N   1 
ATOM   949  C CA  . GLU A 1 114 ? 11.786  -8.596  6.999   1.00 15.98  ? 1092 GLU A CA  1 
ATOM   950  C C   . GLU A 1 114 ? 10.557  -9.276  7.596   1.00 20.50  ? 1092 GLU A C   1 
ATOM   951  O O   . GLU A 1 114 ? 10.399  -9.280  8.815   1.00 19.81  ? 1092 GLU A O   1 
ATOM   952  C CB  . GLU A 1 114 ? 11.690  -7.073  7.183   1.00 15.98  ? 1092 GLU A CB  1 
ATOM   953  C CG  . GLU A 1 114 ? 12.947  -6.358  6.697   1.00 16.21  ? 1092 GLU A CG  1 
ATOM   954  C CD  . GLU A 1 114 ? 12.882  -4.848  6.737   1.00 24.68  ? 1092 GLU A CD  1 
ATOM   955  O OE1 . GLU A 1 114 ? 12.098  -4.300  7.538   1.00 17.35  ? 1092 GLU A OE1 1 
ATOM   956  O OE2 . GLU A 1 114 ? 13.621  -4.205  5.963   1.00 16.73  ? 1092 GLU A OE2 1 
ATOM   957  N N   . LEU A 1 115 ? 9.686   -9.815  6.762   1.00 18.31  ? 1093 LEU A N   1 
ATOM   958  C CA  . LEU A 1 115 ? 8.504   -10.462 7.299   1.00 19.12  ? 1093 LEU A CA  1 
ATOM   959  C C   . LEU A 1 115 ? 8.744   -11.966 7.525   1.00 22.02  ? 1093 LEU A C   1 
ATOM   960  O O   . LEU A 1 115 ? 9.041   -12.684 6.584   1.00 22.34  ? 1093 LEU A O   1 
ATOM   961  C CB  . LEU A 1 115 ? 7.274   -10.224 6.405   1.00 18.68  ? 1093 LEU A CB  1 
ATOM   962  C CG  . LEU A 1 115 ? 6.024   -11.052 6.769   1.00 23.24  ? 1093 LEU A CG  1 
ATOM   963  C CD1 . LEU A 1 115 ? 5.351   -10.504 7.989   1.00 23.03  ? 1093 LEU A CD1 1 
ATOM   964  C CD2 . LEU A 1 115 ? 5.075   -11.105 5.624   1.00 24.12  ? 1093 LEU A CD2 1 
ATOM   965  N N   . ASP A 1 116 ? 8.550   -12.442 8.748   1.00 19.31  ? 1094 ASP A N   1 
ATOM   966  C CA  . ASP A 1 116 ? 8.658   -13.888 9.034   1.00 18.65  ? 1094 ASP A CA  1 
ATOM   967  C C   . ASP A 1 116 ? 7.386   -14.543 8.460   1.00 19.63  ? 1094 ASP A C   1 
ATOM   968  O O   . ASP A 1 116 ? 6.289   -14.115 8.787   1.00 18.69  ? 1094 ASP A O   1 
ATOM   969  C CB  . ASP A 1 116 ? 8.741   -14.125 10.544  1.00 20.23  ? 1094 ASP A CB  1 
ATOM   970  C CG  . ASP A 1 116 ? 9.040   -15.577 10.887  1.00 26.68  ? 1094 ASP A CG  1 
ATOM   971  O OD1 . ASP A 1 116 ? 8.270   -16.457 10.463  1.00 27.91  ? 1094 ASP A OD1 1 
ATOM   972  O OD2 . ASP A 1 116 ? 9.998   -15.819 11.626  1.00 27.12  ? 1094 ASP A OD2 1 
ATOM   973  N N   . GLU A 1 117 ? 7.531   -15.534 7.585   1.00 17.70  ? 1095 GLU A N   1 
ATOM   974  C CA  . GLU A 1 117 ? 6.373   -16.168 6.932   1.00 18.98  ? 1095 GLU A CA  1 
ATOM   975  C C   . GLU A 1 117 ? 5.445   -16.879 7.911   1.00 20.14  ? 1095 GLU A C   1 
ATOM   976  O O   . GLU A 1 117 ? 4.259   -16.996 7.620   1.00 18.42  ? 1095 GLU A O   1 
ATOM   977  C CB  . GLU A 1 117 ? 6.781   -17.081 5.761   1.00 21.69  ? 1095 GLU A CB  1 
ATOM   978  C CG  . GLU A 1 117 ? 7.780   -18.175 6.097   1.00 40.85  ? 1095 GLU A CG  1 
ATOM   979  C CD  . GLU A 1 117 ? 8.151   -19.081 4.932   1.00 68.32  ? 1095 GLU A CD  1 
ATOM   980  O OE1 . GLU A 1 117 ? 8.532   -20.244 5.193   1.00 57.42  ? 1095 GLU A OE1 1 
ATOM   981  O OE2 . GLU A 1 117 ? 8.060   -18.636 3.764   1.00 63.65  ? 1095 GLU A OE2 1 
ATOM   982  N N   . ASP A 1 118 ? 5.947   -17.280 9.095   1.00 18.69  ? 1096 ASP A N   1 
ATOM   983  C CA  . ASP A 1 118 ? 5.083   -17.912 10.109  1.00 18.30  ? 1096 ASP A CA  1 
ATOM   984  C C   . ASP A 1 118 ? 4.257   -16.858 10.793  1.00 21.61  ? 1096 ASP A C   1 
ATOM   985  O O   . ASP A 1 118 ? 3.210   -17.180 11.357  1.00 20.19  ? 1096 ASP A O   1 
ATOM   986  C CB  . ASP A 1 118 ? 5.901   -18.681 11.162  1.00 19.53  ? 1096 ASP A CB  1 
ATOM   987  C CG  . ASP A 1 118 ? 6.521   -19.956 10.641  1.00 26.58  ? 1096 ASP A CG  1 
ATOM   988  O OD1 . ASP A 1 118 ? 6.026   -20.481 9.614   1.00 25.32  ? 1096 ASP A OD1 1 
ATOM   989  O OD2 . ASP A 1 118 ? 7.554   -20.370 11.188  1.00 34.42  ? 1096 ASP A OD2 1 
ATOM   990  N N   . PHE A 1 119 ? 4.746   -15.591 10.798  1.00 17.75  ? 1097 PHE A N   1 
ATOM   991  C CA  . PHE A 1 119 ? 3.972   -14.504 11.393  1.00 16.43  ? 1097 PHE A CA  1 
ATOM   992  C C   . PHE A 1 119 ? 2.765   -14.226 10.463  1.00 18.98  ? 1097 PHE A C   1 
ATOM   993  O O   . PHE A 1 119 ? 1.634   -14.095 10.938  1.00 18.74  ? 1097 PHE A O   1 
ATOM   994  C CB  . PHE A 1 119 ? 4.836   -13.230 11.610  1.00 17.89  ? 1097 PHE A CB  1 
ATOM   995  C CG  . PHE A 1 119 ? 4.012   -12.105 12.191  1.00 17.99  ? 1097 PHE A CG  1 
ATOM   996  C CD1 . PHE A 1 119 ? 3.803   -12.011 13.564  1.00 18.75  ? 1097 PHE A CD1 1 
ATOM   997  C CD2 . PHE A 1 119 ? 3.399   -11.165 11.358  1.00 18.56  ? 1097 PHE A CD2 1 
ATOM   998  C CE1 . PHE A 1 119 ? 2.995   -11.006 14.095  1.00 18.81  ? 1097 PHE A CE1 1 
ATOM   999  C CE2 . PHE A 1 119 ? 2.595   -10.156 11.891  1.00 19.35  ? 1097 PHE A CE2 1 
ATOM   1000 C CZ  . PHE A 1 119 ? 2.384   -10.091 13.254  1.00 18.15  ? 1097 PHE A CZ  1 
ATOM   1001 N N   . GLU A 1 120 ? 3.015   -14.132 9.148   1.00 16.08  ? 1098 GLU A N   1 
ATOM   1002 C CA  . GLU A 1 120 ? 1.953   -13.932 8.162   1.00 16.12  ? 1098 GLU A CA  1 
ATOM   1003 C C   . GLU A 1 120 ? 0.971   -15.095 8.237   1.00 20.99  ? 1098 GLU A C   1 
ATOM   1004 O O   . GLU A 1 120 ? -0.221  -14.859 8.182   1.00 19.74  ? 1098 GLU A O   1 
ATOM   1005 C CB  . GLU A 1 120 ? 2.534   -13.834 6.735   1.00 17.69  ? 1098 GLU A CB  1 
ATOM   1006 C CG  . GLU A 1 120 ? 1.492   -13.735 5.613   1.00 23.42  ? 1098 GLU A CG  1 
ATOM   1007 C CD  . GLU A 1 120 ? 0.472   -12.603 5.659   1.00 31.74  ? 1098 GLU A CD  1 
ATOM   1008 O OE1 . GLU A 1 120 ? 0.563   -11.757 6.572   1.00 23.21  ? 1098 GLU A OE1 1 
ATOM   1009 O OE2 . GLU A 1 120 ? -0.391  -12.529 4.753   1.00 27.48  ? 1098 GLU A OE2 1 
ATOM   1010 N N   . GLN A 1 121 ? 1.479   -16.353 8.332   1.00 20.24  ? 1099 GLN A N   1 
ATOM   1011 C CA  . GLN A 1 121 ? 0.629   -17.557 8.388   1.00 19.30  ? 1099 GLN A CA  1 
ATOM   1012 C C   . GLN A 1 121 ? -0.318  -17.496 9.580   1.00 22.16  ? 1099 GLN A C   1 
ATOM   1013 O O   . GLN A 1 121 ? -1.507  -17.776 9.423   1.00 21.06  ? 1099 GLN A O   1 
ATOM   1014 C CB  . GLN A 1 121 ? 1.480   -18.845 8.401   1.00 20.78  ? 1099 GLN A CB  1 
ATOM   1015 C CG  . GLN A 1 121 ? 0.660   -20.136 8.183   1.00 24.27  ? 1099 GLN A CG  1 
ATOM   1016 C CD  . GLN A 1 121 ? -0.103  -20.156 6.875   1.00 37.53  ? 1099 GLN A CD  1 
ATOM   1017 O OE1 . GLN A 1 121 ? 0.368   -19.676 5.838   1.00 31.81  ? 1099 GLN A OE1 1 
ATOM   1018 N NE2 . GLN A 1 121 ? -1.307  -20.711 6.892   1.00 32.09  ? 1099 GLN A NE2 1 
ATOM   1019 N N   . LEU A 1 122 ? 0.190   -17.054 10.747  1.00 18.81  ? 1100 LEU A N   1 
ATOM   1020 C CA  . LEU A 1 122 ? -0.630  -16.877 11.943  1.00 19.51  ? 1100 LEU A CA  1 
ATOM   1021 C C   . LEU A 1 122 ? -1.731  -15.845 11.712  1.00 21.84  ? 1100 LEU A C   1 
ATOM   1022 O O   . LEU A 1 122 ? -2.894  -16.115 12.049  1.00 19.89  ? 1100 LEU A O   1 
ATOM   1023 C CB  . LEU A 1 122 ? 0.238   -16.504 13.167  1.00 20.29  ? 1100 LEU A CB  1 
ATOM   1024 C CG  . LEU A 1 122 ? -0.502  -16.203 14.479  1.00 25.07  ? 1100 LEU A CG  1 
ATOM   1025 C CD1 . LEU A 1 122 ? -1.336  -17.407 14.930  1.00 25.94  ? 1100 LEU A CD1 1 
ATOM   1026 C CD2 . LEU A 1 122 ? 0.470   -15.789 15.583  1.00 24.61  ? 1100 LEU A CD2 1 
ATOM   1027 N N   . CYS A 1 123 ? -1.383  -14.679 11.095  1.00 17.29  ? 1101 CYS A N   1 
ATOM   1028 C CA  . CYS A 1 123 ? -2.383  -13.639 10.803  1.00 17.63  ? 1101 CYS A CA  1 
ATOM   1029 C C   . CYS A 1 123 ? -3.478  -14.223 9.898   1.00 22.47  ? 1101 CYS A C   1 
ATOM   1030 O O   . CYS A 1 123 ? -4.658  -14.014 10.162  1.00 22.36  ? 1101 CYS A O   1 
ATOM   1031 C CB  . CYS A 1 123 ? -1.735  -12.417 10.154  1.00 16.31  ? 1101 CYS A CB  1 
ATOM   1032 S SG  . CYS A 1 123 ? -0.650  -11.486 11.257  1.00 19.23  ? 1101 CYS A SG  1 
ATOM   1033 N N   . GLU A 1 124 ? -3.075  -14.955 8.849   1.00 20.23  ? 1102 GLU A N   1 
ATOM   1034 C CA  . GLU A 1 124 ? -4.014  -15.560 7.896   1.00 21.59  ? 1102 GLU A CA  1 
ATOM   1035 C C   . GLU A 1 124 ? -4.940  -16.556 8.598   1.00 28.19  ? 1102 GLU A C   1 
ATOM   1036 O O   . GLU A 1 124 ? -6.151  -16.529 8.373   1.00 28.62  ? 1102 GLU A O   1 
ATOM   1037 C CB  . GLU A 1 124 ? -3.272  -16.223 6.728   1.00 22.94  ? 1102 GLU A CB  1 
ATOM   1038 C CG  . GLU A 1 124 ? -2.604  -15.215 5.799   1.00 33.95  ? 1102 GLU A CG  1 
ATOM   1039 C CD  . GLU A 1 124 ? -1.901  -15.762 4.570   1.00 52.62  ? 1102 GLU A CD  1 
ATOM   1040 O OE1 . GLU A 1 124 ? -2.179  -16.918 4.188   1.00 50.37  ? 1102 GLU A OE1 1 
ATOM   1041 O OE2 . GLU A 1 124 ? -1.109  -15.010 3.955   1.00 40.96  ? 1102 GLU A OE2 1 
ATOM   1042 N N   . GLU A 1 125 ? -4.387  -17.353 9.520   1.00 24.30  ? 1103 GLU A N   1 
ATOM   1043 C CA  . GLU A 1 125 ? -5.179  -18.346 10.236  1.00 24.69  ? 1103 GLU A CA  1 
ATOM   1044 C C   . GLU A 1 125 ? -6.137  -17.714 11.232  1.00 30.03  ? 1103 GLU A C   1 
ATOM   1045 O O   . GLU A 1 125 ? -7.276  -18.162 11.287  1.00 31.67  ? 1103 GLU A O   1 
ATOM   1046 C CB  . GLU A 1 125 ? -4.291  -19.437 10.844  1.00 25.56  ? 1103 GLU A CB  1 
ATOM   1047 C CG  . GLU A 1 125 ? -3.790  -20.366 9.749   1.00 25.59  ? 1103 GLU A CG  1 
ATOM   1048 C CD  . GLU A 1 125 ? -2.846  -21.481 10.155  1.00 28.49  ? 1103 GLU A CD  1 
ATOM   1049 O OE1 . GLU A 1 125 ? -2.770  -21.800 11.361  1.00 23.54  ? 1103 GLU A OE1 1 
ATOM   1050 O OE2 . GLU A 1 125 ? -2.161  -22.021 9.262   1.00 26.11  ? 1103 GLU A OE2 1 
ATOM   1051 N N   . ILE A 1 126 ? -5.762  -16.623 11.928  1.00 25.99  ? 1104 ILE A N   1 
ATOM   1052 C CA  . ILE A 1 126 ? -6.716  -15.936 12.807  1.00 25.99  ? 1104 ILE A CA  1 
ATOM   1053 C C   . ILE A 1 126 ? -7.847  -15.329 11.928  1.00 33.42  ? 1104 ILE A C   1 
ATOM   1054 O O   . ILE A 1 126 ? -9.026  -15.490 12.250  1.00 34.38  ? 1104 ILE A O   1 
ATOM   1055 C CB  . ILE A 1 126 ? -6.053  -14.865 13.706  1.00 28.26  ? 1104 ILE A CB  1 
ATOM   1056 C CG1 . ILE A 1 126 ? -4.888  -15.450 14.562  1.00 28.09  ? 1104 ILE A CG1 1 
ATOM   1057 C CG2 . ILE A 1 126 ? -7.108  -14.177 14.582  1.00 28.52  ? 1104 ILE A CG2 1 
ATOM   1058 C CD1 . ILE A 1 126 ? -3.870  -14.369 15.093  1.00 27.26  ? 1104 ILE A CD1 1 
ATOM   1059 N N   . GLN A 1 127 ? -7.481  -14.664 10.811  1.00 31.00  ? 1105 GLN A N   1 
ATOM   1060 C CA  . GLN A 1 127 ? -8.437  -14.040 9.889   1.00 31.54  ? 1105 GLN A CA  1 
ATOM   1061 C C   . GLN A 1 127 ? -9.460  -15.068 9.373   1.00 37.38  ? 1105 GLN A C   1 
ATOM   1062 O O   . GLN A 1 127 ? -10.657 -14.822 9.483   1.00 36.45  ? 1105 GLN A O   1 
ATOM   1063 C CB  . GLN A 1 127 ? -7.723  -13.318 8.721   1.00 32.19  ? 1105 GLN A CB  1 
ATOM   1064 C CG  . GLN A 1 127 ? -8.698  -12.605 7.761   1.00 32.81  ? 1105 GLN A CG  1 
ATOM   1065 C CD  . GLN A 1 127 ? -8.044  -12.136 6.486   1.00 47.17  ? 1105 GLN A CD  1 
ATOM   1066 O OE1 . GLN A 1 127 ? -7.389  -12.906 5.764   1.00 41.89  ? 1105 GLN A OE1 1 
ATOM   1067 N NE2 . GLN A 1 127 ? -8.250  -10.864 6.151   1.00 36.70  ? 1105 GLN A NE2 1 
ATOM   1068 N N   . GLU A 1 128 ? -8.982  -16.207 8.836   1.00 36.82  ? 1106 GLU A N   1 
ATOM   1069 C CA  . GLU A 1 128 ? -9.813  -17.300 8.302   1.00 38.49  ? 1106 GLU A CA  1 
ATOM   1070 C C   . GLU A 1 128 ? -10.773 -17.889 9.346   1.00 43.75  ? 1106 GLU A C   1 
ATOM   1071 O O   . GLU A 1 128 ? -11.820 -18.423 8.975   1.00 44.21  ? 1106 GLU A O   1 
ATOM   1072 C CB  . GLU A 1 128 ? -8.939  -18.419 7.727   1.00 40.23  ? 1106 GLU A CB  1 
ATOM   1073 C CG  . GLU A 1 128 ? -8.313  -18.102 6.381   1.00 56.08  ? 1106 GLU A CG  1 
ATOM   1074 C CD  . GLU A 1 128 ? -7.191  -19.030 5.947   1.00 91.29  ? 1106 GLU A CD  1 
ATOM   1075 O OE1 . GLU A 1 128 ? -7.241  -20.239 6.274   1.00 94.28  ? 1106 GLU A OE1 1 
ATOM   1076 O OE2 . GLU A 1 128 ? -6.270  -18.548 5.248   1.00 91.17  ? 1106 GLU A OE2 1 
ATOM   1077 N N   . SER A 1 129 ? -10.409 -17.804 10.636  1.00 39.89  ? 1107 SER A N   1 
ATOM   1078 C CA  . SER A 1 129 ? -11.210 -18.320 11.750  1.00 40.27  ? 1107 SER A CA  1 
ATOM   1079 C C   . SER A 1 129 ? -12.370 -17.385 12.118  1.00 47.21  ? 1107 SER A C   1 
ATOM   1080 O O   . SER A 1 129 ? -13.365 -17.841 12.678  1.00 48.86  ? 1107 SER A O   1 
ATOM   1081 C CB  . SER A 1 129 ? -10.326 -18.545 12.976  1.00 42.11  ? 1107 SER A CB  1 
ATOM   1082 O OG  . SER A 1 129 ? -10.214 -17.366 13.758  1.00 44.98  ? 1107 SER A OG  1 
ATOM   1083 N N   . ARG A 1 130 ? -12.209 -16.077 11.854  1.00 43.57  ? 1108 ARG A N   1 
ATOM   1084 C CA  . ARG A 1 130 ? -13.180 -15.027 12.170  1.00 44.80  ? 1108 ARG A CA  1 
ATOM   1085 C C   . ARG A 1 130 ? -14.308 -14.912 11.123  1.00 68.37  ? 1108 ARG A C   1 
ATOM   1086 O O   . ARG A 1 130 ? -14.095 -15.283 9.943   1.00 69.01  ? 1108 ARG A O   1 
ATOM   1087 C CB  . ARG A 1 130 ? -12.464 -13.682 12.409  1.00 42.97  ? 1108 ARG A CB  1 
ATOM   1088 C CG  . ARG A 1 130 ? -11.553 -13.734 13.646  1.00 47.37  ? 1108 ARG A CG  1 
ATOM   1089 C CD  . ARG A 1 130 ? -10.977 -12.407 14.083  1.00 48.47  ? 1108 ARG A CD  1 
ATOM   1090 N NE  . ARG A 1 130 ? -10.262 -12.557 15.354  1.00 45.75  ? 1108 ARG A NE  1 
ATOM   1091 C CZ  . ARG A 1 130 ? -9.745  -11.556 16.055  1.00 61.81  ? 1108 ARG A CZ  1 
ATOM   1092 N NH1 . ARG A 1 130 ? -9.119  -11.795 17.201  1.00 47.92  ? 1108 ARG A NH1 1 
ATOM   1093 N NH2 . ARG A 1 130 ? -9.849  -10.305 15.619  1.00 52.81  ? 1108 ARG A NH2 1 
ATOM   1094 O OXT . ARG A 1 130 ? -15.428 -14.505 11.509  1.00 89.39  ? 1108 ARG A OXT 1 
HETATM 1095 S S   . SO4 B 2 .   ? -1.939  0.472   17.631  1.00 33.54  ? 1201 SO4 A S   1 
HETATM 1096 O O1  . SO4 B 2 .   ? -2.898  -0.343  18.362  1.00 31.87  ? 1201 SO4 A O1  1 
HETATM 1097 O O2  . SO4 B 2 .   ? -0.673  0.504   18.388  1.00 40.09  ? 1201 SO4 A O2  1 
HETATM 1098 O O3  . SO4 B 2 .   ? -2.441  1.808   17.491  1.00 32.28  ? 1201 SO4 A O3  1 
HETATM 1099 O O4  . SO4 B 2 .   ? -1.711  -0.112  16.337  1.00 37.58  ? 1201 SO4 A O4  1 
HETATM 1100 S S   . SO4 C 2 .   ? 7.759   -10.017 11.804  0.75 60.31  ? 1202 SO4 A S   1 
HETATM 1101 O O1  . SO4 C 2 .   ? 9.112   -9.476  11.920  0.75 60.02  ? 1202 SO4 A O1  1 
HETATM 1102 O O2  . SO4 C 2 .   ? 7.615   -11.162 12.716  0.75 61.07  ? 1202 SO4 A O2  1 
HETATM 1103 O O3  . SO4 C 2 .   ? 7.563   -10.474 10.457  0.75 59.22  ? 1202 SO4 A O3  1 
HETATM 1104 O O4  . SO4 C 2 .   ? 6.758   -8.961  12.148  0.75 58.46  ? 1202 SO4 A O4  1 
HETATM 1105 S S   . SO4 D 2 .   ? -13.170 -0.646  2.527   0.25 88.02  ? 1203 SO4 A S   1 
HETATM 1106 O O1  . SO4 D 2 .   ? -11.989 0.105   2.950   0.25 87.96  ? 1203 SO4 A O1  1 
HETATM 1107 O O2  . SO4 D 2 .   ? -13.929 -1.065  3.704   0.25 88.01  ? 1203 SO4 A O2  1 
HETATM 1108 O O3  . SO4 D 2 .   ? -12.755 -1.825  1.770   0.25 87.99  ? 1203 SO4 A O3  1 
HETATM 1109 O O4  . SO4 D 2 .   ? -14.008 0.204   1.682   0.25 87.96  ? 1203 SO4 A O4  1 
HETATM 1110 C C1  . 95O E 3 .   ? -0.833  9.437   -9.630  1.00 32.08  ? 1204 95O A C1  1 
HETATM 1111 C C2  . 95O E 3 .   ? -0.949  10.769  -11.380 1.00 33.40  ? 1204 95O A C2  1 
HETATM 1112 C C3  . 95O E 3 .   ? -0.060  11.833  -9.377  1.00 34.63  ? 1204 95O A C3  1 
HETATM 1113 C C7  . 95O E 3 .   ? 0.726   14.122  -9.273  1.00 36.91  ? 1204 95O A C7  1 
HETATM 1114 C C8  . 95O E 3 .   ? -1.080  14.286  -7.503  1.00 34.65  ? 1204 95O A C8  1 
HETATM 1115 C C9  . 95O E 3 .   ? -0.919  13.574  -6.148  1.00 34.05  ? 1204 95O A C9  1 
HETATM 1116 C C10 . 95O E 3 .   ? 0.155   14.205  -5.288  1.00 33.83  ? 1204 95O A C10 1 
HETATM 1117 C C11 . 95O E 3 .   ? 0.271   13.843  -3.946  1.00 33.48  ? 1204 95O A C11 1 
HETATM 1118 C C12 . 95O E 3 .   ? 1.251   14.404  -3.141  1.00 34.66  ? 1204 95O A C12 1 
HETATM 1119 C C13 . 95O E 3 .   ? 2.146   15.313  -3.672  1.00 34.37  ? 1204 95O A C13 1 
HETATM 1120 C C14 . 95O E 3 .   ? 2.049   15.680  -5.006  1.00 34.93  ? 1204 95O A C14 1 
HETATM 1121 C C15 . 95O E 3 .   ? 1.060   15.138  -5.828  1.00 35.53  ? 1204 95O A C15 1 
HETATM 1122 C C16 . 95O E 3 .   ? 1.005   15.546  -7.294  1.00 35.65  ? 1204 95O A C16 1 
HETATM 1123 O O1  . 95O E 3 .   ? -3.071  15.526  -7.067  1.00 33.20  ? 1204 95O A O1  1 
HETATM 1124 C C18 . 95O E 3 .   ? -1.858  15.562  -7.245  1.00 33.20  ? 1204 95O A C18 1 
HETATM 1125 N N5  . 95O E 3 .   ? -1.160  16.699  -7.204  1.00 33.11  ? 1204 95O A N5  1 
HETATM 1126 C C17 . 95O E 3 .   ? 0.276   16.886  -7.405  1.00 32.99  ? 1204 95O A C17 1 
HETATM 1127 N N4  . 95O E 3 .   ? 0.261   14.531  -8.073  1.00 35.04  ? 1204 95O A N4  1 
HETATM 1128 O O   . 95O E 3 .   ? 1.727   14.602  -9.797  1.00 38.53  ? 1204 95O A O   1 
HETATM 1129 C C4  . 95O E 3 .   ? 0.037   13.031  -10.015 1.00 36.60  ? 1204 95O A C4  1 
HETATM 1130 N N2  . 95O E 3 .   ? -0.596  10.734  -10.033 1.00 33.78  ? 1204 95O A N2  1 
HETATM 1131 C C   . 95O E 3 .   ? -0.558  8.932   -8.263  1.00 27.12  ? 1204 95O A C   1 
HETATM 1132 C C5  . 95O E 3 .   ? -0.265  13.069  -11.432 1.00 33.25  ? 1204 95O A C5  1 
HETATM 1133 C C6  . 95O E 3 .   ? -0.775  11.994  -12.113 1.00 32.36  ? 1204 95O A C6  1 
HETATM 1134 N N3  . 95O E 3 .   ? -1.119  12.014  -13.431 1.00 28.97  ? 1204 95O A N3  1 
HETATM 1135 N N1  . 95O E 3 .   ? -1.374  9.575   -11.757 1.00 34.08  ? 1204 95O A N1  1 
HETATM 1136 N N   . 95O E 3 .   ? -1.294  8.740   -10.640 1.00 32.73  ? 1204 95O A N   1 
HETATM 1137 O O   . HOH F 4 .   ? -2.713  6.548   -10.146 1.00 22.46  ? 1301 HOH A O   1 
HETATM 1138 O O   . HOH F 4 .   ? -8.291  -20.561 11.226  1.00 38.25  ? 1302 HOH A O   1 
HETATM 1139 O O   . HOH F 4 .   ? 15.362  -4.724  4.066   1.00 33.54  ? 1303 HOH A O   1 
HETATM 1140 O O   . HOH F 4 .   ? 8.565   -2.881  9.509   1.00 39.38  ? 1304 HOH A O   1 
HETATM 1141 O O   . HOH F 4 .   ? -1.623  5.447   -7.853  1.00 21.56  ? 1305 HOH A O   1 
HETATM 1142 O O   . HOH F 4 .   ? -0.684  6.626   12.395  1.00 35.51  ? 1306 HOH A O   1 
HETATM 1143 O O   . HOH F 4 .   ? 10.398  9.488   -18.347 1.00 26.07  ? 1307 HOH A O   1 
HETATM 1144 O O   . HOH F 4 .   ? 2.704   -10.682 17.796  1.00 32.88  ? 1308 HOH A O   1 
HETATM 1145 O O   . HOH F 4 .   ? -8.511  -17.837 15.764  1.00 49.19  ? 1309 HOH A O   1 
HETATM 1146 O O   . HOH F 4 .   ? -6.218  7.769   -2.779  1.00 22.40  ? 1310 HOH A O   1 
HETATM 1147 O O   . HOH F 4 .   ? 7.034   -11.523 15.591  1.00 20.81  ? 1311 HOH A O   1 
HETATM 1148 O O   . HOH F 4 .   ? -5.354  2.811   -19.567 1.00 36.89  ? 1312 HOH A O   1 
HETATM 1149 O O   . HOH F 4 .   ? -5.073  7.329   11.122  1.00 28.94  ? 1313 HOH A O   1 
HETATM 1150 O O   . HOH F 4 .   ? -4.779  6.326   -6.583  1.00 22.55  ? 1314 HOH A O   1 
HETATM 1151 O O   . HOH F 4 .   ? 1.858   -13.213 17.806  1.00 40.70  ? 1315 HOH A O   1 
HETATM 1152 O O   . HOH F 4 .   ? 13.029  5.007   2.759   1.00 35.81  ? 1316 HOH A O   1 
HETATM 1153 O O   . HOH F 4 .   ? 8.824   -8.380  16.644  1.00 16.65  ? 1317 HOH A O   1 
HETATM 1154 O O   . HOH F 4 .   ? -0.970  4.821   -24.726 1.00 48.33  ? 1318 HOH A O   1 
HETATM 1155 O O   . HOH F 4 .   ? 7.963   10.863  -0.668  1.00 25.25  ? 1319 HOH A O   1 
HETATM 1156 O O   . HOH F 4 .   ? 9.822   -13.345 4.085   1.00 37.12  ? 1320 HOH A O   1 
HETATM 1157 O O   . HOH F 4 .   ? 4.015   -21.049 7.899   1.00 34.33  ? 1321 HOH A O   1 
HETATM 1158 O O   . HOH F 4 .   ? -4.416  15.551  -2.054  1.00 45.31  ? 1322 HOH A O   1 
HETATM 1159 O O   . HOH F 4 .   ? -1.598  6.989   -5.693  1.00 22.07  ? 1323 HOH A O   1 
HETATM 1160 O O   . HOH F 4 .   ? -1.949  9.728   -20.209 1.00 36.18  ? 1324 HOH A O   1 
HETATM 1161 O O   . HOH F 4 .   ? 10.161  13.764  -5.920  1.00 49.33  ? 1325 HOH A O   1 
HETATM 1162 O O   . HOH F 4 .   ? -3.365  -23.625 7.434   1.00 40.76  ? 1326 HOH A O   1 
HETATM 1163 O O   . HOH F 4 .   ? -3.911  -19.778 4.713   1.00 52.98  ? 1327 HOH A O   1 
HETATM 1164 O O   . HOH F 4 .   ? -4.928  -4.846  -5.955  1.00 22.09  ? 1328 HOH A O   1 
HETATM 1165 O O   . HOH F 4 .   ? 10.509  0.668   -11.499 1.00 44.54  ? 1329 HOH A O   1 
HETATM 1166 O O   . HOH F 4 .   ? -8.926  -1.250  -1.213  1.00 36.73  ? 1330 HOH A O   1 
HETATM 1167 O O   . HOH F 4 .   ? -8.399  8.122   8.967   1.00 38.30  ? 1331 HOH A O   1 
HETATM 1168 O O   . HOH F 4 .   ? 7.055   11.108  -7.032  1.00 25.05  ? 1332 HOH A O   1 
HETATM 1169 O O   . HOH F 4 .   ? -13.272 7.204   -7.682  1.00 40.44  ? 1333 HOH A O   1 
HETATM 1170 O O   . HOH F 4 .   ? 2.058   9.719   3.034   1.00 31.96  ? 1334 HOH A O   1 
HETATM 1171 O O   . HOH F 4 .   ? 13.885  0.775   -3.667  1.00 35.43  ? 1335 HOH A O   1 
HETATM 1172 O O   . HOH F 4 .   ? -6.068  -0.359  -10.738 1.00 24.52  ? 1336 HOH A O   1 
HETATM 1173 O O   . HOH F 4 .   ? 3.240   14.788  0.705   1.00 43.80  ? 1337 HOH A O   1 
HETATM 1174 O O   . HOH F 4 .   ? 5.745   12.107  -14.119 1.00 37.95  ? 1338 HOH A O   1 
HETATM 1175 O O   . HOH F 4 .   ? 7.475   -10.245 -0.837  1.00 26.65  ? 1339 HOH A O   1 
HETATM 1176 O O   . HOH F 4 .   ? -5.259  -5.608  17.776  1.00 40.06  ? 1340 HOH A O   1 
HETATM 1177 O O   . HOH F 4 .   ? -5.038  -17.136 20.974  1.00 49.64  ? 1341 HOH A O   1 
HETATM 1178 O O   . HOH F 4 .   ? 6.560   11.083  -26.359 1.00 30.92  ? 1342 HOH A O   1 
HETATM 1179 O O   . HOH F 4 .   ? 8.333   -21.171 7.761   1.00 61.25  ? 1343 HOH A O   1 
HETATM 1180 O O   . HOH F 4 .   ? -2.944  9.139   7.021   1.00 34.58  ? 1344 HOH A O   1 
HETATM 1181 O O   . HOH F 4 .   ? -1.437  9.632   -5.105  1.00 27.36  ? 1345 HOH A O   1 
HETATM 1182 O O   . HOH F 4 .   ? -1.122  11.219  -17.442 1.00 44.34  ? 1346 HOH A O   1 
HETATM 1183 O O   . HOH F 4 .   ? 10.180  -6.822  -5.207  1.00 24.04  ? 1347 HOH A O   1 
HETATM 1184 O O   . HOH F 4 .   ? 9.120   -22.564 10.634  1.00 58.21  ? 1348 HOH A O   1 
HETATM 1185 O O   . HOH F 4 .   ? -5.338  -12.395 3.502   1.00 36.92  ? 1349 HOH A O   1 
HETATM 1186 O O   . HOH F 4 .   ? 0.119   0.863   -18.591 1.00 38.94  ? 1350 HOH A O   1 
HETATM 1187 O O   . HOH F 4 .   ? 2.025   11.959  -16.684 1.00 64.37  ? 1351 HOH A O   1 
HETATM 1188 O O   . HOH F 4 .   ? -10.481 1.176   0.902   1.00 43.06  ? 1352 HOH A O   1 
HETATM 1189 O O   . HOH F 4 .   ? 0.040   -3.811  -9.243  1.00 35.69  ? 1353 HOH A O   1 
HETATM 1190 O O   . HOH F 4 .   ? -10.595 -15.181 16.606  1.00 49.04  ? 1354 HOH A O   1 
HETATM 1191 O O   . HOH F 4 .   ? 1.067   -17.272 4.642   1.00 44.83  ? 1355 HOH A O   1 
HETATM 1192 O O   . HOH F 4 .   ? -9.251  2.211   15.004  1.00 40.07  ? 1356 HOH A O   1 
HETATM 1193 O O   . HOH F 4 .   ? 5.517   1.449   13.163  1.00 19.26  ? 1357 HOH A O   1 
HETATM 1194 O O   . HOH F 4 .   ? -2.180  -14.875 18.445  1.00 52.13  ? 1358 HOH A O   1 
HETATM 1195 O O   . HOH F 4 .   ? 5.918   11.089  -11.204 1.00 39.94  ? 1359 HOH A O   1 
HETATM 1196 O O   . HOH F 4 .   ? 6.365   11.989  3.171   1.00 44.64  ? 1360 HOH A O   1 
HETATM 1197 O O   . HOH F 4 .   ? -10.356 -9.320  7.192   1.00 55.81  ? 1361 HOH A O   1 
HETATM 1198 O O   . HOH F 4 .   ? 9.040   3.145   12.329  1.00 25.44  ? 1362 HOH A O   1 
HETATM 1199 O O   . HOH F 4 .   ? -10.212 2.998   -2.958  1.00 35.05  ? 1363 HOH A O   1 
HETATM 1200 O O   . HOH F 4 .   ? 11.932  3.387   -0.018  1.00 35.87  ? 1364 HOH A O   1 
HETATM 1201 O O   . HOH F 4 .   ? 15.900  -11.935 5.472   1.00 45.26  ? 1365 HOH A O   1 
HETATM 1202 O O   . HOH F 4 .   ? 11.838  5.516   -10.351 1.00 26.78  ? 1366 HOH A O   1 
HETATM 1203 O O   . HOH F 4 .   ? -10.153 -10.770 20.816  1.00 49.22  ? 1367 HOH A O   1 
HETATM 1204 O O   . HOH F 4 .   ? -4.018  -4.040  -8.442  1.00 28.76  ? 1368 HOH A O   1 
HETATM 1205 O O   . HOH F 4 .   ? -7.084  -4.966  0.876   1.00 37.91  ? 1369 HOH A O   1 
HETATM 1206 O O   . HOH F 4 .   ? -8.976  1.474   -9.402  1.00 24.53  ? 1370 HOH A O   1 
HETATM 1207 O O   . HOH F 4 .   ? -4.775  -2.732  9.987   1.00 18.93  ? 1371 HOH A O   1 
HETATM 1208 O O   . HOH F 4 .   ? 9.428   8.612   -23.080 1.00 22.55  ? 1372 HOH A O   1 
HETATM 1209 O O   . HOH F 4 .   ? 14.530  9.882   -0.798  1.00 37.80  ? 1373 HOH A O   1 
HETATM 1210 O O   . HOH F 4 .   ? -7.303  -21.439 8.891   1.00 46.91  ? 1374 HOH A O   1 
HETATM 1211 O O   . HOH F 4 .   ? -8.885  -18.240 19.529  1.00 52.54  ? 1375 HOH A O   1 
HETATM 1212 O O   . HOH F 4 .   ? 10.311  14.743  -10.467 1.00 48.18  ? 1376 HOH A O   1 
HETATM 1213 O O   . HOH F 4 .   ? 14.546  0.145   3.520   1.00 41.83  ? 1377 HOH A O   1 
HETATM 1214 O O   . HOH F 4 .   ? -7.424  6.113   10.548  1.00 27.15  ? 1378 HOH A O   1 
HETATM 1215 O O   . HOH F 4 .   ? 11.241  -13.782 13.261  1.00 36.71  ? 1379 HOH A O   1 
HETATM 1216 O O   . HOH F 4 .   ? 1.163   1.288   -21.080 1.00 51.43  ? 1380 HOH A O   1 
HETATM 1217 O O   . HOH F 4 .   ? 13.706  3.892   -9.257  1.00 34.61  ? 1381 HOH A O   1 
HETATM 1218 O O   . HOH F 4 .   ? -5.680  -4.648  12.750  1.00 27.45  ? 1382 HOH A O   1 
HETATM 1219 O O   . HOH F 4 .   ? 6.085   14.294  -20.585 1.00 40.76  ? 1383 HOH A O   1 
HETATM 1220 O O   . HOH F 4 .   ? -4.789  1.507   15.761  1.00 48.26  ? 1384 HOH A O   1 
HETATM 1221 O O   . HOH F 4 .   ? -5.529  8.799   -5.094  1.00 28.28  ? 1385 HOH A O   1 
HETATM 1222 O O   . HOH F 4 .   ? 15.298  7.751   -3.238  1.00 43.09  ? 1386 HOH A O   1 
HETATM 1223 O O   . HOH F 4 .   ? 10.364  -16.365 7.190   1.00 36.79  ? 1387 HOH A O   1 
HETATM 1224 O O   . HOH F 4 .   ? -5.078  -3.519  19.922  1.00 51.67  ? 1388 HOH A O   1 
HETATM 1225 O O   . HOH F 4 .   ? -9.868  -1.083  -9.043  1.00 50.32  ? 1389 HOH A O   1 
HETATM 1226 O O   . HOH F 4 .   ? -9.586  -10.024 2.877   1.00 54.77  ? 1390 HOH A O   1 
HETATM 1227 O O   . HOH F 4 .   ? -10.105 1.723   -11.864 1.00 31.28  ? 1391 HOH A O   1 
HETATM 1228 O O   . HOH F 4 .   ? -3.189  -1.506  -14.459 1.00 45.73  ? 1392 HOH A O   1 
HETATM 1229 O O   . HOH F 4 .   ? 5.339   2.954   -23.175 1.00 35.22  ? 1393 HOH A O   1 
HETATM 1230 O O   . HOH F 4 .   ? -12.943 -0.145  11.017  1.00 56.25  ? 1394 HOH A O   1 
HETATM 1231 O O   . HOH F 4 .   ? -7.973  10.295  -5.537  1.00 29.85  ? 1395 HOH A O   1 
HETATM 1232 O O   . HOH F 4 .   ? -5.993  3.922   15.667  1.00 43.84  ? 1396 HOH A O   1 
HETATM 1233 O O   . HOH F 4 .   ? 7.870   -7.288  -6.799  1.00 49.79  ? 1397 HOH A O   1 
HETATM 1234 O O   . HOH F 4 .   ? 1.367   6.290   -26.296 1.00 37.41  ? 1398 HOH A O   1 
HETATM 1235 O O   . HOH F 4 .   ? 7.405   1.765   -20.630 1.00 70.14  ? 1399 HOH A O   1 
HETATM 1236 O O   . HOH F 4 .   ? -3.658  10.853  -18.435 1.00 48.96  ? 1400 HOH A O   1 
HETATM 1237 O O   . HOH F 4 .   ? -3.931  -7.516  -6.171  1.00 41.10  ? 1401 HOH A O   1 
HETATM 1238 O O   . HOH F 4 .   ? 7.843   13.892  -7.312  1.00 33.37  ? 1402 HOH A O   1 
HETATM 1239 O O   . HOH F 4 .   ? -10.635 6.168   5.823   1.00 52.09  ? 1403 HOH A O   1 
HETATM 1240 O O   . HOH F 4 .   ? -18.583 3.731   -12.027 1.00 50.50  ? 1404 HOH A O   1 
HETATM 1241 O O   . HOH F 4 .   ? 4.961   -0.007  -17.382 1.00 56.47  ? 1405 HOH A O   1 
HETATM 1242 O O   . HOH F 4 .   ? 2.016   7.663   4.723   1.00 39.38  ? 1406 HOH A O   1 
HETATM 1243 O O   . HOH F 4 .   ? -6.201  -23.222 7.007   1.00 58.15  ? 1407 HOH A O   1 
HETATM 1244 O O   . HOH F 4 .   ? -6.318  10.052  3.316   1.00 46.44  ? 1408 HOH A O   1 
HETATM 1245 O O   . HOH F 4 .   ? -6.097  7.782   -19.013 1.00 57.99  ? 1409 HOH A O   1 
HETATM 1246 O O   . HOH F 4 .   ? 6.891   14.755  -10.272 1.00 50.58  ? 1410 HOH A O   1 
HETATM 1247 O O   . HOH F 4 .   ? 2.014   10.689  -25.104 1.00 47.91  ? 1411 HOH A O   1 
HETATM 1248 O O   . HOH F 4 .   ? 9.224   12.445  -26.128 1.00 43.91  ? 1412 HOH A O   1 
HETATM 1249 O O   . HOH F 4 .   ? -8.668  -3.906  2.810   1.00 44.90  ? 1413 HOH A O   1 
HETATM 1250 O O   . HOH F 4 .   ? -16.430 -0.634  6.613   1.00 56.46  ? 1414 HOH A O   1 
HETATM 1251 O O   . HOH F 4 .   ? 0.468   -10.518 -2.371  1.00 54.74  ? 1415 HOH A O   1 
HETATM 1252 O O   . HOH F 4 .   ? -1.939  -9.359  -2.645  1.00 50.48  ? 1416 HOH A O   1 
HETATM 1253 O O   . HOH F 4 .   ? -8.890  13.668  -3.022  1.00 49.98  ? 1417 HOH A O   1 
HETATM 1254 O O   . HOH F 4 .   ? 5.458   9.748   6.735   1.00 48.41  ? 1418 HOH A O   1 
HETATM 1255 O O   . HOH F 4 .   ? 9.995   -18.791 8.633   1.00 57.16  ? 1419 HOH A O   1 
HETATM 1256 O O   . HOH F 4 .   ? 2.718   -7.482  -7.851  1.00 49.38  ? 1420 HOH A O   1 
HETATM 1257 O O   . HOH F 4 .   ? -8.769  -13.283 26.013  1.00 52.43  ? 1421 HOH A O   1 
HETATM 1258 O O   . HOH F 4 .   ? 12.052  -8.431  13.401  1.00 29.62  ? 1422 HOH A O   1 
HETATM 1259 O O   . HOH F 4 .   ? 9.270   2.932   -17.406 1.00 51.12  ? 1423 HOH A O   1 
HETATM 1260 O O   . HOH F 4 .   ? 8.736   -6.119  12.708  1.00 23.83  ? 1424 HOH A O   1 
HETATM 1261 O O   . HOH F 4 .   ? -11.236 0.362   14.591  1.00 58.69  ? 1425 HOH A O   1 
HETATM 1262 O O   . HOH F 4 .   ? 0.887   -13.981 20.251  1.00 50.27  ? 1426 HOH A O   1 
HETATM 1263 O O   . HOH F 4 .   ? 12.350  -11.408 10.823  1.00 56.47  ? 1427 HOH A O   1 
HETATM 1264 O O   . HOH F 4 .   ? -3.860  9.037   9.507   1.00 51.25  ? 1428 HOH A O   1 
HETATM 1265 O O   . HOH F 4 .   ? 17.091  3.566   -5.690  1.00 54.54  ? 1429 HOH A O   1 
HETATM 1266 O O   . HOH F 4 .   ? -0.052  9.603   6.678   1.00 47.38  ? 1430 HOH A O   1 
HETATM 1267 O O   . HOH F 4 .   ? 13.109  -3.237  -4.893  1.00 44.00  ? 1431 HOH A O   1 
HETATM 1268 O O   . HOH F 4 .   ? -17.099 -15.863 8.114   1.00 62.36  ? 1432 HOH A O   1 
HETATM 1269 O O   . HOH F 4 .   ? 14.308  2.738   4.264   1.00 54.50  ? 1433 HOH A O   1 
HETATM 1270 O O   . HOH F 4 .   ? 10.679  -9.118  -3.833  1.00 30.70  ? 1434 HOH A O   1 
HETATM 1271 O O   . HOH F 4 .   ? -2.762  0.124   -19.365 1.00 54.92  ? 1435 HOH A O   1 
HETATM 1272 O O   . HOH F 4 .   ? -3.257  -4.908  21.557  1.00 56.91  ? 1436 HOH A O   1 
HETATM 1273 O O   . HOH F 4 .   ? 9.722   9.313   12.132  1.00 53.99  ? 1437 HOH A O   1 
HETATM 1274 O O   . HOH F 4 .   ? -7.642  -6.063  14.120  1.00 29.72  ? 1438 HOH A O   1 
HETATM 1275 O O   . HOH F 4 .   ? -8.146  5.717   13.224  1.00 38.62  ? 1439 HOH A O   1 
HETATM 1276 O O   . HOH F 4 .   ? -9.033  -4.333  -3.185  1.00 53.45  ? 1440 HOH A O   1 
HETATM 1277 O O   . HOH F 4 .   ? -8.745  8.078   -1.465  1.00 40.28  ? 1441 HOH A O   1 
HETATM 1278 O O   . HOH F 4 .   ? 2.084   -11.132 -6.314  1.00 53.91  ? 1442 HOH A O   1 
HETATM 1279 O O   . HOH F 4 .   ? 13.624  1.180   -9.556  1.00 38.20  ? 1443 HOH A O   1 
HETATM 1280 O O   . HOH F 4 .   ? -12.443 -1.647  -9.762  1.00 51.27  ? 1444 HOH A O   1 
HETATM 1281 O O   . HOH F 4 .   ? 7.451   -13.097 2.875   1.00 46.40  ? 1445 HOH A O   1 
HETATM 1282 O O   . HOH F 4 .   ? 4.369   -20.182 5.385   1.00 49.90  ? 1446 HOH A O   1 
HETATM 1283 O O   . HOH F 4 .   ? -7.080  15.847  -2.358  1.00 53.69  ? 1447 HOH A O   1 
HETATM 1284 O O   . HOH F 4 .   ? -1.510  17.505  -3.305  1.00 58.24  ? 1448 HOH A O   1 
HETATM 1285 O O   . HOH F 4 .   ? 8.284   -3.420  12.172  1.00 24.37  ? 1449 HOH A O   1 
HETATM 1286 O O   . HOH F 4 .   ? 3.912   7.500   6.834   1.00 37.34  ? 1450 HOH A O   1 
HETATM 1287 O O   . HOH F 4 .   ? 8.468   -10.890 -3.291  1.00 39.56  ? 1451 HOH A O   1 
HETATM 1288 O O   . HOH F 4 .   ? -7.670  -2.651  -9.825  1.00 47.34  ? 1452 HOH A O   1 
HETATM 1289 O O   . HOH F 4 .   ? 14.805  -3.262  0.209   1.00 53.31  ? 1453 HOH A O   1 
HETATM 1290 O O   . HOH F 4 .   ? 2.824   13.190  -14.360 1.00 65.16  ? 1454 HOH A O   1 
HETATM 1291 O O   . HOH F 4 .   ? -13.463 7.062   -4.958  1.00 45.04  ? 1455 HOH A O   1 
HETATM 1292 O O   . HOH F 4 .   ? -3.713  3.977   -24.462 1.00 59.27  ? 1456 HOH A O   1 
HETATM 1293 O O   . HOH F 4 .   ? -1.047  9.148   11.434  1.00 53.63  ? 1457 HOH A O   1 
HETATM 1294 O O   . HOH F 4 .   ? 0.575   -17.244 25.400  1.00 74.72  ? 1458 HOH A O   1 
HETATM 1295 O O   . HOH F 4 .   ? 6.165   14.214  1.310   1.00 52.41  ? 1459 HOH A O   1 
HETATM 1296 O O   . HOH F 4 .   ? -13.175 -4.398  -8.519  1.00 48.63  ? 1460 HOH A O   1 
HETATM 1297 O O   . HOH F 4 .   ? -4.756  11.767  6.381   1.00 65.07  ? 1461 HOH A O   1 
HETATM 1298 O O   . HOH F 4 .   ? 3.418   11.834  4.023   1.00 42.48  ? 1462 HOH A O   1 
HETATM 1299 O O   . HOH F 4 .   ? 5.162   -14.566 4.029   1.00 49.55  ? 1463 HOH A O   1 
HETATM 1300 O O   . HOH F 4 .   ? -7.586  -5.005  -5.702  1.00 52.97  ? 1464 HOH A O   1 
HETATM 1301 O O   . HOH F 4 .   ? 15.056  6.896   1.429   1.00 62.10  ? 1465 HOH A O   1 
HETATM 1302 O O   . HOH F 4 .   ? 10.779  7.913   -20.840 1.00 33.89  ? 1466 HOH A O   1 
HETATM 1303 O O   . HOH F 4 .   ? 9.060   13.362  -0.510  1.00 48.91  ? 1467 HOH A O   1 
HETATM 1304 O O   . HOH F 4 .   ? -7.538  -7.537  23.457  1.00 47.04  ? 1468 HOH A O   1 
HETATM 1305 O O   . HOH F 4 .   ? -9.468  4.381   1.154   1.00 47.15  ? 1469 HOH A O   1 
HETATM 1306 O O   . HOH F 4 .   ? -2.616  -6.022  -9.696  1.00 61.37  ? 1470 HOH A O   1 
HETATM 1307 O O   . HOH F 4 .   ? -9.607  10.117  -3.391  1.00 53.77  ? 1471 HOH A O   1 
HETATM 1308 O O   . HOH F 4 .   ? -12.352 -10.566 10.226  1.00 60.69  ? 1472 HOH A O   1 
HETATM 1309 O O   . HOH F 4 .   ? 3.354   -12.366 1.919   1.00 63.84  ? 1473 HOH A O   1 
HETATM 1310 O O   . HOH F 4 .   ? -1.669  -3.616  -13.642 1.00 45.82  ? 1474 HOH A O   1 
HETATM 1311 O O   . HOH F 4 .   ? -12.431 -7.418  10.583  1.00 57.44  ? 1475 HOH A O   1 
HETATM 1312 O O   . HOH F 4 .   ? 13.625  1.146   1.085   1.00 41.80  ? 1476 HOH A O   1 
HETATM 1313 O O   . HOH F 4 .   ? 5.752   -9.441  -7.029  1.00 53.45  ? 1477 HOH A O   1 
HETATM 1314 O O   . HOH F 4 .   ? 1.338   9.535   9.016   1.00 52.03  ? 1478 HOH A O   1 
HETATM 1315 O O   . HOH F 4 .   ? -6.796  -7.156  -9.067  1.00 64.28  ? 1479 HOH A O   1 
HETATM 1316 O O   . HOH F 4 .   ? -20.692 10.007  -10.829 1.00 56.25  ? 1480 HOH A O   1 
HETATM 1317 O O   . HOH F 4 .   ? -6.145  -10.007 -13.749 1.00 57.54  ? 1481 HOH A O   1 
HETATM 1318 O O   . HOH F 4 .   ? 18.049  31.231  5.284   1.00 48.64  ? 1482 HOH A O   1 
# 
